data_1HXM
#
_entry.id   1HXM
#
_cell.length_a   74.048
_cell.length_b   151.736
_cell.length_c   97.873
_cell.angle_alpha   90.00
_cell.angle_beta   99.48
_cell.angle_gamma   90.00
#
_symmetry.space_group_name_H-M   'P 1 21 1'
#
loop_
_entity.id
_entity.type
_entity.pdbx_description
1 polymer 'GAMMA-DELTA T-CELL RECEPTOR'
2 polymer 'GAMMA-DELTA T-CELL RECEPTOR'
3 non-polymer 'SULFATE ION'
4 water water
#
loop_
_entity_poly.entity_id
_entity_poly.type
_entity_poly.pdbx_seq_one_letter_code
_entity_poly.pdbx_strand_id
1 'polypeptide(L)'
;AIELVPEHQTVPVSIGVPATLRCSMKGEAIGNYYINWYRKTQGNTMTFIYREKDIYGPGFKDNFQGDIDIAKNLAVLKIL
APSERDEGSYYCACDTLGMGGEYTDKLIFGKGTRVTVEPRSQPHTKPSVFVMKNGTNVACLVKEFYPKDIRINLVSSKKI
TEFDPAIVISPSGKYNAVKLGKYEDSNSVTCSVQHDNKTVHSTDFEVKTDSTDHVKPKETENTKQPSKS
;
A,C,E,G
2 'polypeptide(L)'
;AGHLEQPQISSTKTLSKTARLECVVSGITISATSVYWYRERPGEVIQFLVSISYDGTVRKESGIPSGKFEVDRIPETSTS
TLTIHNVEKQDIATYYCALWEAQQELGKKIKVFGPGTKLIITDKQLDADVSPKPTIFLPSIAETKLQKAGTYLCLLEKFF
PDVIKIHWEEKKSNTILGSQEGNTMKTNDTYMKFSWLTVPEKSLDKEHRCIVRHENNKNGVDQEIIFPPIKTDVITMDPK
DN
;
B,D,F,H
#
# COMPACT_ATOMS: atom_id res chain seq x y z
N ALA A 1 37.29 -47.09 0.00
CA ALA A 1 37.72 -47.15 -1.43
C ALA A 1 37.71 -45.77 -2.03
N ILE A 2 36.51 -45.20 -2.21
CA ILE A 2 36.38 -43.86 -2.76
C ILE A 2 36.19 -42.88 -1.62
N GLU A 3 36.82 -41.73 -1.71
CA GLU A 3 36.76 -40.73 -0.63
C GLU A 3 36.94 -39.31 -1.13
N LEU A 4 36.24 -38.35 -0.51
CA LEU A 4 36.36 -36.96 -0.89
C LEU A 4 37.04 -36.22 0.25
N VAL A 5 38.00 -35.37 -0.08
CA VAL A 5 38.73 -34.64 0.94
C VAL A 5 38.81 -33.16 0.63
N PRO A 6 38.26 -32.31 1.51
CA PRO A 6 38.30 -30.87 1.27
C PRO A 6 39.73 -30.35 1.34
N GLU A 7 39.99 -29.27 0.61
CA GLU A 7 41.32 -28.69 0.61
C GLU A 7 41.70 -28.26 2.02
N HIS A 8 40.87 -27.40 2.63
CA HIS A 8 41.14 -26.92 3.98
C HIS A 8 39.94 -27.16 4.89
N GLN A 9 40.20 -27.35 6.17
CA GLN A 9 39.12 -27.55 7.12
C GLN A 9 38.36 -26.23 7.27
N THR A 10 39.12 -25.17 7.52
CA THR A 10 38.55 -23.83 7.66
C THR A 10 39.11 -22.94 6.55
N VAL A 11 38.25 -22.10 5.99
CA VAL A 11 38.66 -21.20 4.95
C VAL A 11 38.04 -19.87 5.25
N PRO A 12 38.83 -18.93 5.78
CA PRO A 12 38.30 -17.61 6.11
C PRO A 12 38.17 -16.77 4.86
N VAL A 13 37.14 -15.93 4.84
CA VAL A 13 36.88 -15.07 3.70
C VAL A 13 36.41 -13.69 4.15
N SER A 14 36.57 -12.70 3.27
CA SER A 14 36.17 -11.34 3.58
C SER A 14 34.99 -10.97 2.71
N ILE A 15 34.07 -10.19 3.24
CA ILE A 15 32.91 -9.76 2.48
C ILE A 15 33.26 -9.14 1.13
N GLY A 16 32.49 -9.49 0.11
CA GLY A 16 32.71 -8.93 -1.21
C GLY A 16 33.95 -9.44 -1.93
N VAL A 17 34.80 -10.19 -1.23
CA VAL A 17 36.04 -10.71 -1.82
C VAL A 17 35.93 -12.15 -2.26
N PRO A 18 35.88 -12.40 -3.58
CA PRO A 18 35.79 -13.75 -4.15
C PRO A 18 36.72 -14.78 -3.51
N ALA A 19 36.17 -15.94 -3.19
CA ALA A 19 36.92 -17.03 -2.58
C ALA A 19 36.45 -18.34 -3.19
N THR A 20 37.33 -19.33 -3.24
CA THR A 20 36.96 -20.60 -3.82
C THR A 20 37.19 -21.76 -2.86
N LEU A 21 36.28 -22.73 -2.92
CA LEU A 21 36.36 -23.91 -2.07
C LEU A 21 36.67 -25.07 -3.01
N ARG A 22 37.62 -25.91 -2.62
CA ARG A 22 37.99 -27.05 -3.44
C ARG A 22 37.82 -28.33 -2.62
N CYS A 23 37.74 -29.45 -3.33
CA CYS A 23 37.54 -30.73 -2.68
C CYS A 23 37.98 -31.82 -3.67
N SER A 24 39.01 -32.56 -3.29
CA SER A 24 39.58 -33.61 -4.13
C SER A 24 39.04 -35.00 -3.85
N MET A 25 38.94 -35.81 -4.91
CA MET A 25 38.47 -37.19 -4.79
C MET A 25 39.71 -38.08 -4.80
N LYS A 26 39.81 -38.98 -3.83
CA LYS A 26 40.97 -39.86 -3.73
C LYS A 26 40.60 -41.33 -3.78
N GLY A 27 39.93 -41.71 -4.87
CA GLY A 27 39.51 -43.10 -5.05
C GLY A 27 39.45 -43.54 -6.51
N GLU A 28 38.67 -42.82 -7.33
CA GLU A 28 38.52 -43.12 -8.75
C GLU A 28 38.65 -41.85 -9.58
N ALA A 29 37.99 -41.84 -10.74
CA ALA A 29 38.02 -40.68 -11.64
C ALA A 29 36.83 -39.76 -11.40
N ILE A 30 37.12 -38.49 -11.18
CA ILE A 30 36.07 -37.51 -10.91
C ILE A 30 34.96 -37.52 -11.96
N GLY A 31 35.27 -37.99 -13.16
CA GLY A 31 34.29 -38.02 -14.23
C GLY A 31 33.16 -39.03 -14.14
N ASN A 32 33.42 -40.18 -13.53
CA ASN A 32 32.42 -41.23 -13.42
C ASN A 32 31.46 -40.94 -12.26
N TYR A 33 31.54 -39.72 -11.75
CA TYR A 33 30.70 -39.29 -10.64
C TYR A 33 30.18 -37.87 -10.85
N TYR A 34 28.94 -37.62 -10.42
CA TYR A 34 28.33 -36.29 -10.48
C TYR A 34 28.71 -35.61 -9.16
N ILE A 35 29.27 -34.42 -9.20
CA ILE A 35 29.62 -33.78 -7.94
C ILE A 35 28.54 -32.79 -7.51
N ASN A 36 28.26 -32.76 -6.21
CA ASN A 36 27.25 -31.86 -5.64
C ASN A 36 27.85 -31.07 -4.49
N TRP A 37 27.30 -29.88 -4.25
CA TRP A 37 27.75 -29.05 -3.14
C TRP A 37 26.55 -28.65 -2.27
N TYR A 38 26.70 -28.86 -0.97
CA TYR A 38 25.66 -28.52 -0.01
C TYR A 38 26.34 -27.67 1.06
N ARG A 39 25.54 -26.95 1.84
CA ARG A 39 26.13 -26.13 2.88
C ARG A 39 25.20 -26.04 4.06
N LYS A 40 25.77 -25.71 5.22
CA LYS A 40 25.01 -25.56 6.44
C LYS A 40 25.34 -24.19 7.01
N THR A 41 24.34 -23.32 7.08
CA THR A 41 24.53 -21.97 7.62
C THR A 41 23.54 -21.79 8.76
N GLN A 42 23.71 -20.74 9.56
CA GLN A 42 22.79 -20.53 10.67
C GLN A 42 21.40 -20.31 10.06
N GLY A 43 20.41 -20.95 10.66
CA GLY A 43 19.06 -20.83 10.14
C GLY A 43 18.77 -21.96 9.18
N ASN A 44 19.29 -21.84 7.96
CA ASN A 44 19.08 -22.87 6.95
C ASN A 44 20.13 -23.98 7.01
N THR A 45 19.66 -25.22 7.23
CA THR A 45 20.54 -26.37 7.36
C THR A 45 20.55 -27.33 6.18
N MET A 46 21.75 -27.77 5.80
CA MET A 46 21.96 -28.69 4.70
C MET A 46 21.14 -28.30 3.48
N THR A 47 21.53 -27.20 2.84
CA THR A 47 20.83 -26.72 1.65
C THR A 47 21.62 -27.12 0.40
N PHE A 48 20.90 -27.36 -0.69
CA PHE A 48 21.52 -27.76 -1.95
C PHE A 48 22.09 -26.54 -2.67
N ILE A 49 23.34 -26.61 -3.12
CA ILE A 49 23.94 -25.48 -3.81
C ILE A 49 24.16 -25.76 -5.30
N TYR A 50 24.91 -26.82 -5.59
CA TYR A 50 25.21 -27.12 -6.98
C TYR A 50 25.28 -28.61 -7.29
N ARG A 51 24.91 -28.96 -8.52
CA ARG A 51 24.99 -30.33 -8.97
C ARG A 51 25.53 -30.31 -10.41
N GLU A 52 26.53 -31.14 -10.66
CA GLU A 52 27.19 -31.27 -11.96
C GLU A 52 26.48 -30.63 -13.15
N LYS A 53 27.19 -29.69 -13.77
CA LYS A 53 26.72 -28.94 -14.95
C LYS A 53 25.53 -28.01 -14.73
N ASP A 54 25.84 -26.75 -14.49
CA ASP A 54 24.86 -25.68 -14.30
C ASP A 54 23.65 -25.86 -13.39
N ILE A 55 23.57 -26.91 -12.57
CA ILE A 55 22.39 -27.03 -11.72
C ILE A 55 22.55 -26.33 -10.36
N TYR A 56 21.76 -25.29 -10.18
CA TYR A 56 21.82 -24.48 -8.97
C TYR A 56 20.53 -24.48 -8.17
N GLY A 57 20.66 -24.23 -6.89
CA GLY A 57 19.48 -24.19 -6.06
C GLY A 57 18.94 -22.79 -6.13
N PRO A 58 17.70 -22.55 -5.70
CA PRO A 58 17.11 -21.21 -5.76
C PRO A 58 18.01 -20.15 -5.13
N GLY A 59 18.47 -19.20 -5.95
CA GLY A 59 19.29 -18.13 -5.44
C GLY A 59 20.77 -18.42 -5.27
N PHE A 60 21.28 -19.47 -5.88
CA PHE A 60 22.70 -19.76 -5.75
C PHE A 60 23.47 -19.52 -7.02
N LYS A 61 22.76 -19.40 -8.15
CA LYS A 61 23.44 -19.19 -9.43
C LYS A 61 24.08 -17.81 -9.51
N ASP A 62 23.43 -16.82 -8.93
CA ASP A 62 23.93 -15.46 -8.93
C ASP A 62 25.24 -15.30 -8.16
N ASN A 63 25.27 -15.78 -6.91
CA ASN A 63 26.45 -15.66 -6.06
C ASN A 63 27.49 -16.78 -6.16
N PHE A 64 27.07 -18.01 -6.46
CA PHE A 64 28.01 -19.12 -6.53
C PHE A 64 28.27 -19.64 -7.95
N GLN A 65 29.36 -20.39 -8.11
CA GLN A 65 29.71 -20.96 -9.41
C GLN A 65 30.49 -22.27 -9.25
N GLY A 66 29.83 -23.38 -9.57
CA GLY A 66 30.47 -24.68 -9.45
C GLY A 66 31.23 -25.04 -10.71
N ASP A 67 32.18 -25.96 -10.58
CA ASP A 67 32.96 -26.39 -11.73
C ASP A 67 33.82 -27.57 -11.31
N ILE A 68 34.34 -28.31 -12.28
CA ILE A 68 35.19 -29.45 -11.99
C ILE A 68 36.50 -29.34 -12.75
N ASP A 69 37.58 -29.70 -12.09
CA ASP A 69 38.92 -29.65 -12.68
C ASP A 69 39.36 -31.10 -12.89
N ILE A 70 38.78 -31.73 -13.92
CA ILE A 70 39.06 -33.13 -14.26
C ILE A 70 40.55 -33.41 -14.30
N ALA A 71 41.33 -32.37 -14.57
CA ALA A 71 42.78 -32.51 -14.61
C ALA A 71 43.26 -33.33 -13.42
N LYS A 72 42.88 -32.89 -12.22
CA LYS A 72 43.27 -33.60 -11.01
C LYS A 72 42.06 -33.89 -10.12
N ASN A 73 41.06 -34.56 -10.70
CA ASN A 73 39.82 -34.93 -10.02
C ASN A 73 39.45 -33.99 -8.87
N LEU A 74 39.32 -32.71 -9.20
CA LEU A 74 38.97 -31.72 -8.19
C LEU A 74 37.57 -31.19 -8.38
N ALA A 75 36.88 -30.96 -7.27
CA ALA A 75 35.55 -30.40 -7.33
C ALA A 75 35.69 -28.98 -6.76
N VAL A 76 35.27 -27.97 -7.51
CA VAL A 76 35.41 -26.62 -7.03
C VAL A 76 34.11 -25.85 -7.00
N LEU A 77 34.03 -24.94 -6.05
CA LEU A 77 32.87 -24.08 -5.87
C LEU A 77 33.44 -22.71 -5.54
N LYS A 78 33.18 -21.74 -6.41
CA LYS A 78 33.68 -20.38 -6.18
C LYS A 78 32.59 -19.51 -5.61
N ILE A 79 32.90 -18.79 -4.54
CA ILE A 79 31.96 -17.89 -3.94
C ILE A 79 32.41 -16.54 -4.49
N LEU A 80 31.53 -15.89 -5.25
CA LEU A 80 31.87 -14.61 -5.86
C LEU A 80 31.80 -13.44 -4.89
N ALA A 81 30.65 -13.25 -4.25
CA ALA A 81 30.49 -12.13 -3.32
C ALA A 81 30.04 -12.58 -1.95
N PRO A 82 30.98 -13.04 -1.12
CA PRO A 82 30.67 -13.51 0.22
C PRO A 82 29.90 -12.49 1.03
N SER A 83 29.07 -12.96 1.94
CA SER A 83 28.31 -12.09 2.81
C SER A 83 28.09 -12.84 4.10
N GLU A 84 27.39 -12.23 5.04
CA GLU A 84 27.14 -12.87 6.32
C GLU A 84 26.45 -14.20 6.07
N ARG A 85 25.39 -14.17 5.29
CA ARG A 85 24.62 -15.36 4.99
C ARG A 85 25.44 -16.53 4.44
N ASP A 86 26.67 -16.28 4.00
CA ASP A 86 27.48 -17.37 3.43
C ASP A 86 28.40 -18.08 4.42
N GLU A 87 28.37 -17.66 5.68
CA GLU A 87 29.20 -18.31 6.71
C GLU A 87 28.57 -19.60 7.16
N GLY A 88 29.35 -20.67 7.12
CA GLY A 88 28.83 -21.96 7.53
C GLY A 88 29.75 -23.05 7.06
N SER A 89 29.24 -24.27 6.98
CA SER A 89 30.04 -25.39 6.52
C SER A 89 29.63 -25.73 5.08
N TYR A 90 30.60 -26.14 4.27
CA TYR A 90 30.31 -26.51 2.90
C TYR A 90 30.73 -27.95 2.62
N TYR A 91 29.81 -28.73 2.06
CA TYR A 91 30.08 -30.13 1.83
C TYR A 91 30.04 -30.54 0.38
N CYS A 92 30.98 -31.41 -0.02
CA CYS A 92 31.04 -31.91 -1.39
C CYS A 92 30.62 -33.37 -1.37
N ALA A 93 29.71 -33.71 -2.26
CA ALA A 93 29.22 -35.07 -2.33
C ALA A 93 29.16 -35.53 -3.79
N CYS A 94 29.46 -36.81 -4.02
CA CYS A 94 29.45 -37.34 -5.36
C CYS A 94 28.52 -38.55 -5.45
N ASP A 95 28.37 -39.10 -6.65
CA ASP A 95 27.53 -40.27 -6.84
C ASP A 95 27.74 -40.89 -8.23
N THR A 96 27.31 -42.13 -8.38
CA THR A 96 27.42 -42.87 -9.63
C THR A 96 26.43 -42.41 -10.69
N LEU A 97 26.69 -42.81 -11.93
CA LEU A 97 25.83 -42.44 -13.05
C LEU A 97 25.34 -43.65 -13.87
N GLY A 98 24.16 -44.15 -13.51
CA GLY A 98 23.56 -45.27 -14.22
C GLY A 98 24.37 -46.55 -14.39
N MET A 99 24.62 -47.24 -13.28
CA MET A 99 25.38 -48.49 -13.31
C MET A 99 24.51 -49.64 -13.86
N GLY A 100 25.17 -50.70 -14.32
CA GLY A 100 24.45 -51.83 -14.90
C GLY A 100 23.83 -52.83 -13.92
N GLY A 101 22.90 -52.36 -13.10
CA GLY A 101 22.25 -53.21 -12.14
C GLY A 101 21.27 -52.45 -11.27
N GLU A 102 21.11 -52.90 -10.04
CA GLU A 102 20.21 -52.25 -9.10
C GLU A 102 20.97 -51.26 -8.20
N TYR A 103 21.93 -50.56 -8.79
CA TYR A 103 22.77 -49.60 -8.06
C TYR A 103 22.01 -48.68 -7.10
N THR A 104 22.72 -48.12 -6.12
CA THR A 104 22.12 -47.21 -5.13
C THR A 104 22.41 -45.75 -5.47
N ASP A 105 21.34 -44.95 -5.51
CA ASP A 105 21.44 -43.52 -5.78
C ASP A 105 21.88 -42.78 -4.51
N LYS A 106 22.80 -43.37 -3.75
CA LYS A 106 23.30 -42.76 -2.52
C LYS A 106 24.51 -41.88 -2.80
N LEU A 107 24.63 -40.80 -2.06
CA LEU A 107 25.75 -39.88 -2.25
C LEU A 107 26.83 -40.23 -1.26
N ILE A 108 28.07 -39.90 -1.62
CA ILE A 108 29.22 -40.10 -0.73
C ILE A 108 29.70 -38.71 -0.39
N PHE A 109 29.82 -38.41 0.89
CA PHE A 109 30.22 -37.08 1.35
C PHE A 109 31.68 -36.96 1.74
N GLY A 110 32.15 -35.74 1.81
CA GLY A 110 33.51 -35.49 2.23
C GLY A 110 33.33 -34.75 3.53
N LYS A 111 34.37 -34.61 4.36
CA LYS A 111 34.19 -33.86 5.58
C LYS A 111 33.96 -32.41 5.16
N GLY A 112 33.23 -31.66 5.96
CA GLY A 112 32.98 -30.28 5.59
C GLY A 112 34.14 -29.34 5.78
N THR A 113 34.06 -28.20 5.11
CA THR A 113 35.07 -27.16 5.23
C THR A 113 34.27 -25.94 5.69
N ARG A 114 34.64 -25.41 6.85
CA ARG A 114 33.94 -24.27 7.46
C ARG A 114 34.46 -22.95 6.96
N VAL A 115 33.57 -22.08 6.48
CA VAL A 115 34.02 -20.78 6.00
C VAL A 115 33.51 -19.74 6.97
N THR A 116 34.40 -18.82 7.36
CA THR A 116 34.06 -17.76 8.28
C THR A 116 34.18 -16.40 7.60
N VAL A 117 33.12 -15.62 7.70
CA VAL A 117 33.05 -14.32 7.07
C VAL A 117 33.32 -13.17 8.02
N GLU A 118 34.27 -12.33 7.64
CA GLU A 118 34.66 -11.13 8.41
C GLU A 118 34.65 -9.95 7.46
N PRO A 119 34.22 -8.77 7.96
CA PRO A 119 34.17 -7.55 7.16
C PRO A 119 35.50 -7.30 6.44
N ARG A 120 35.45 -6.59 5.32
CA ARG A 120 36.66 -6.28 4.56
C ARG A 120 37.38 -5.05 5.09
N SER A 121 38.70 -5.04 4.96
CA SER A 121 39.51 -3.92 5.45
C SER A 121 38.94 -2.57 5.05
N GLN A 122 38.44 -1.83 6.03
CA GLN A 122 37.84 -0.52 5.77
C GLN A 122 38.31 0.52 6.79
N PRO A 123 37.74 1.72 6.73
CA PRO A 123 38.18 2.72 7.70
C PRO A 123 37.44 2.51 9.02
N HIS A 124 38.07 2.86 10.12
CA HIS A 124 37.49 2.72 11.44
C HIS A 124 36.18 3.45 11.60
N THR A 125 35.42 3.06 12.62
CA THR A 125 34.14 3.66 12.92
C THR A 125 33.82 3.60 14.41
N LYS A 126 33.60 4.76 15.01
CA LYS A 126 33.25 4.82 16.41
C LYS A 126 31.83 4.25 16.49
N PRO A 127 31.59 3.34 17.45
CA PRO A 127 30.25 2.75 17.57
C PRO A 127 29.26 3.54 18.38
N SER A 128 28.00 3.13 18.29
CA SER A 128 26.89 3.74 19.03
C SER A 128 26.65 2.74 20.13
N VAL A 129 26.14 3.17 21.29
CA VAL A 129 25.90 2.22 22.35
C VAL A 129 24.57 2.42 23.04
N PHE A 130 23.76 1.38 23.03
CA PHE A 130 22.45 1.44 23.66
C PHE A 130 22.31 0.31 24.64
N VAL A 131 21.33 0.42 25.54
CA VAL A 131 21.12 -0.59 26.55
C VAL A 131 19.65 -0.82 26.85
N MET A 132 19.21 -2.07 26.71
CA MET A 132 17.82 -2.43 26.98
C MET A 132 17.75 -3.31 28.22
N LYS A 133 16.67 -3.20 28.98
CA LYS A 133 16.56 -3.99 30.21
C LYS A 133 15.24 -4.73 30.39
N ASN A 134 15.21 -5.50 31.49
CA ASN A 134 14.05 -6.29 31.90
C ASN A 134 14.34 -6.97 33.25
N GLY A 135 14.22 -6.20 34.33
CA GLY A 135 14.45 -6.72 35.67
C GLY A 135 15.73 -7.51 35.84
N THR A 136 16.75 -6.82 36.33
CA THR A 136 18.08 -7.40 36.57
C THR A 136 18.73 -7.79 35.25
N ASN A 137 17.92 -7.95 34.21
CA ASN A 137 18.45 -8.30 32.92
C ASN A 137 18.80 -7.05 32.16
N VAL A 138 20.08 -6.88 31.88
CA VAL A 138 20.51 -5.72 31.12
C VAL A 138 21.37 -6.19 29.97
N ALA A 139 21.16 -5.61 28.79
CA ALA A 139 21.93 -6.00 27.61
C ALA A 139 22.47 -4.78 26.92
N CYS A 140 23.77 -4.79 26.63
CA CYS A 140 24.42 -3.69 25.96
C CYS A 140 24.38 -3.94 24.47
N LEU A 141 24.02 -2.93 23.68
CA LEU A 141 23.94 -3.10 22.24
C LEU A 141 24.85 -2.14 21.48
N VAL A 142 26.00 -2.64 21.06
CA VAL A 142 26.96 -1.82 20.35
C VAL A 142 26.70 -1.90 18.84
N LYS A 143 26.36 -0.78 18.22
CA LYS A 143 26.06 -0.75 16.77
C LYS A 143 27.10 -0.06 15.87
N GLU A 144 27.37 -0.68 14.73
CA GLU A 144 28.26 -0.15 13.71
C GLU A 144 29.67 0.31 14.12
N PHE A 145 30.62 -0.60 14.14
CA PHE A 145 31.98 -0.24 14.50
C PHE A 145 33.00 -1.14 13.83
N TYR A 146 34.21 -0.61 13.70
CA TYR A 146 35.32 -1.34 13.07
C TYR A 146 36.58 -0.71 13.64
N PRO A 147 37.62 -1.50 13.89
CA PRO A 147 37.74 -2.95 13.72
C PRO A 147 36.99 -3.84 14.72
N LYS A 148 37.37 -5.12 14.74
CA LYS A 148 36.73 -6.10 15.60
C LYS A 148 37.05 -5.92 17.07
N ASP A 149 38.33 -5.77 17.42
CA ASP A 149 38.72 -5.63 18.82
C ASP A 149 37.94 -4.55 19.57
N ILE A 150 37.21 -4.97 20.61
CA ILE A 150 36.41 -4.05 21.42
C ILE A 150 36.20 -4.64 22.82
N ARG A 151 35.96 -3.78 23.80
CA ARG A 151 35.74 -4.18 25.18
C ARG A 151 34.40 -3.59 25.61
N ILE A 152 33.50 -4.44 26.10
CA ILE A 152 32.20 -3.98 26.49
C ILE A 152 31.96 -4.08 27.99
N ASN A 153 31.63 -2.96 28.62
CA ASN A 153 31.41 -2.94 30.05
C ASN A 153 30.04 -2.48 30.49
N LEU A 154 29.38 -3.28 31.31
CA LEU A 154 28.08 -2.89 31.83
C LEU A 154 28.40 -2.36 33.22
N VAL A 155 28.42 -1.05 33.36
CA VAL A 155 28.74 -0.43 34.64
C VAL A 155 27.74 -0.87 35.69
N SER A 156 28.24 -1.49 36.75
CA SER A 156 27.36 -1.96 37.80
C SER A 156 28.09 -2.21 39.09
N SER A 157 27.44 -1.84 40.19
CA SER A 157 28.01 -2.02 41.51
C SER A 157 27.83 -3.48 41.92
N LYS A 158 26.57 -3.92 41.91
CA LYS A 158 26.25 -5.29 42.27
C LYS A 158 25.84 -6.10 41.04
N LYS A 159 26.71 -7.02 40.58
CA LYS A 159 26.36 -7.84 39.41
C LYS A 159 26.22 -9.32 39.74
N ILE A 160 25.14 -9.91 39.24
CA ILE A 160 24.84 -11.32 39.45
C ILE A 160 25.71 -12.19 38.54
N THR A 161 25.51 -12.08 37.23
CA THR A 161 26.33 -12.84 36.26
C THR A 161 26.43 -12.10 34.95
N GLU A 162 27.49 -12.41 34.19
CA GLU A 162 27.69 -11.81 32.88
C GLU A 162 28.01 -12.87 31.84
N PHE A 163 27.41 -12.77 30.66
CA PHE A 163 27.62 -13.77 29.62
C PHE A 163 28.55 -13.28 28.51
N ASP A 164 29.15 -14.23 27.81
CA ASP A 164 30.06 -13.92 26.72
C ASP A 164 29.35 -13.03 25.71
N PRO A 165 30.03 -11.98 25.23
CA PRO A 165 29.39 -11.11 24.24
C PRO A 165 29.39 -11.76 22.87
N ALA A 166 28.73 -11.12 21.93
CA ALA A 166 28.67 -11.66 20.57
C ALA A 166 29.00 -10.55 19.59
N ILE A 167 29.99 -10.80 18.75
CA ILE A 167 30.37 -9.82 17.75
C ILE A 167 29.86 -10.39 16.45
N VAL A 168 29.12 -9.58 15.71
CA VAL A 168 28.52 -10.00 14.45
C VAL A 168 28.73 -8.98 13.33
N ILE A 169 28.63 -9.43 12.08
CA ILE A 169 28.78 -8.52 10.96
C ILE A 169 27.50 -7.76 10.76
N SER A 170 27.60 -6.45 10.58
CA SER A 170 26.41 -5.62 10.39
C SER A 170 25.97 -5.56 8.93
N PRO A 171 24.74 -5.07 8.69
CA PRO A 171 24.24 -4.97 7.32
C PRO A 171 25.15 -4.07 6.50
N SER A 172 25.77 -3.10 7.17
CA SER A 172 26.67 -2.15 6.53
C SER A 172 28.05 -2.77 6.30
N GLY A 173 28.18 -4.06 6.59
CA GLY A 173 29.46 -4.72 6.40
C GLY A 173 30.46 -4.42 7.50
N LYS A 174 29.97 -3.86 8.61
CA LYS A 174 30.83 -3.54 9.74
C LYS A 174 30.60 -4.54 10.87
N TYR A 175 30.44 -4.06 12.10
CA TYR A 175 30.22 -4.96 13.23
C TYR A 175 29.16 -4.43 14.18
N ASN A 176 28.53 -5.36 14.90
CA ASN A 176 27.54 -5.04 15.93
C ASN A 176 27.88 -6.00 17.04
N ALA A 177 27.37 -5.75 18.24
CA ALA A 177 27.69 -6.65 19.35
C ALA A 177 26.69 -6.51 20.45
N VAL A 178 26.56 -7.57 21.23
CA VAL A 178 25.61 -7.58 22.31
C VAL A 178 26.25 -8.29 23.47
N LYS A 179 25.98 -7.80 24.68
CA LYS A 179 26.49 -8.41 25.89
C LYS A 179 25.37 -8.40 26.92
N LEU A 180 25.10 -9.57 27.49
CA LEU A 180 24.04 -9.70 28.48
C LEU A 180 24.56 -10.02 29.86
N GLY A 181 23.87 -9.51 30.87
CA GLY A 181 24.27 -9.79 32.23
C GLY A 181 23.09 -9.61 33.15
N LYS A 182 23.21 -10.12 34.37
CA LYS A 182 22.16 -10.01 35.37
C LYS A 182 22.71 -9.10 36.47
N TYR A 183 21.94 -8.07 36.83
CA TYR A 183 22.40 -7.11 37.82
C TYR A 183 21.34 -6.65 38.83
N GLU A 184 21.74 -6.55 40.09
CA GLU A 184 20.84 -6.09 41.17
C GLU A 184 20.35 -4.68 40.90
N ASP A 185 21.29 -3.75 40.71
CA ASP A 185 20.98 -2.33 40.44
C ASP A 185 20.71 -2.09 38.96
N SER A 186 20.12 -3.08 38.31
CA SER A 186 19.82 -3.00 36.90
C SER A 186 19.20 -1.69 36.43
N ASN A 187 18.38 -1.07 37.26
CA ASN A 187 17.72 0.17 36.89
C ASN A 187 18.68 1.33 36.61
N SER A 188 19.85 1.29 37.25
CA SER A 188 20.85 2.34 37.07
C SER A 188 21.95 1.94 36.10
N VAL A 189 22.15 0.64 35.93
CA VAL A 189 23.18 0.12 35.04
C VAL A 189 23.26 0.82 33.69
N THR A 190 24.49 1.06 33.24
CA THR A 190 24.74 1.68 31.94
C THR A 190 25.87 0.92 31.26
N CYS A 191 26.07 1.20 29.98
CA CYS A 191 27.10 0.50 29.25
C CYS A 191 28.16 1.44 28.68
N SER A 192 29.41 1.08 28.91
CA SER A 192 30.53 1.86 28.41
C SER A 192 31.42 0.94 27.58
N VAL A 193 31.84 1.44 26.42
CA VAL A 193 32.67 0.66 25.53
C VAL A 193 34.03 1.28 25.26
N GLN A 194 35.03 0.41 25.05
CA GLN A 194 36.37 0.88 24.75
C GLN A 194 36.65 0.41 23.34
N HIS A 195 36.77 1.34 22.39
CA HIS A 195 37.01 0.94 21.02
C HIS A 195 37.88 1.93 20.24
N ASP A 196 38.91 1.40 19.58
CA ASP A 196 39.83 2.20 18.78
C ASP A 196 40.39 3.32 19.66
N ASN A 197 40.78 2.93 20.88
CA ASN A 197 41.35 3.85 21.85
C ASN A 197 40.36 4.93 22.33
N LYS A 198 39.09 4.76 21.98
CA LYS A 198 38.09 5.73 22.40
C LYS A 198 37.19 5.11 23.47
N THR A 199 36.35 5.95 24.08
CA THR A 199 35.42 5.46 25.10
C THR A 199 34.05 6.01 24.81
N VAL A 200 33.12 5.12 24.48
CA VAL A 200 31.76 5.51 24.17
C VAL A 200 30.82 5.07 25.29
N HIS A 201 29.90 5.94 25.69
CA HIS A 201 28.98 5.61 26.76
C HIS A 201 27.55 5.50 26.26
N SER A 202 26.75 4.72 26.97
CA SER A 202 25.35 4.55 26.62
C SER A 202 24.68 5.90 26.84
N THR A 203 25.19 6.63 27.85
CA THR A 203 24.69 7.94 28.23
C THR A 203 25.09 9.02 27.25
N ASP A 204 26.02 8.71 26.36
CA ASP A 204 26.45 9.68 25.35
C ASP A 204 25.34 9.88 24.34
N PHE A 205 24.22 9.19 24.55
CA PHE A 205 23.10 9.26 23.63
C PHE A 205 21.76 9.55 24.31
N GLU A 206 21.81 10.13 25.51
CA GLU A 206 20.59 10.44 26.26
C GLU A 206 20.59 11.90 26.76
N ALA B 1 10.74 -27.57 -5.37
CA ALA B 1 9.48 -26.95 -4.88
C ALA B 1 9.16 -27.45 -3.48
N GLY B 2 9.15 -28.78 -3.34
CA GLY B 2 8.86 -29.39 -2.06
C GLY B 2 10.05 -29.38 -1.13
N HIS B 3 9.88 -29.93 0.06
CA HIS B 3 10.95 -29.96 1.05
C HIS B 3 10.65 -31.02 2.10
N LEU B 4 11.68 -31.42 2.84
CA LEU B 4 11.53 -32.43 3.87
C LEU B 4 11.54 -31.78 5.26
N GLU B 5 10.69 -32.24 6.18
CA GLU B 5 10.70 -31.69 7.52
C GLU B 5 11.03 -32.77 8.55
N GLN B 6 11.83 -32.39 9.56
CA GLN B 6 12.23 -33.27 10.63
C GLN B 6 11.99 -32.44 11.90
N PRO B 7 10.75 -32.40 12.38
CA PRO B 7 10.31 -31.66 13.56
C PRO B 7 11.19 -31.84 14.81
N GLN B 8 11.64 -33.06 15.02
CA GLN B 8 12.46 -33.34 16.17
C GLN B 8 13.81 -32.69 16.03
N ILE B 9 14.02 -31.54 16.66
CA ILE B 9 15.33 -30.88 16.57
C ILE B 9 16.37 -31.86 17.12
N SER B 10 15.97 -32.59 18.15
CA SER B 10 16.83 -33.57 18.77
C SER B 10 15.94 -34.53 19.51
N SER B 11 16.45 -35.73 19.77
CA SER B 11 15.71 -36.75 20.48
C SER B 11 16.64 -37.28 21.54
N THR B 12 16.32 -37.03 22.79
CA THR B 12 17.15 -37.48 23.88
C THR B 12 16.61 -38.81 24.40
N LYS B 13 17.49 -39.80 24.54
CA LYS B 13 17.08 -41.11 25.03
C LYS B 13 18.15 -41.69 25.94
N THR B 14 17.76 -42.54 26.87
CA THR B 14 18.72 -43.15 27.78
C THR B 14 19.11 -44.51 27.21
N LEU B 15 20.29 -44.99 27.55
CA LEU B 15 20.76 -46.27 27.02
C LEU B 15 19.72 -47.38 26.97
N SER B 16 19.88 -48.28 26.00
CA SER B 16 19.03 -49.44 25.82
C SER B 16 17.65 -49.12 25.31
N LYS B 17 17.26 -47.85 25.37
CA LYS B 17 15.94 -47.48 24.89
C LYS B 17 15.88 -47.47 23.37
N THR B 18 14.70 -47.26 22.81
CA THR B 18 14.57 -47.28 21.35
C THR B 18 14.04 -45.95 20.80
N ALA B 19 14.79 -45.33 19.90
CA ALA B 19 14.38 -44.04 19.33
C ALA B 19 13.67 -44.15 18.00
N ARG B 20 12.82 -43.16 17.74
CA ARG B 20 12.04 -43.09 16.50
C ARG B 20 12.11 -41.68 15.96
N LEU B 21 12.86 -41.51 14.88
CA LEU B 21 13.04 -40.21 14.25
C LEU B 21 12.15 -40.13 13.03
N GLU B 22 11.33 -39.07 12.92
CA GLU B 22 10.43 -38.88 11.79
C GLU B 22 10.91 -37.91 10.72
N CYS B 23 10.37 -38.08 9.51
CA CYS B 23 10.68 -37.25 8.34
C CYS B 23 9.38 -37.11 7.61
N VAL B 24 8.89 -35.89 7.43
CA VAL B 24 7.63 -35.69 6.74
C VAL B 24 7.93 -34.92 5.47
N VAL B 25 7.69 -35.53 4.33
CA VAL B 25 7.95 -34.85 3.08
C VAL B 25 6.71 -34.09 2.67
N SER B 26 6.89 -32.94 2.01
CA SER B 26 5.76 -32.14 1.56
C SER B 26 6.10 -31.40 0.29
N GLY B 27 5.16 -31.39 -0.66
CA GLY B 27 5.41 -30.68 -1.90
C GLY B 27 6.10 -31.59 -2.89
N ILE B 28 6.50 -32.77 -2.43
CA ILE B 28 7.16 -33.75 -3.27
C ILE B 28 6.39 -35.06 -3.26
N THR B 29 6.19 -35.63 -4.44
CA THR B 29 5.44 -36.89 -4.56
C THR B 29 6.26 -38.07 -4.04
N ILE B 30 5.83 -38.61 -2.91
CA ILE B 30 6.50 -39.73 -2.26
C ILE B 30 6.55 -40.96 -3.18
N SER B 31 5.39 -41.58 -3.40
CA SER B 31 5.29 -42.79 -4.24
C SER B 31 5.89 -42.63 -5.63
N ALA B 32 7.12 -43.13 -5.79
CA ALA B 32 7.85 -43.05 -7.04
C ALA B 32 9.33 -43.24 -6.73
N THR B 33 9.87 -42.35 -5.91
CA THR B 33 11.28 -42.43 -5.50
C THR B 33 11.35 -42.85 -4.04
N SER B 34 12.53 -43.27 -3.61
CA SER B 34 12.72 -43.71 -2.25
C SER B 34 13.15 -42.63 -1.25
N VAL B 35 12.86 -42.90 0.01
CA VAL B 35 13.23 -42.04 1.12
C VAL B 35 14.54 -42.59 1.67
N TYR B 36 15.56 -41.74 1.75
CA TYR B 36 16.88 -42.14 2.26
C TYR B 36 17.13 -41.63 3.68
N TRP B 37 18.03 -42.28 4.41
CA TRP B 37 18.40 -41.85 5.77
C TRP B 37 19.91 -41.84 5.95
N TYR B 38 20.48 -40.67 6.22
CA TYR B 38 21.93 -40.55 6.40
C TYR B 38 22.28 -40.32 7.85
N ARG B 39 23.44 -40.80 8.26
CA ARG B 39 23.89 -40.66 9.65
C ARG B 39 25.23 -39.93 9.74
N GLU B 40 25.27 -38.87 10.54
CA GLU B 40 26.50 -38.10 10.69
C GLU B 40 27.05 -38.21 12.11
N ARG B 41 27.90 -39.21 12.33
CA ARG B 41 28.52 -39.48 13.63
C ARG B 41 29.36 -38.27 13.99
N PRO B 42 29.61 -38.04 15.28
CA PRO B 42 30.43 -36.88 15.61
C PRO B 42 31.86 -37.13 15.15
N GLY B 43 32.44 -36.14 14.49
CA GLY B 43 33.80 -36.30 14.00
C GLY B 43 33.81 -36.94 12.62
N GLU B 44 32.80 -37.75 12.32
CA GLU B 44 32.73 -38.43 11.02
C GLU B 44 32.13 -37.59 9.90
N VAL B 45 32.05 -38.22 8.72
CA VAL B 45 31.49 -37.58 7.53
C VAL B 45 30.05 -38.10 7.37
N ILE B 46 29.19 -37.33 6.73
CA ILE B 46 27.82 -37.77 6.53
C ILE B 46 27.85 -39.06 5.73
N GLN B 47 27.11 -40.08 6.17
CA GLN B 47 27.14 -41.35 5.46
C GLN B 47 25.77 -42.02 5.34
N PHE B 48 25.59 -42.80 4.28
CA PHE B 48 24.35 -43.51 4.03
C PHE B 48 24.08 -44.48 5.14
N LEU B 49 22.81 -44.59 5.56
CA LEU B 49 22.44 -45.51 6.62
C LEU B 49 21.51 -46.57 6.08
N VAL B 50 20.28 -46.18 5.76
CA VAL B 50 19.28 -47.08 5.21
C VAL B 50 18.39 -46.30 4.28
N SER B 51 17.58 -47.02 3.50
CA SER B 51 16.63 -46.38 2.59
C SER B 51 15.50 -47.33 2.27
N ILE B 52 14.31 -46.79 2.07
CA ILE B 52 13.19 -47.62 1.75
C ILE B 52 12.60 -47.20 0.41
N SER B 53 12.59 -48.12 -0.55
CA SER B 53 12.07 -47.85 -1.90
C SER B 53 10.56 -47.71 -1.93
N TYR B 54 10.00 -47.57 -3.13
CA TYR B 54 8.55 -47.43 -3.25
C TYR B 54 7.88 -48.79 -3.11
N ASP B 55 8.47 -49.81 -3.72
CA ASP B 55 7.89 -51.14 -3.62
C ASP B 55 7.81 -51.58 -2.16
N GLY B 56 8.83 -51.24 -1.39
CA GLY B 56 8.81 -51.62 0.02
C GLY B 56 10.09 -52.29 0.49
N THR B 57 11.02 -52.54 -0.43
CA THR B 57 12.30 -53.15 -0.08
C THR B 57 13.09 -52.13 0.71
N VAL B 58 14.06 -52.61 1.46
CA VAL B 58 14.85 -51.72 2.29
C VAL B 58 16.29 -52.12 2.24
N ARG B 59 17.17 -51.20 1.88
CA ARG B 59 18.58 -51.51 1.84
C ARG B 59 19.30 -50.76 2.93
N LYS B 60 20.32 -51.40 3.51
CA LYS B 60 21.12 -50.78 4.56
C LYS B 60 22.58 -50.74 4.13
N GLU B 61 23.31 -49.72 4.58
CA GLU B 61 24.72 -49.57 4.24
C GLU B 61 25.52 -50.80 4.61
N SER B 62 26.68 -50.96 3.99
CA SER B 62 27.53 -52.09 4.30
C SER B 62 27.94 -51.99 5.74
N GLY B 63 27.94 -53.13 6.44
CA GLY B 63 28.36 -53.15 7.83
C GLY B 63 27.28 -52.93 8.88
N ILE B 64 26.17 -52.33 8.49
CA ILE B 64 25.10 -52.10 9.44
C ILE B 64 24.74 -53.45 10.05
N PRO B 65 24.82 -53.55 11.39
CA PRO B 65 24.50 -54.79 12.11
C PRO B 65 23.03 -55.22 11.99
N SER B 66 22.73 -56.43 12.43
CA SER B 66 21.38 -56.95 12.34
C SER B 66 20.42 -56.42 13.41
N GLY B 67 19.15 -56.33 13.04
CA GLY B 67 18.13 -55.85 13.95
C GLY B 67 18.45 -54.58 14.71
N LYS B 68 19.08 -53.62 14.05
CA LYS B 68 19.41 -52.36 14.70
C LYS B 68 18.49 -51.25 14.23
N PHE B 69 18.37 -51.13 12.90
CA PHE B 69 17.55 -50.08 12.32
C PHE B 69 16.31 -50.55 11.59
N GLU B 70 15.32 -49.67 11.50
CA GLU B 70 14.08 -49.99 10.79
C GLU B 70 13.53 -48.75 10.11
N VAL B 71 13.01 -48.92 8.89
CA VAL B 71 12.46 -47.80 8.14
C VAL B 71 11.10 -48.12 7.59
N ASP B 72 10.28 -47.10 7.45
CA ASP B 72 8.96 -47.31 6.87
C ASP B 72 8.52 -46.04 6.17
N ARG B 73 7.46 -46.13 5.38
CA ARG B 73 6.96 -44.94 4.72
C ARG B 73 5.46 -44.91 4.51
N ILE B 74 4.77 -44.29 5.45
CA ILE B 74 3.33 -44.14 5.40
C ILE B 74 3.06 -43.01 4.40
N PRO B 75 2.59 -43.35 3.19
CA PRO B 75 2.31 -42.31 2.20
C PRO B 75 1.08 -41.46 2.50
N GLU B 76 0.08 -42.03 3.18
CA GLU B 76 -1.12 -41.28 3.52
C GLU B 76 -0.74 -40.03 4.31
N THR B 77 0.11 -40.18 5.30
CA THR B 77 0.55 -39.06 6.12
C THR B 77 1.93 -38.59 5.73
N SER B 78 2.29 -38.78 4.47
CA SER B 78 3.60 -38.35 3.97
C SER B 78 4.73 -38.33 4.98
N THR B 79 5.02 -39.47 5.58
CA THR B 79 6.09 -39.50 6.54
C THR B 79 6.83 -40.83 6.60
N SER B 80 8.14 -40.73 6.82
CA SER B 80 9.00 -41.89 6.95
C SER B 80 9.59 -41.84 8.33
N THR B 81 9.76 -43.01 8.94
CA THR B 81 10.30 -43.08 10.30
C THR B 81 11.47 -44.00 10.49
N LEU B 82 12.59 -43.46 10.95
CA LEU B 82 13.76 -44.28 11.19
C LEU B 82 13.68 -44.73 12.64
N THR B 83 13.74 -46.04 12.88
CA THR B 83 13.67 -46.57 14.23
C THR B 83 15.03 -47.09 14.64
N ILE B 84 15.50 -46.68 15.80
CA ILE B 84 16.78 -47.15 16.26
C ILE B 84 16.58 -47.93 17.54
N HIS B 85 16.78 -49.24 17.46
CA HIS B 85 16.63 -50.13 18.60
C HIS B 85 17.87 -50.14 19.47
N ASN B 86 17.67 -50.52 20.72
CA ASN B 86 18.75 -50.61 21.71
C ASN B 86 19.79 -49.52 21.51
N VAL B 87 19.33 -48.29 21.54
CA VAL B 87 20.19 -47.13 21.35
C VAL B 87 21.38 -47.19 22.29
N GLU B 88 22.52 -46.68 21.85
CA GLU B 88 23.70 -46.68 22.70
C GLU B 88 24.56 -45.45 22.39
N LYS B 89 25.64 -45.28 23.15
CA LYS B 89 26.48 -44.12 22.95
C LYS B 89 26.98 -43.96 21.53
N GLN B 90 27.38 -45.05 20.88
CA GLN B 90 27.89 -44.94 19.52
C GLN B 90 26.80 -44.61 18.49
N ASP B 91 25.58 -44.38 18.99
CA ASP B 91 24.43 -44.04 18.13
C ASP B 91 24.20 -42.56 18.14
N ILE B 92 25.00 -41.86 18.94
CA ILE B 92 24.88 -40.42 19.04
C ILE B 92 25.40 -39.88 17.75
N ALA B 93 24.56 -39.15 17.05
CA ALA B 93 24.92 -38.56 15.77
C ALA B 93 23.73 -37.80 15.26
N THR B 94 23.91 -37.13 14.13
CA THR B 94 22.82 -36.38 13.52
C THR B 94 22.29 -37.25 12.38
N TYR B 95 20.98 -37.48 12.37
CA TYR B 95 20.33 -38.30 11.35
C TYR B 95 19.58 -37.40 10.38
N TYR B 96 19.83 -37.60 9.09
CA TYR B 96 19.22 -36.81 8.04
C TYR B 96 18.36 -37.66 7.11
N CYS B 97 17.26 -37.13 6.63
CA CYS B 97 16.48 -37.89 5.69
C CYS B 97 16.58 -37.13 4.40
N ALA B 98 16.60 -37.82 3.27
CA ALA B 98 16.73 -37.16 2.00
C ALA B 98 16.08 -37.94 0.90
N LEU B 99 15.77 -37.25 -0.20
CA LEU B 99 15.18 -37.92 -1.32
C LEU B 99 15.48 -37.14 -2.58
N TRP B 100 15.24 -37.79 -3.72
CA TRP B 100 15.48 -37.20 -5.02
C TRP B 100 14.22 -36.54 -5.52
N GLU B 101 14.32 -35.23 -5.75
CA GLU B 101 13.22 -34.40 -6.22
C GLU B 101 13.37 -34.17 -7.69
N ALA B 102 12.32 -34.53 -8.43
CA ALA B 102 12.30 -34.36 -9.86
C ALA B 102 12.20 -32.87 -10.17
N GLN B 103 12.77 -32.45 -11.29
CA GLN B 103 12.71 -31.05 -11.68
C GLN B 103 11.79 -30.87 -12.89
N GLN B 104 12.36 -31.05 -14.08
CA GLN B 104 11.60 -30.92 -15.31
C GLN B 104 11.58 -32.23 -16.08
N GLU B 105 12.76 -32.68 -16.48
CA GLU B 105 12.90 -33.91 -17.27
C GLU B 105 13.78 -34.95 -16.58
N LEU B 106 14.13 -36.01 -17.31
CA LEU B 106 15.02 -37.04 -16.79
C LEU B 106 16.43 -36.50 -17.05
N GLY B 107 17.30 -36.61 -16.05
CA GLY B 107 18.65 -36.10 -16.22
C GLY B 107 18.70 -34.69 -15.64
N LYS B 108 17.74 -34.42 -14.76
CA LYS B 108 17.63 -33.14 -14.10
C LYS B 108 17.01 -33.38 -12.73
N LYS B 109 17.74 -34.06 -11.85
CA LYS B 109 17.23 -34.35 -10.51
C LYS B 109 18.12 -33.74 -9.41
N ILE B 110 17.50 -33.40 -8.28
CA ILE B 110 18.22 -32.81 -7.16
C ILE B 110 17.95 -33.62 -5.90
N LYS B 111 18.95 -33.82 -5.05
CA LYS B 111 18.75 -34.57 -3.83
C LYS B 111 18.51 -33.63 -2.66
N VAL B 112 17.27 -33.65 -2.18
CA VAL B 112 16.84 -32.79 -1.11
C VAL B 112 17.02 -33.42 0.27
N PHE B 113 17.57 -32.66 1.22
CA PHE B 113 17.77 -33.16 2.56
C PHE B 113 16.90 -32.49 3.59
N GLY B 114 16.61 -33.19 4.66
CA GLY B 114 15.83 -32.62 5.74
C GLY B 114 16.83 -31.89 6.62
N PRO B 115 16.38 -31.13 7.64
CA PRO B 115 17.31 -30.39 8.50
C PRO B 115 18.16 -31.24 9.40
N GLY B 116 17.69 -32.45 9.67
CA GLY B 116 18.41 -33.36 10.55
C GLY B 116 17.88 -33.37 11.97
N THR B 117 18.06 -34.49 12.66
CA THR B 117 17.62 -34.64 14.05
C THR B 117 18.82 -35.12 14.81
N LYS B 118 19.10 -34.54 15.97
CA LYS B 118 20.25 -34.98 16.71
C LYS B 118 19.82 -35.95 17.78
N LEU B 119 20.44 -37.13 17.79
CA LEU B 119 20.13 -38.14 18.79
C LEU B 119 21.07 -37.98 19.96
N ILE B 120 20.51 -37.66 21.12
CA ILE B 120 21.30 -37.47 22.30
C ILE B 120 21.05 -38.62 23.28
N ILE B 121 22.11 -39.26 23.73
CA ILE B 121 22.02 -40.38 24.65
C ILE B 121 22.65 -40.10 26.01
N THR B 122 21.82 -39.99 27.05
CA THR B 122 22.30 -39.72 28.39
C THR B 122 22.14 -40.95 29.26
N ASP B 123 22.82 -40.96 30.42
CA ASP B 123 22.77 -42.09 31.34
C ASP B 123 21.50 -42.18 32.18
N LYS B 124 21.09 -41.05 32.77
CA LYS B 124 19.90 -41.04 33.62
C LYS B 124 18.78 -40.18 33.09
N GLN B 125 17.54 -40.50 33.48
CA GLN B 125 16.39 -39.72 33.05
C GLN B 125 16.42 -38.37 33.76
N LEU B 126 15.98 -37.33 33.07
CA LEU B 126 15.99 -36.01 33.67
C LEU B 126 14.67 -35.72 34.37
N ASP B 127 14.75 -35.25 35.60
CA ASP B 127 13.56 -34.92 36.35
C ASP B 127 13.61 -33.47 36.81
N ALA B 128 13.19 -32.59 35.91
CA ALA B 128 13.16 -31.16 36.17
C ALA B 128 12.64 -30.51 34.90
N ASP B 129 12.24 -29.24 34.98
CA ASP B 129 11.75 -28.53 33.79
C ASP B 129 12.97 -28.06 33.04
N VAL B 130 13.02 -28.39 31.76
CA VAL B 130 14.17 -28.05 30.97
C VAL B 130 13.85 -27.20 29.76
N SER B 131 12.60 -26.81 29.63
CA SER B 131 12.16 -25.99 28.53
C SER B 131 12.87 -24.65 28.60
N PRO B 132 13.18 -24.07 27.44
CA PRO B 132 13.86 -22.77 27.44
C PRO B 132 12.95 -21.74 28.11
N LYS B 133 13.50 -20.96 29.02
CA LYS B 133 12.74 -19.92 29.69
C LYS B 133 13.06 -18.60 28.98
N PRO B 134 12.04 -17.96 28.39
CA PRO B 134 12.19 -16.70 27.64
C PRO B 134 12.32 -15.43 28.46
N THR B 135 12.78 -14.38 27.79
CA THR B 135 12.92 -13.07 28.42
C THR B 135 12.89 -12.01 27.34
N ILE B 136 11.87 -11.14 27.41
CA ILE B 136 11.68 -10.07 26.43
C ILE B 136 12.56 -8.88 26.68
N PHE B 137 13.04 -8.27 25.60
CA PHE B 137 13.90 -7.09 25.64
C PHE B 137 13.42 -6.13 24.56
N LEU B 138 12.79 -5.03 24.97
CA LEU B 138 12.32 -4.05 23.99
C LEU B 138 13.44 -3.05 23.70
N PRO B 139 13.49 -2.52 22.47
CA PRO B 139 14.53 -1.55 22.09
C PRO B 139 14.68 -0.39 23.07
N SER B 140 15.83 0.28 23.03
CA SER B 140 16.03 1.42 23.91
C SER B 140 15.45 2.60 23.17
N ILE B 141 14.75 3.46 23.90
CA ILE B 141 14.13 4.63 23.29
C ILE B 141 15.12 5.32 22.37
N ALA B 142 16.28 5.63 22.94
CA ALA B 142 17.35 6.30 22.21
C ALA B 142 17.60 5.71 20.81
N GLU B 143 17.63 4.39 20.71
CA GLU B 143 17.91 3.77 19.43
C GLU B 143 16.92 4.15 18.34
N THR B 144 15.67 4.30 18.72
CA THR B 144 14.65 4.63 17.73
C THR B 144 14.91 5.99 17.07
N LYS B 145 15.86 6.75 17.60
CA LYS B 145 16.24 8.04 17.03
C LYS B 145 17.57 7.89 16.28
N LEU B 146 18.08 6.67 16.21
CA LEU B 146 19.35 6.41 15.52
C LEU B 146 19.02 6.30 14.04
N GLN B 147 18.90 5.06 13.57
CA GLN B 147 18.56 4.81 12.19
C GLN B 147 17.04 4.72 12.23
N LYS B 148 16.47 5.29 13.28
CA LYS B 148 15.03 5.27 13.47
C LYS B 148 14.59 3.81 13.39
N ALA B 149 15.40 2.95 13.98
CA ALA B 149 15.14 1.52 14.01
C ALA B 149 14.94 1.08 15.45
N GLY B 150 14.68 -0.21 15.61
CA GLY B 150 14.48 -0.78 16.94
C GLY B 150 15.10 -2.17 16.95
N THR B 151 15.66 -2.57 18.08
CA THR B 151 16.27 -3.90 18.15
C THR B 151 15.72 -4.72 19.29
N TYR B 152 15.03 -5.81 18.95
CA TYR B 152 14.44 -6.71 19.94
C TYR B 152 15.50 -7.74 20.31
N LEU B 153 15.36 -8.33 21.50
CA LEU B 153 16.28 -9.36 21.95
C LEU B 153 15.59 -10.38 22.86
N CYS B 154 15.48 -11.64 22.44
CA CYS B 154 14.88 -12.64 23.31
C CYS B 154 15.97 -13.55 23.85
N LEU B 155 15.97 -13.68 25.16
CA LEU B 155 16.93 -14.47 25.89
C LEU B 155 16.29 -15.77 26.33
N LEU B 156 16.92 -16.89 26.00
CA LEU B 156 16.43 -18.21 26.39
C LEU B 156 17.48 -18.87 27.26
N GLU B 157 17.10 -19.27 28.47
CA GLU B 157 18.06 -19.91 29.34
C GLU B 157 17.47 -21.07 30.13
N LYS B 158 18.36 -21.84 30.76
CA LYS B 158 18.00 -23.00 31.57
C LYS B 158 17.39 -24.16 30.79
N PHE B 159 17.72 -24.30 29.50
CA PHE B 159 17.20 -25.42 28.72
C PHE B 159 18.30 -26.46 28.59
N PHE B 160 17.94 -27.73 28.48
CA PHE B 160 18.97 -28.75 28.44
C PHE B 160 19.61 -29.32 27.21
N PRO B 161 18.86 -30.03 26.37
CA PRO B 161 19.57 -30.58 25.22
C PRO B 161 20.58 -29.65 24.55
N ASP B 162 20.39 -28.34 24.66
CA ASP B 162 21.34 -27.37 24.08
C ASP B 162 21.19 -27.22 22.58
N VAL B 163 20.55 -28.21 21.97
CA VAL B 163 20.28 -28.20 20.56
C VAL B 163 19.05 -27.33 20.51
N ILE B 164 19.17 -26.11 19.97
CA ILE B 164 18.01 -25.22 19.90
C ILE B 164 18.01 -24.44 18.56
N LYS B 165 16.84 -23.89 18.20
CA LYS B 165 16.69 -23.12 16.97
C LYS B 165 15.79 -21.91 17.21
N ILE B 166 16.31 -20.72 16.89
CA ILE B 166 15.56 -19.48 17.09
C ILE B 166 15.49 -18.68 15.80
N HIS B 167 14.29 -18.19 15.47
CA HIS B 167 14.10 -17.37 14.27
C HIS B 167 12.94 -16.40 14.56
N TRP B 168 12.83 -15.33 13.76
CA TRP B 168 11.76 -14.35 13.98
C TRP B 168 10.73 -14.25 12.87
N GLU B 169 9.65 -13.54 13.17
CA GLU B 169 8.57 -13.38 12.21
C GLU B 169 7.66 -12.20 12.49
N GLU B 170 6.94 -11.80 11.45
CA GLU B 170 5.97 -10.73 11.55
C GLU B 170 4.75 -11.45 12.12
N LYS B 171 4.13 -10.88 13.15
CA LYS B 171 2.98 -11.53 13.78
C LYS B 171 2.04 -12.16 12.76
N LYS B 172 1.44 -11.33 11.91
CA LYS B 172 0.50 -11.80 10.90
C LYS B 172 1.21 -12.48 9.73
N SER B 173 1.84 -11.69 8.87
CA SER B 173 2.56 -12.26 7.74
C SER B 173 3.77 -13.02 8.26
N ASN B 174 3.59 -14.30 8.58
CA ASN B 174 4.68 -15.10 9.11
C ASN B 174 5.70 -15.65 8.10
N THR B 175 6.65 -14.80 7.72
CA THR B 175 7.73 -15.16 6.79
C THR B 175 9.06 -14.78 7.44
N ILE B 176 9.88 -15.79 7.71
CA ILE B 176 11.19 -15.64 8.33
C ILE B 176 11.94 -14.40 7.86
N LEU B 177 12.63 -13.73 8.77
CA LEU B 177 13.39 -12.52 8.43
C LEU B 177 14.89 -12.73 8.27
N GLY B 178 15.69 -11.91 8.96
CA GLY B 178 17.12 -12.01 8.88
C GLY B 178 17.77 -11.46 10.14
N SER B 179 17.74 -12.26 11.20
CA SER B 179 18.30 -11.85 12.49
C SER B 179 19.66 -12.48 12.76
N GLN B 180 20.20 -12.15 13.93
CA GLN B 180 21.50 -12.66 14.36
C GLN B 180 21.41 -13.15 15.80
N GLU B 181 22.29 -14.07 16.16
CA GLU B 181 22.30 -14.64 17.51
C GLU B 181 23.71 -14.91 17.97
N GLY B 182 23.88 -15.06 19.27
CA GLY B 182 25.20 -15.35 19.81
C GLY B 182 25.32 -16.85 19.95
N ASN B 183 26.50 -17.33 20.34
CA ASN B 183 26.68 -18.77 20.51
C ASN B 183 25.93 -19.28 21.74
N THR B 184 25.52 -20.54 21.70
CA THR B 184 24.81 -21.14 22.83
C THR B 184 25.82 -21.33 23.94
N MET B 185 25.49 -20.90 25.15
CA MET B 185 26.41 -21.01 26.26
C MET B 185 25.97 -22.01 27.31
N LYS B 186 26.92 -22.75 27.89
CA LYS B 186 26.59 -23.71 28.93
C LYS B 186 26.58 -22.96 30.24
N THR B 187 25.70 -23.38 31.14
CA THR B 187 25.57 -22.75 32.43
C THR B 187 25.22 -23.80 33.47
N ASN B 188 26.22 -24.56 33.91
CA ASN B 188 26.00 -25.61 34.91
C ASN B 188 24.96 -26.61 34.42
N ASP B 189 25.40 -27.55 33.58
CA ASP B 189 24.52 -28.57 33.00
C ASP B 189 23.15 -28.09 32.55
N THR B 190 23.13 -26.93 31.90
CA THR B 190 21.93 -26.32 31.32
C THR B 190 22.51 -25.22 30.45
N TYR B 191 21.80 -24.78 29.43
CA TYR B 191 22.36 -23.77 28.53
C TYR B 191 21.48 -22.56 28.30
N MET B 192 22.04 -21.54 27.66
CA MET B 192 21.33 -20.29 27.35
C MET B 192 21.73 -19.84 25.98
N LYS B 193 20.96 -18.93 25.41
CA LYS B 193 21.25 -18.43 24.06
C LYS B 193 20.39 -17.22 23.79
N PHE B 194 20.88 -16.24 23.04
CA PHE B 194 20.01 -15.10 22.76
C PHE B 194 20.03 -14.71 21.30
N SER B 195 18.91 -14.15 20.85
CA SER B 195 18.76 -13.76 19.47
C SER B 195 18.23 -12.34 19.44
N TRP B 196 18.72 -11.53 18.52
CA TRP B 196 18.22 -10.16 18.45
C TRP B 196 17.93 -9.78 17.00
N LEU B 197 16.98 -8.87 16.83
CA LEU B 197 16.56 -8.42 15.52
C LEU B 197 16.36 -6.92 15.51
N THR B 198 16.90 -6.26 14.49
CA THR B 198 16.77 -4.81 14.38
C THR B 198 15.79 -4.49 13.25
N VAL B 199 14.58 -4.09 13.65
CA VAL B 199 13.51 -3.77 12.71
C VAL B 199 13.63 -2.35 12.17
N PRO B 200 13.47 -2.20 10.84
CA PRO B 200 13.58 -0.88 10.21
C PRO B 200 12.44 0.06 10.56
N GLU B 201 12.65 1.33 10.27
CA GLU B 201 11.68 2.41 10.52
C GLU B 201 10.23 1.96 10.31
N LYS B 202 9.95 1.37 9.16
CA LYS B 202 8.62 0.91 8.80
C LYS B 202 7.94 -0.01 9.82
N SER B 203 8.48 -1.22 9.96
CA SER B 203 7.96 -2.26 10.84
C SER B 203 7.75 -1.94 12.33
N LEU B 204 8.18 -0.76 12.79
CA LEU B 204 8.03 -0.41 14.20
C LEU B 204 6.62 -0.58 14.78
N ASP B 205 5.60 -0.35 13.95
CA ASP B 205 4.20 -0.47 14.36
C ASP B 205 3.67 -1.91 14.45
N LYS B 206 4.20 -2.77 13.58
CA LYS B 206 3.80 -4.17 13.51
C LYS B 206 4.12 -4.91 14.82
N GLU B 207 3.70 -6.17 14.88
CA GLU B 207 4.00 -7.00 16.04
C GLU B 207 5.03 -8.00 15.53
N HIS B 208 5.83 -8.55 16.43
CA HIS B 208 6.85 -9.51 16.04
C HIS B 208 6.88 -10.70 16.98
N ARG B 209 7.42 -11.81 16.50
CA ARG B 209 7.49 -13.01 17.31
C ARG B 209 8.84 -13.72 17.29
N CYS B 210 9.26 -14.14 18.47
CA CYS B 210 10.51 -14.90 18.67
C CYS B 210 10.03 -16.35 18.82
N ILE B 211 10.29 -17.16 17.80
CA ILE B 211 9.87 -18.56 17.79
C ILE B 211 11.01 -19.52 18.12
N VAL B 212 10.83 -20.26 19.22
CA VAL B 212 11.83 -21.21 19.70
C VAL B 212 11.47 -22.67 19.49
N ARG B 213 12.33 -23.40 18.80
CA ARG B 213 12.10 -24.81 18.54
C ARG B 213 13.05 -25.59 19.44
N HIS B 214 12.53 -26.36 20.38
CA HIS B 214 13.39 -27.09 21.29
C HIS B 214 12.79 -28.42 21.71
N GLU B 215 13.61 -29.45 21.84
CA GLU B 215 13.08 -30.76 22.19
C GLU B 215 12.17 -30.76 23.42
N ASN B 216 12.40 -29.83 24.34
CA ASN B 216 11.60 -29.85 25.54
C ASN B 216 10.67 -28.69 25.83
N ASN B 217 10.24 -27.97 24.80
CA ASN B 217 9.30 -26.88 25.03
C ASN B 217 8.07 -27.51 25.64
N LYS B 218 7.26 -26.72 26.32
CA LYS B 218 6.05 -27.27 26.92
C LYS B 218 5.17 -27.82 25.80
N ASN B 219 4.57 -28.98 26.04
CA ASN B 219 3.67 -29.60 25.07
C ASN B 219 4.33 -30.17 23.81
N GLY B 220 5.64 -30.01 23.71
CA GLY B 220 6.35 -30.54 22.57
C GLY B 220 6.18 -29.76 21.28
N VAL B 221 5.75 -28.50 21.40
CA VAL B 221 5.56 -27.66 20.22
C VAL B 221 6.40 -26.39 20.29
N ASP B 222 6.64 -25.77 19.14
CA ASP B 222 7.42 -24.55 19.08
C ASP B 222 6.88 -23.57 20.12
N GLN B 223 7.79 -22.79 20.69
CA GLN B 223 7.40 -21.78 21.67
C GLN B 223 7.30 -20.50 20.88
N GLU B 224 6.17 -19.83 21.00
CA GLU B 224 5.96 -18.58 20.27
C GLU B 224 6.01 -17.43 21.27
N ILE B 225 7.11 -16.68 21.21
CA ILE B 225 7.32 -15.55 22.10
C ILE B 225 6.83 -14.26 21.46
N ILE B 226 5.87 -13.63 22.11
CA ILE B 226 5.25 -12.41 21.59
C ILE B 226 5.93 -11.12 21.97
N PHE B 227 6.37 -10.41 20.94
CA PHE B 227 7.03 -9.13 21.11
C PHE B 227 6.11 -7.97 20.75
N PRO B 228 5.71 -7.15 21.75
CA PRO B 228 4.85 -6.00 21.52
C PRO B 228 5.31 -5.14 20.35
N PRO B 229 4.43 -4.27 19.82
CA PRO B 229 4.77 -3.41 18.69
C PRO B 229 5.69 -2.26 19.11
N ILE B 230 5.11 -1.06 19.18
CA ILE B 230 5.86 0.13 19.59
C ILE B 230 7.10 0.38 18.72
N ALA C 1 30.94 -6.99 -38.49
CA ALA C 1 31.28 -6.92 -39.95
C ALA C 1 31.23 -5.48 -40.45
N ILE C 2 30.01 -4.92 -40.51
CA ILE C 2 29.82 -3.55 -40.94
C ILE C 2 29.70 -2.68 -39.70
N GLU C 3 30.31 -1.49 -39.74
CA GLU C 3 30.28 -0.60 -38.58
C GLU C 3 30.44 0.86 -38.96
N LEU C 4 29.77 1.76 -38.24
CA LEU C 4 29.86 3.19 -38.50
C LEU C 4 30.59 3.83 -37.34
N VAL C 5 31.54 4.71 -37.64
CA VAL C 5 32.31 5.37 -36.60
C VAL C 5 32.35 6.86 -36.82
N PRO C 6 31.85 7.63 -35.85
CA PRO C 6 31.86 9.10 -35.98
C PRO C 6 33.29 9.63 -35.92
N GLU C 7 33.52 10.76 -36.57
CA GLU C 7 34.84 11.37 -36.59
C GLU C 7 35.30 11.71 -35.17
N HIS C 8 34.50 12.48 -34.45
CA HIS C 8 34.84 12.86 -33.08
C HIS C 8 33.70 12.52 -32.14
N GLN C 9 34.03 12.23 -30.89
CA GLN C 9 32.99 11.94 -29.90
C GLN C 9 32.25 13.24 -29.61
N THR C 10 33.02 14.29 -29.34
CA THR C 10 32.44 15.59 -29.05
C THR C 10 32.93 16.55 -30.11
N VAL C 11 32.05 17.45 -30.53
CA VAL C 11 32.39 18.44 -31.54
C VAL C 11 31.76 19.73 -31.08
N PRO C 12 32.57 20.63 -30.51
CA PRO C 12 32.05 21.92 -30.03
C PRO C 12 31.83 22.86 -31.21
N VAL C 13 30.80 23.69 -31.10
CA VAL C 13 30.45 24.64 -32.14
C VAL C 13 30.00 25.97 -31.55
N SER C 14 30.12 27.02 -32.35
CA SER C 14 29.71 28.36 -31.93
C SER C 14 28.48 28.78 -32.71
N ILE C 15 27.58 29.51 -32.05
CA ILE C 15 26.37 29.94 -32.72
C ILE C 15 26.67 30.67 -34.03
N GLY C 16 25.83 30.42 -35.04
CA GLY C 16 25.98 31.08 -36.32
C GLY C 16 27.17 30.67 -37.15
N VAL C 17 28.05 29.85 -36.56
CA VAL C 17 29.26 29.41 -37.25
C VAL C 17 29.15 28.00 -37.80
N PRO C 18 29.00 27.87 -39.13
CA PRO C 18 28.87 26.56 -39.79
C PRO C 18 29.85 25.50 -39.30
N ALA C 19 29.32 24.31 -39.05
CA ALA C 19 30.14 23.18 -38.59
C ALA C 19 29.66 21.92 -39.28
N THR C 20 30.55 20.97 -39.48
CA THR C 20 30.16 19.72 -40.13
C THR C 20 30.46 18.49 -39.28
N LEU C 21 29.55 17.51 -39.35
CA LEU C 21 29.69 16.28 -38.61
C LEU C 21 29.95 15.21 -39.65
N ARG C 22 30.92 14.34 -39.38
CA ARG C 22 31.25 13.27 -40.30
C ARG C 22 31.14 11.94 -39.59
N CYS C 23 31.05 10.87 -40.37
CA CYS C 23 30.89 9.54 -39.82
C CYS C 23 31.29 8.54 -40.90
N SER C 24 32.34 7.77 -40.65
CA SER C 24 32.86 6.80 -41.62
C SER C 24 32.37 5.36 -41.44
N MET C 25 32.34 4.58 -42.52
CA MET C 25 31.91 3.18 -42.42
C MET C 25 33.15 2.30 -42.39
N LYS C 26 32.99 1.02 -42.08
CA LYS C 26 34.11 0.07 -42.02
C LYS C 26 33.71 -1.36 -42.38
N GLY C 27 34.54 -1.99 -43.22
CA GLY C 27 34.29 -3.37 -43.63
C GLY C 27 33.32 -3.54 -44.79
N GLU C 28 33.06 -2.45 -45.52
CA GLU C 28 32.14 -2.48 -46.65
C GLU C 28 32.08 -1.09 -47.28
N ALA C 29 31.42 -0.98 -48.43
CA ALA C 29 31.31 0.31 -49.10
C ALA C 29 30.02 0.96 -48.64
N ILE C 30 29.94 2.28 -48.82
CA ILE C 30 28.73 3.01 -48.42
C ILE C 30 27.77 3.17 -49.60
N GLY C 31 27.92 2.28 -50.58
CA GLY C 31 27.05 2.30 -51.75
C GLY C 31 26.00 1.20 -51.61
N ASN C 32 26.39 0.11 -50.98
CA ASN C 32 25.48 -1.02 -50.77
C ASN C 32 24.47 -0.60 -49.71
N TYR C 33 24.75 0.50 -49.02
CA TYR C 33 23.88 0.98 -47.96
C TYR C 33 23.35 2.41 -48.14
N TYR C 34 22.26 2.70 -47.44
CA TYR C 34 21.65 4.03 -47.47
C TYR C 34 22.25 4.76 -46.27
N ILE C 35 21.97 6.04 -46.13
CA ILE C 35 22.52 6.80 -45.01
C ILE C 35 21.45 7.67 -44.35
N ASN C 36 21.46 7.71 -43.02
CA ASN C 36 20.46 8.51 -42.30
C ASN C 36 21.12 9.22 -41.14
N TRP C 37 20.56 10.37 -40.76
CA TRP C 37 21.05 11.14 -39.62
C TRP C 37 19.93 11.44 -38.65
N TYR C 38 20.16 11.14 -37.38
CA TYR C 38 19.17 11.38 -36.33
C TYR C 38 19.88 12.17 -35.24
N ARG C 39 19.13 12.82 -34.35
CA ARG C 39 19.76 13.56 -33.29
C ARG C 39 18.92 13.54 -32.04
N LYS C 40 19.57 13.76 -30.91
CA LYS C 40 18.89 13.80 -29.63
C LYS C 40 19.25 15.13 -28.96
N THR C 41 18.25 15.98 -28.78
CA THR C 41 18.43 17.28 -28.12
C THR C 41 17.50 17.35 -26.90
N GLN C 42 17.71 18.32 -26.03
CA GLN C 42 16.85 18.42 -24.86
C GLN C 42 15.43 18.67 -25.38
N GLY C 43 14.47 17.97 -24.79
CA GLY C 43 13.10 18.12 -25.21
C GLY C 43 12.75 17.08 -26.24
N ASN C 44 13.20 17.28 -27.48
CA ASN C 44 12.93 16.34 -28.55
C ASN C 44 13.99 15.24 -28.63
N THR C 45 13.56 14.00 -28.48
CA THR C 45 14.47 12.86 -28.51
C THR C 45 14.41 12.00 -29.78
N MET C 46 15.60 11.59 -30.24
CA MET C 46 15.76 10.77 -31.43
C MET C 46 14.86 11.25 -32.56
N THR C 47 15.20 12.38 -33.14
CA THR C 47 14.43 12.93 -34.24
C THR C 47 15.15 12.66 -35.55
N PHE C 48 14.37 12.52 -36.62
CA PHE C 48 14.91 12.25 -37.95
C PHE C 48 15.41 13.52 -38.62
N ILE C 49 16.64 13.51 -39.13
CA ILE C 49 17.18 14.70 -39.76
C ILE C 49 17.31 14.55 -41.26
N TYR C 50 18.04 13.52 -41.71
CA TYR C 50 18.26 13.33 -43.14
C TYR C 50 18.35 11.88 -43.58
N ARG C 51 17.83 11.59 -44.76
CA ARG C 51 17.93 10.24 -45.31
C ARG C 51 18.43 10.35 -46.74
N GLU C 52 19.16 9.32 -47.16
CA GLU C 52 19.78 9.23 -48.48
C GLU C 52 19.18 10.01 -49.64
N LYS C 53 19.82 11.13 -49.96
CA LYS C 53 19.44 12.04 -51.05
C LYS C 53 18.21 12.92 -50.86
N ASP C 54 18.48 14.17 -50.50
CA ASP C 54 17.46 15.19 -50.31
C ASP C 54 16.22 14.90 -49.45
N ILE C 55 16.33 13.96 -48.53
CA ILE C 55 15.18 13.69 -47.68
C ILE C 55 15.46 14.37 -46.33
N TYR C 56 14.61 15.33 -45.95
CA TYR C 56 14.79 16.07 -44.71
C TYR C 56 13.56 16.00 -43.81
N GLY C 57 13.78 16.14 -42.51
CA GLY C 57 12.65 16.10 -41.60
C GLY C 57 12.08 17.49 -41.54
N PRO C 58 10.85 17.65 -41.05
CA PRO C 58 10.25 18.98 -40.96
C PRO C 58 11.17 20.02 -40.29
N GLY C 59 11.57 21.03 -41.04
CA GLY C 59 12.41 22.07 -40.49
C GLY C 59 13.89 21.80 -40.44
N PHE C 60 14.37 20.80 -41.17
CA PHE C 60 15.80 20.53 -41.15
C PHE C 60 16.49 20.88 -42.45
N LYS C 61 15.73 21.08 -43.52
CA LYS C 61 16.34 21.41 -44.79
C LYS C 61 16.96 22.79 -44.78
N ASP C 62 16.32 23.71 -44.06
CA ASP C 62 16.80 25.10 -43.99
C ASP C 62 18.15 25.22 -43.30
N ASN C 63 18.27 24.61 -42.12
CA ASN C 63 19.49 24.69 -41.32
C ASN C 63 20.55 23.59 -41.59
N PHE C 64 20.12 22.38 -41.94
CA PHE C 64 21.07 21.29 -42.17
C PHE C 64 21.25 20.91 -43.63
N GLN C 65 22.33 20.17 -43.92
CA GLN C 65 22.60 19.72 -45.28
C GLN C 65 23.41 18.43 -45.28
N GLY C 66 22.74 17.34 -45.65
CA GLY C 66 23.39 16.05 -45.69
C GLY C 66 24.07 15.79 -47.02
N ASP C 67 25.02 14.86 -47.03
CA ASP C 67 25.74 14.53 -48.24
C ASP C 67 26.64 13.33 -47.96
N ILE C 68 27.10 12.68 -49.01
CA ILE C 68 27.97 11.52 -48.86
C ILE C 68 29.21 11.64 -49.75
N ASP C 69 30.28 10.97 -49.36
CA ASP C 69 31.51 11.00 -50.16
C ASP C 69 32.16 9.61 -50.18
N ILE C 70 31.79 8.80 -51.17
CA ILE C 70 32.33 7.46 -51.28
C ILE C 70 33.82 7.54 -51.61
N ALA C 71 34.27 8.74 -51.96
CA ALA C 71 35.68 8.93 -52.25
C ALA C 71 36.43 8.52 -50.97
N LYS C 72 35.78 8.72 -49.83
CA LYS C 72 36.34 8.38 -48.52
C LYS C 72 35.47 7.42 -47.74
N ASN C 73 34.41 6.91 -48.38
CA ASN C 73 33.47 5.98 -47.75
C ASN C 73 33.02 6.57 -46.40
N LEU C 74 32.41 7.75 -46.46
CA LEU C 74 31.94 8.44 -45.26
C LEU C 74 30.60 9.15 -45.48
N ALA C 75 29.98 9.57 -44.38
CA ALA C 75 28.69 10.25 -44.38
C ALA C 75 28.84 11.60 -43.69
N VAL C 76 28.34 12.65 -44.31
CA VAL C 76 28.47 13.96 -43.73
C VAL C 76 27.17 14.72 -43.54
N LEU C 77 27.15 15.54 -42.49
CA LEU C 77 25.99 16.37 -42.17
C LEU C 77 26.57 17.72 -41.76
N LYS C 78 26.25 18.74 -42.52
CA LYS C 78 26.75 20.08 -42.26
C LYS C 78 25.68 20.90 -41.53
N ILE C 79 26.07 21.52 -40.42
CA ILE C 79 25.13 22.37 -39.71
C ILE C 79 25.55 23.75 -40.18
N LEU C 80 24.61 24.46 -40.81
CA LEU C 80 24.88 25.79 -41.35
C LEU C 80 24.86 26.90 -40.30
N ALA C 81 23.77 27.01 -39.57
CA ALA C 81 23.65 28.05 -38.55
C ALA C 81 23.29 27.49 -37.18
N PRO C 82 24.28 26.95 -36.46
CA PRO C 82 24.05 26.37 -35.14
C PRO C 82 23.31 27.32 -34.22
N SER C 83 22.56 26.75 -33.29
CA SER C 83 21.83 27.56 -32.31
C SER C 83 21.71 26.71 -31.07
N GLU C 84 21.04 27.24 -30.05
CA GLU C 84 20.87 26.49 -28.81
C GLU C 84 20.19 25.16 -29.12
N ARG C 85 19.08 25.24 -29.86
CA ARG C 85 18.32 24.05 -30.20
C ARG C 85 19.10 22.94 -30.90
N ASP C 86 20.30 23.25 -31.41
CA ASP C 86 21.09 22.23 -32.10
C ASP C 86 22.07 21.46 -31.22
N GLU C 87 22.11 21.77 -29.93
CA GLU C 87 23.02 21.06 -29.01
C GLU C 87 22.42 19.73 -28.61
N GLY C 88 23.21 18.67 -28.76
CA GLY C 88 22.74 17.35 -28.44
C GLY C 88 23.64 16.31 -29.07
N SER C 89 23.14 15.10 -29.21
CA SER C 89 23.91 14.03 -29.82
C SER C 89 23.42 13.82 -31.25
N TYR C 90 24.33 13.48 -32.15
CA TYR C 90 23.95 13.22 -33.53
C TYR C 90 24.37 11.81 -33.93
N TYR C 91 23.43 11.06 -34.50
CA TYR C 91 23.70 9.67 -34.88
C TYR C 91 23.59 9.39 -36.36
N CYS C 92 24.50 8.57 -36.87
CA CYS C 92 24.49 8.18 -38.28
C CYS C 92 24.07 6.72 -38.35
N ALA C 93 23.13 6.41 -39.23
CA ALA C 93 22.66 5.06 -39.36
C ALA C 93 22.52 4.71 -40.82
N CYS C 94 22.77 3.44 -41.13
CA CYS C 94 22.67 2.96 -42.50
C CYS C 94 21.86 1.67 -42.54
N ASP C 95 21.12 1.47 -43.62
CA ASP C 95 20.32 0.26 -43.78
C ASP C 95 20.61 -0.30 -45.14
N THR C 96 20.52 -1.62 -45.25
CA THR C 96 20.78 -2.30 -46.52
C THR C 96 19.92 -1.73 -47.64
N LEU C 97 20.44 -1.81 -48.86
CA LEU C 97 19.78 -1.30 -50.06
C LEU C 97 18.56 -2.13 -50.50
N GLY C 98 18.82 -3.22 -51.21
CA GLY C 98 17.74 -4.07 -51.69
C GLY C 98 18.22 -5.47 -52.03
N MET C 99 18.71 -6.18 -51.02
CA MET C 99 19.20 -7.54 -51.20
C MET C 99 18.07 -8.43 -51.71
N GLY C 100 18.30 -9.08 -52.86
CA GLY C 100 17.28 -9.95 -53.40
C GLY C 100 16.88 -11.04 -52.43
N GLY C 101 17.75 -11.30 -51.45
CA GLY C 101 17.47 -12.31 -50.46
C GLY C 101 16.56 -11.86 -49.32
N GLU C 102 16.28 -12.79 -48.41
CA GLU C 102 15.42 -12.51 -47.26
C GLU C 102 16.17 -11.70 -46.20
N TYR C 103 16.14 -10.37 -46.34
CA TYR C 103 16.82 -9.48 -45.41
C TYR C 103 15.88 -8.67 -44.51
N THR C 104 16.41 -8.18 -43.39
CA THR C 104 15.64 -7.37 -42.46
C THR C 104 15.92 -5.89 -42.70
N ASP C 105 14.87 -5.08 -42.64
CA ASP C 105 14.99 -3.65 -42.89
C ASP C 105 15.46 -2.88 -41.66
N LYS C 106 16.47 -3.44 -40.99
CA LYS C 106 17.02 -2.83 -39.78
C LYS C 106 18.02 -1.76 -40.08
N LEU C 107 18.24 -0.89 -39.12
CA LEU C 107 19.20 0.18 -39.25
C LEU C 107 20.43 -0.17 -38.45
N ILE C 108 21.59 0.23 -38.94
CA ILE C 108 22.84 -0.02 -38.21
C ILE C 108 23.34 1.35 -37.79
N PHE C 109 23.46 1.52 -36.47
CA PHE C 109 23.88 2.80 -35.90
C PHE C 109 25.36 2.90 -35.58
N GLY C 110 25.81 4.14 -35.47
CA GLY C 110 27.19 4.36 -35.11
C GLY C 110 27.08 5.01 -33.75
N LYS C 111 28.16 5.07 -32.97
CA LYS C 111 28.06 5.72 -31.67
C LYS C 111 27.79 7.19 -31.97
N GLY C 112 27.09 7.87 -31.08
CA GLY C 112 26.79 9.27 -31.34
C GLY C 112 27.95 10.21 -31.10
N THR C 113 27.84 11.38 -31.67
CA THR C 113 28.85 12.41 -31.51
C THR C 113 28.08 13.58 -30.91
N ARG C 114 28.51 14.03 -29.73
CA ARG C 114 27.85 15.10 -29.01
C ARG C 114 28.32 16.47 -29.42
N VAL C 115 27.41 17.36 -29.81
CA VAL C 115 27.83 18.70 -30.17
C VAL C 115 27.34 19.65 -29.09
N THR C 116 28.23 20.55 -28.67
CA THR C 116 27.94 21.53 -27.64
C THR C 116 28.01 22.94 -28.21
N VAL C 117 26.94 23.68 -28.00
CA VAL C 117 26.82 25.04 -28.52
C VAL C 117 27.16 26.13 -27.51
N GLU C 118 28.08 27.01 -27.90
CA GLU C 118 28.50 28.14 -27.06
C GLU C 118 28.45 29.40 -27.92
N PRO C 119 28.05 30.55 -27.35
CA PRO C 119 27.99 31.74 -28.18
C PRO C 119 29.37 32.01 -28.78
N ARG C 120 29.46 33.02 -29.65
CA ARG C 120 30.72 33.39 -30.32
C ARG C 120 31.35 34.61 -29.61
N SER C 121 32.64 34.85 -29.85
CA SER C 121 33.31 36.00 -29.24
C SER C 121 32.48 37.24 -29.54
N GLN C 122 32.33 38.11 -28.55
CA GLN C 122 31.54 39.31 -28.76
C GLN C 122 31.77 40.34 -27.65
N PRO C 123 31.18 41.54 -27.80
CA PRO C 123 31.35 42.57 -26.79
C PRO C 123 30.67 42.16 -25.48
N HIS C 124 31.32 42.42 -24.35
CA HIS C 124 30.76 42.06 -23.04
C HIS C 124 29.38 42.69 -22.77
N THR C 125 28.64 42.12 -21.84
CA THR C 125 27.34 42.67 -21.47
C THR C 125 27.09 42.54 -19.99
N LYS C 126 26.85 43.66 -19.33
CA LYS C 126 26.56 43.64 -17.89
C LYS C 126 25.18 43.00 -17.76
N PRO C 127 25.03 42.03 -16.87
CA PRO C 127 23.73 41.38 -16.69
C PRO C 127 22.74 42.08 -15.78
N SER C 128 21.49 41.65 -15.84
CA SER C 128 20.43 42.18 -15.00
C SER C 128 20.26 41.08 -13.97
N VAL C 129 19.81 41.43 -12.77
CA VAL C 129 19.64 40.40 -11.76
C VAL C 129 18.36 40.52 -10.98
N PHE C 130 17.57 39.46 -11.02
CA PHE C 130 16.30 39.46 -10.32
C PHE C 130 16.24 38.28 -9.39
N VAL C 131 15.31 38.31 -8.44
CA VAL C 131 15.18 37.22 -7.48
C VAL C 131 13.74 36.91 -7.13
N MET C 132 13.33 35.66 -7.34
CA MET C 132 11.97 35.23 -7.03
C MET C 132 12.01 34.28 -5.85
N LYS C 133 10.97 34.31 -5.00
CA LYS C 133 10.94 33.45 -3.82
C LYS C 133 9.65 32.64 -3.58
N ASN C 134 9.72 31.80 -2.56
CA ASN C 134 8.61 30.94 -2.14
C ASN C 134 8.98 30.21 -0.85
N GLY C 135 8.89 30.90 0.28
CA GLY C 135 9.20 30.30 1.57
C GLY C 135 10.52 29.58 1.64
N THR C 136 11.55 30.28 2.14
CA THR C 136 12.92 29.75 2.27
C THR C 136 13.50 29.46 0.91
N ASN C 137 12.63 29.32 -0.10
CA ASN C 137 13.11 29.06 -1.43
C ASN C 137 13.37 30.38 -2.15
N VAL C 138 14.63 30.60 -2.51
CA VAL C 138 15.00 31.82 -3.20
C VAL C 138 15.82 31.46 -4.42
N ALA C 139 15.51 32.09 -5.55
CA ALA C 139 16.23 31.82 -6.78
C ALA C 139 16.70 33.09 -7.43
N CYS C 140 17.97 33.13 -7.79
CA CYS C 140 18.53 34.30 -8.44
C CYS C 140 18.44 34.12 -9.94
N LEU C 141 18.02 35.16 -10.64
CA LEU C 141 17.86 35.07 -12.08
C LEU C 141 18.70 36.08 -12.82
N VAL C 142 19.84 35.66 -13.31
CA VAL C 142 20.75 36.56 -14.03
C VAL C 142 20.43 36.56 -15.54
N LYS C 143 19.99 37.71 -16.07
CA LYS C 143 19.64 37.79 -17.47
C LYS C 143 20.57 38.56 -18.41
N GLU C 144 20.82 37.99 -19.59
CA GLU C 144 21.65 38.62 -20.63
C GLU C 144 23.04 39.11 -20.27
N PHE C 145 24.03 38.24 -20.35
CA PHE C 145 25.39 38.63 -20.03
C PHE C 145 26.41 37.82 -20.80
N TYR C 146 27.60 38.40 -20.95
CA TYR C 146 28.71 37.76 -21.66
C TYR C 146 29.97 38.41 -21.16
N PRO C 147 31.06 37.64 -20.97
CA PRO C 147 31.22 36.20 -21.24
C PRO C 147 30.54 35.23 -20.26
N LYS C 148 30.98 33.98 -20.31
CA LYS C 148 30.43 32.91 -19.48
C LYS C 148 30.80 33.03 -17.99
N ASP C 149 32.08 33.23 -17.71
CA ASP C 149 32.54 33.33 -16.32
C ASP C 149 31.76 34.32 -15.46
N ILE C 150 31.10 33.82 -14.42
CA ILE C 150 30.31 34.67 -13.55
C ILE C 150 30.18 34.00 -12.17
N ARG C 151 29.98 34.80 -11.13
CA ARG C 151 29.82 34.29 -9.76
C ARG C 151 28.50 34.81 -9.25
N ILE C 152 27.65 33.93 -8.74
CA ILE C 152 26.35 34.35 -8.26
C ILE C 152 26.19 34.10 -6.79
N ASN C 153 25.87 35.16 -6.06
CA ASN C 153 25.71 35.07 -4.62
C ASN C 153 24.34 35.47 -4.08
N LEU C 154 23.76 34.59 -3.26
CA LEU C 154 22.48 34.90 -2.66
C LEU C 154 22.85 35.38 -1.27
N VAL C 155 22.81 36.69 -1.06
CA VAL C 155 23.18 37.24 0.22
C VAL C 155 22.26 36.71 1.29
N SER C 156 22.83 36.07 2.29
CA SER C 156 22.02 35.50 3.35
C SER C 156 22.82 35.19 4.60
N SER C 157 22.24 35.50 5.75
CA SER C 157 22.88 35.25 7.02
C SER C 157 22.77 33.76 7.34
N LYS C 158 21.55 33.26 7.39
CA LYS C 158 21.31 31.85 7.67
C LYS C 158 20.83 31.10 6.42
N LYS C 159 21.70 30.25 5.85
CA LYS C 159 21.32 29.50 4.68
C LYS C 159 21.25 28.00 4.92
N ILE C 160 20.18 27.38 4.43
CA ILE C 160 19.94 25.96 4.58
C ILE C 160 20.78 25.16 3.59
N THR C 161 20.52 25.32 2.29
CA THR C 161 21.31 24.65 1.26
C THR C 161 21.32 25.48 -0.02
N GLU C 162 22.32 25.23 -0.86
CA GLU C 162 22.45 25.93 -2.13
C GLU C 162 22.77 24.94 -3.24
N PHE C 163 22.09 25.08 -4.37
CA PHE C 163 22.27 24.16 -5.49
C PHE C 163 23.12 24.74 -6.62
N ASP C 164 23.76 23.86 -7.38
CA ASP C 164 24.60 24.26 -8.49
C ASP C 164 23.82 25.18 -9.42
N PRO C 165 24.44 26.28 -9.85
CA PRO C 165 23.71 27.18 -10.75
C PRO C 165 23.64 26.59 -12.15
N ALA C 166 22.95 27.29 -13.04
CA ALA C 166 22.79 26.83 -14.42
C ALA C 166 23.05 27.97 -15.36
N ILE C 167 24.00 27.79 -16.26
CA ILE C 167 24.29 28.82 -17.23
C ILE C 167 23.74 28.30 -18.55
N VAL C 168 22.94 29.13 -19.20
CA VAL C 168 22.29 28.76 -20.45
C VAL C 168 22.43 29.85 -21.50
N ILE C 169 22.26 29.48 -22.77
CA ILE C 169 22.35 30.44 -23.86
C ILE C 169 21.02 31.16 -23.94
N SER C 170 21.07 32.48 -24.07
CA SER C 170 19.83 33.28 -24.14
C SER C 170 19.33 33.40 -25.57
N PRO C 171 18.07 33.84 -25.72
CA PRO C 171 17.50 33.99 -27.06
C PRO C 171 18.33 34.98 -27.87
N SER C 172 18.94 35.93 -27.17
CA SER C 172 19.78 36.95 -27.79
C SER C 172 21.17 36.41 -28.12
N GLY C 173 21.37 35.11 -27.94
CA GLY C 173 22.65 34.51 -28.23
C GLY C 173 23.70 34.78 -27.15
N LYS C 174 23.24 35.26 -26.00
CA LYS C 174 24.14 35.56 -24.90
C LYS C 174 24.02 34.49 -23.82
N TYR C 175 23.89 34.90 -22.56
CA TYR C 175 23.76 33.95 -21.45
C TYR C 175 22.71 34.35 -20.43
N ASN C 176 22.18 33.36 -19.73
CA ASN C 176 21.22 33.58 -18.66
C ASN C 176 21.64 32.59 -17.61
N ALA C 177 21.16 32.75 -16.37
CA ALA C 177 21.56 31.81 -15.34
C ALA C 177 20.61 31.85 -14.19
N VAL C 178 20.55 30.74 -13.47
CA VAL C 178 19.67 30.63 -12.32
C VAL C 178 20.41 29.90 -11.24
N LYS C 179 20.19 30.32 -10.00
CA LYS C 179 20.81 29.68 -8.84
C LYS C 179 19.74 29.57 -7.76
N LEU C 180 19.55 28.38 -7.22
CA LEU C 180 18.53 28.16 -6.19
C LEU C 180 19.13 27.80 -4.88
N GLY C 181 18.46 28.20 -3.81
CA GLY C 181 18.93 27.88 -2.48
C GLY C 181 17.78 27.94 -1.50
N LYS C 182 18.01 27.38 -0.33
CA LYS C 182 17.02 27.39 0.73
C LYS C 182 17.58 28.25 1.85
N TYR C 183 16.80 29.22 2.31
CA TYR C 183 17.28 30.12 3.34
C TYR C 183 16.25 30.49 4.41
N GLU C 184 16.70 30.55 5.66
CA GLU C 184 15.84 30.92 6.79
C GLU C 184 15.28 32.33 6.61
N ASP C 185 16.17 33.30 6.43
CA ASP C 185 15.79 34.71 6.26
C ASP C 185 15.43 35.03 4.83
N SER C 186 14.87 34.04 4.14
CA SER C 186 14.50 34.18 2.75
C SER C 186 13.82 35.50 2.38
N ASN C 187 13.01 36.02 3.29
CA ASN C 187 12.29 37.27 3.03
C ASN C 187 13.19 38.47 2.76
N SER C 188 14.39 38.46 3.35
CA SER C 188 15.32 39.58 3.17
C SER C 188 16.38 39.26 2.12
N VAL C 189 16.60 37.97 1.88
CA VAL C 189 17.61 37.54 0.93
C VAL C 189 17.62 38.32 -0.38
N THR C 190 18.82 38.62 -0.86
CA THR C 190 18.98 39.31 -2.13
C THR C 190 20.11 38.65 -2.91
N CYS C 191 20.24 39.01 -4.18
CA CYS C 191 21.27 38.40 -5.00
C CYS C 191 22.24 39.41 -5.56
N SER C 192 23.53 39.11 -5.43
CA SER C 192 24.58 39.97 -5.94
C SER C 192 25.46 39.13 -6.85
N VAL C 193 25.83 39.68 -7.99
CA VAL C 193 26.63 38.96 -8.97
C VAL C 193 27.94 39.63 -9.28
N GLN C 194 28.95 38.84 -9.57
CA GLN C 194 30.25 39.38 -9.92
C GLN C 194 30.49 38.99 -11.38
N HIS C 195 30.57 39.96 -12.28
CA HIS C 195 30.76 39.65 -13.68
C HIS C 195 31.53 40.71 -14.44
N ASP C 196 32.52 40.26 -15.21
CA ASP C 196 33.36 41.16 -16.01
C ASP C 196 33.90 42.24 -15.08
N ASN C 197 34.41 41.80 -13.94
CA ASN C 197 34.97 42.69 -12.92
C ASN C 197 33.97 43.68 -12.35
N LYS C 198 32.68 43.49 -12.66
CA LYS C 198 31.66 44.39 -12.13
C LYS C 198 30.80 43.72 -11.07
N THR C 199 30.01 44.50 -10.36
CA THR C 199 29.18 43.94 -9.31
C THR C 199 27.76 44.42 -9.53
N VAL C 200 26.86 43.50 -9.81
CA VAL C 200 25.46 43.85 -10.05
C VAL C 200 24.57 43.33 -8.92
N HIS C 201 23.67 44.16 -8.41
CA HIS C 201 22.80 43.73 -7.32
C HIS C 201 21.36 43.59 -7.74
N SER C 202 20.62 42.74 -7.05
CA SER C 202 19.20 42.54 -7.36
C SER C 202 18.52 43.85 -7.01
N THR C 203 19.04 44.51 -5.99
CA THR C 203 18.51 45.79 -5.52
C THR C 203 18.81 46.93 -6.47
N ASP C 204 19.73 46.71 -7.41
CA ASP C 204 20.07 47.73 -8.38
C ASP C 204 18.89 47.93 -9.33
N PHE C 205 17.82 47.19 -9.09
CA PHE C 205 16.65 47.27 -9.95
C PHE C 205 15.33 47.47 -9.19
N GLU C 206 15.41 47.97 -7.96
CA GLU C 206 14.23 48.21 -7.14
C GLU C 206 14.19 49.63 -6.56
N ALA D 1 3.95 12.46 -40.76
CA ALA D 1 2.71 13.04 -40.16
C ALA D 1 2.46 12.41 -38.79
N GLY D 2 2.49 11.08 -38.76
CA GLY D 2 2.28 10.36 -37.53
C GLY D 2 3.52 10.34 -36.64
N HIS D 3 3.43 9.66 -35.50
CA HIS D 3 4.54 9.58 -34.58
C HIS D 3 4.32 8.44 -33.59
N LEU D 4 5.40 8.01 -32.93
CA LEU D 4 5.33 6.92 -31.97
C LEU D 4 5.40 7.47 -30.55
N GLU D 5 4.63 6.89 -29.65
CA GLU D 5 4.67 7.34 -28.26
C GLU D 5 5.08 6.19 -27.34
N GLN D 6 5.90 6.52 -26.36
CA GLN D 6 6.38 5.59 -25.35
C GLN D 6 6.17 6.36 -24.04
N PRO D 7 4.97 6.24 -23.46
CA PRO D 7 4.58 6.90 -22.21
C PRO D 7 5.54 6.66 -21.05
N GLN D 8 6.01 5.43 -20.95
CA GLN D 8 6.92 5.07 -19.88
C GLN D 8 8.25 5.78 -20.03
N ILE D 9 8.47 6.86 -19.30
CA ILE D 9 9.75 7.56 -19.38
C ILE D 9 10.83 6.58 -18.96
N SER D 10 10.49 5.75 -17.99
CA SER D 10 11.41 4.74 -17.50
C SER D 10 10.57 3.71 -16.80
N SER D 11 11.12 2.51 -16.66
CA SER D 11 10.44 1.42 -15.98
C SER D 11 11.45 0.84 -15.03
N THR D 12 11.16 0.95 -13.74
CA THR D 12 12.06 0.45 -12.72
C THR D 12 11.59 -0.92 -12.30
N LYS D 13 12.49 -1.91 -12.31
CA LYS D 13 12.15 -3.26 -11.90
C LYS D 13 13.28 -3.87 -11.08
N THR D 14 12.96 -4.80 -10.20
CA THR D 14 13.98 -5.47 -9.39
C THR D 14 14.38 -6.78 -10.07
N LEU D 15 15.59 -7.26 -9.85
CA LEU D 15 16.04 -8.50 -10.50
C LEU D 15 15.02 -9.61 -10.58
N SER D 16 15.14 -10.43 -11.62
CA SER D 16 14.27 -11.58 -11.83
C SER D 16 12.86 -11.23 -12.28
N LYS D 17 12.46 -9.98 -12.10
CA LYS D 17 11.12 -9.58 -12.52
C LYS D 17 11.03 -9.45 -14.04
N THR D 18 9.82 -9.28 -14.54
CA THR D 18 9.59 -9.18 -15.98
C THR D 18 9.01 -7.84 -16.37
N ALA D 19 9.72 -7.13 -17.26
CA ALA D 19 9.29 -5.81 -17.71
C ALA D 19 8.45 -5.82 -18.98
N ARG D 20 7.57 -4.83 -19.10
CA ARG D 20 6.69 -4.69 -20.26
C ARG D 20 6.71 -3.23 -20.71
N LEU D 21 7.40 -2.96 -21.81
CA LEU D 21 7.52 -1.61 -22.36
C LEU D 21 6.59 -1.45 -23.53
N GLU D 22 5.75 -0.41 -23.50
CA GLU D 22 4.77 -0.15 -24.56
C GLU D 22 5.18 0.91 -25.55
N CYS D 23 4.60 0.82 -26.75
CA CYS D 23 4.82 1.74 -27.87
C CYS D 23 3.44 1.89 -28.51
N VAL D 24 2.93 3.12 -28.56
CA VAL D 24 1.63 3.34 -29.16
C VAL D 24 1.80 4.20 -30.39
N VAL D 25 1.35 3.72 -31.53
CA VAL D 25 1.52 4.48 -32.75
C VAL D 25 0.24 5.19 -33.12
N SER D 26 0.40 6.42 -33.61
CA SER D 26 -0.73 7.23 -34.02
C SER D 26 -0.44 7.92 -35.34
N GLY D 27 -1.47 8.10 -36.15
CA GLY D 27 -1.29 8.76 -37.43
C GLY D 27 -0.68 7.84 -38.46
N ILE D 28 -0.40 6.61 -38.04
CA ILE D 28 0.19 5.65 -38.95
C ILE D 28 -0.67 4.39 -38.90
N THR D 29 -0.95 3.80 -40.05
CA THR D 29 -1.75 2.58 -40.07
C THR D 29 -0.84 1.48 -39.53
N ILE D 30 -1.36 0.68 -38.60
CA ILE D 30 -0.54 -0.37 -37.99
C ILE D 30 -0.31 -1.56 -38.91
N SER D 31 -1.37 -2.30 -39.20
CA SER D 31 -1.26 -3.46 -40.06
C SER D 31 -0.90 -3.07 -41.50
N ALA D 32 0.40 -3.14 -41.80
CA ALA D 32 0.89 -2.80 -43.12
C ALA D 32 2.40 -2.81 -43.05
N THR D 33 2.94 -2.05 -42.09
CA THR D 33 4.39 -1.99 -41.88
C THR D 33 4.70 -2.63 -40.53
N SER D 34 5.97 -2.97 -40.33
CA SER D 34 6.35 -3.63 -39.11
C SER D 34 6.85 -2.68 -38.03
N VAL D 35 6.69 -3.12 -36.78
CA VAL D 35 7.11 -2.35 -35.62
C VAL D 35 8.44 -2.95 -35.16
N TYR D 36 9.46 -2.10 -35.07
CA TYR D 36 10.80 -2.53 -34.65
C TYR D 36 11.10 -2.10 -33.22
N TRP D 37 12.05 -2.80 -32.59
CA TRP D 37 12.49 -2.45 -31.24
C TRP D 37 14.02 -2.43 -31.13
N TYR D 38 14.59 -1.26 -30.83
CA TYR D 38 16.03 -1.11 -30.69
C TYR D 38 16.44 -0.97 -29.22
N ARG D 39 17.63 -1.47 -28.89
CA ARG D 39 18.16 -1.43 -27.52
C ARG D 39 19.47 -0.66 -27.45
N GLU D 40 19.53 0.31 -26.55
CA GLU D 40 20.75 1.12 -26.39
C GLU D 40 21.35 0.90 -25.02
N ARG D 41 22.24 -0.09 -24.93
CA ARG D 41 22.95 -0.44 -23.69
C ARG D 41 23.79 0.77 -23.27
N PRO D 42 24.06 0.93 -21.97
CA PRO D 42 24.87 2.09 -21.60
C PRO D 42 26.28 1.90 -22.14
N GLY D 43 26.82 2.94 -22.77
CA GLY D 43 28.14 2.83 -23.33
C GLY D 43 28.11 2.28 -24.75
N GLU D 44 27.10 1.49 -25.05
CA GLU D 44 26.97 0.90 -26.40
C GLU D 44 26.30 1.81 -27.45
N VAL D 45 26.16 1.27 -28.65
CA VAL D 45 25.54 2.00 -29.74
C VAL D 45 24.12 1.46 -29.85
N ILE D 46 23.22 2.26 -30.42
CA ILE D 46 21.84 1.81 -30.58
C ILE D 46 21.84 0.58 -31.49
N GLN D 47 21.18 -0.50 -31.07
CA GLN D 47 21.19 -1.71 -31.89
C GLN D 47 19.82 -2.38 -32.03
N PHE D 48 19.61 -3.07 -33.14
CA PHE D 48 18.35 -3.76 -33.39
C PHE D 48 18.16 -4.84 -32.33
N LEU D 49 16.92 -5.01 -31.86
CA LEU D 49 16.64 -6.04 -30.85
C LEU D 49 15.73 -7.08 -31.46
N VAL D 50 14.46 -6.69 -31.66
CA VAL D 50 13.47 -7.58 -32.24
C VAL D 50 12.50 -6.75 -33.05
N SER D 51 11.69 -7.42 -33.85
CA SER D 51 10.68 -6.75 -34.65
C SER D 51 9.55 -7.70 -34.99
N ILE D 52 8.34 -7.17 -35.07
CA ILE D 52 7.21 -8.00 -35.40
C ILE D 52 6.60 -7.48 -36.67
N SER D 53 6.64 -8.32 -37.71
CA SER D 53 6.10 -7.97 -39.01
C SER D 53 4.59 -7.85 -38.97
N TYR D 54 3.98 -7.39 -40.05
CA TYR D 54 2.54 -7.26 -40.06
C TYR D 54 1.91 -8.64 -40.01
N ASP D 55 2.44 -9.55 -40.83
CA ASP D 55 1.93 -10.92 -40.92
C ASP D 55 2.04 -11.70 -39.60
N GLY D 56 2.78 -11.15 -38.65
CA GLY D 56 2.92 -11.84 -37.37
C GLY D 56 4.30 -12.44 -37.12
N THR D 57 5.12 -12.54 -38.16
CA THR D 57 6.46 -13.11 -37.97
C THR D 57 7.30 -12.18 -37.12
N VAL D 58 8.09 -12.78 -36.24
CA VAL D 58 8.94 -12.01 -35.35
C VAL D 58 10.39 -12.41 -35.50
N ARG D 59 11.25 -11.45 -35.81
CA ARG D 59 12.66 -11.76 -35.95
C ARG D 59 13.45 -11.08 -34.83
N LYS D 60 14.51 -11.74 -34.35
CA LYS D 60 15.34 -11.18 -33.31
C LYS D 60 16.76 -11.07 -33.82
N GLU D 61 17.48 -10.05 -33.34
CA GLU D 61 18.87 -9.83 -33.74
C GLU D 61 19.72 -11.06 -33.47
N SER D 62 20.84 -11.15 -34.17
CA SER D 62 21.71 -12.30 -33.96
C SER D 62 22.24 -12.30 -32.53
N GLY D 63 22.28 -13.48 -31.91
CA GLY D 63 22.79 -13.55 -30.55
C GLY D 63 21.76 -13.48 -29.44
N ILE D 64 20.63 -12.86 -29.71
CA ILE D 64 19.60 -12.77 -28.70
C ILE D 64 19.31 -14.17 -28.18
N PRO D 65 19.43 -14.38 -26.87
CA PRO D 65 19.17 -15.69 -26.25
C PRO D 65 17.72 -16.11 -26.32
N SER D 66 17.45 -17.38 -26.01
CA SER D 66 16.10 -17.92 -26.06
C SER D 66 15.21 -17.51 -24.90
N GLY D 67 13.91 -17.39 -25.18
CA GLY D 67 12.93 -17.04 -24.18
C GLY D 67 13.25 -15.83 -23.32
N LYS D 68 13.85 -14.81 -23.94
CA LYS D 68 14.18 -13.60 -23.21
C LYS D 68 13.21 -12.49 -23.52
N PHE D 69 13.01 -12.25 -24.81
CA PHE D 69 12.14 -11.18 -25.29
C PHE D 69 10.87 -11.63 -25.99
N GLU D 70 9.87 -10.75 -25.98
CA GLU D 70 8.60 -11.04 -26.63
C GLU D 70 8.00 -9.75 -27.20
N VAL D 71 7.42 -9.85 -28.40
CA VAL D 71 6.82 -8.68 -29.04
C VAL D 71 5.45 -9.01 -29.54
N ASP D 72 4.58 -8.01 -29.55
CA ASP D 72 3.24 -8.21 -30.06
C ASP D 72 2.73 -6.92 -30.62
N ARG D 73 1.59 -7.03 -31.29
CA ARG D 73 0.97 -5.85 -31.86
C ARG D 73 -0.51 -6.05 -31.64
N ILE D 74 -1.12 -5.10 -30.94
CA ILE D 74 -2.54 -5.16 -30.69
C ILE D 74 -3.11 -4.04 -31.54
N PRO D 75 -3.44 -4.36 -32.78
CA PRO D 75 -4.00 -3.44 -33.78
C PRO D 75 -5.14 -2.56 -33.29
N GLU D 76 -5.99 -3.13 -32.45
CA GLU D 76 -7.12 -2.38 -31.92
C GLU D 76 -6.66 -1.23 -31.02
N THR D 77 -5.90 -1.55 -29.97
CA THR D 77 -5.40 -0.54 -29.07
C THR D 77 -4.22 0.15 -29.74
N SER D 78 -3.90 -0.30 -30.94
CA SER D 78 -2.83 0.31 -31.73
C SER D 78 -1.46 0.39 -31.05
N THR D 79 -1.15 -0.59 -30.20
CA THR D 79 0.13 -0.57 -29.50
C THR D 79 0.97 -1.83 -29.66
N SER D 80 2.27 -1.67 -29.50
CA SER D 80 3.16 -2.81 -29.56
C SER D 80 3.81 -2.87 -28.20
N THR D 81 4.08 -4.07 -27.71
CA THR D 81 4.65 -4.21 -26.38
C THR D 81 5.85 -5.13 -26.30
N LEU D 82 6.98 -4.59 -25.85
CA LEU D 82 8.18 -5.40 -25.73
C LEU D 82 8.21 -5.94 -24.34
N THR D 83 8.28 -7.27 -24.22
CA THR D 83 8.31 -7.93 -22.94
C THR D 83 9.70 -8.45 -22.65
N ILE D 84 10.23 -8.10 -21.49
CA ILE D 84 11.54 -8.58 -21.12
C ILE D 84 11.42 -9.47 -19.92
N HIS D 85 11.65 -10.76 -20.12
CA HIS D 85 11.55 -11.75 -19.04
C HIS D 85 12.83 -11.81 -18.22
N ASN D 86 12.71 -12.30 -16.99
CA ASN D 86 13.82 -12.43 -16.06
C ASN D 86 14.83 -11.31 -16.22
N VAL D 87 14.35 -10.09 -16.06
CA VAL D 87 15.17 -8.89 -16.19
C VAL D 87 16.41 -8.98 -15.31
N GLU D 88 17.51 -8.40 -15.77
CA GLU D 88 18.74 -8.44 -14.99
C GLU D 88 19.58 -7.17 -15.24
N LYS D 89 20.70 -7.06 -14.54
CA LYS D 89 21.57 -5.90 -14.66
C LYS D 89 21.94 -5.58 -16.10
N GLN D 90 22.31 -6.59 -16.86
CA GLN D 90 22.71 -6.38 -18.25
C GLN D 90 21.56 -6.00 -19.20
N ASP D 91 20.36 -5.84 -18.65
CA ASP D 91 19.18 -5.45 -19.41
C ASP D 91 18.93 -3.97 -19.24
N ILE D 92 19.75 -3.34 -18.43
CA ILE D 92 19.60 -1.91 -18.21
C ILE D 92 20.06 -1.25 -19.49
N ALA D 93 19.17 -0.46 -20.07
CA ALA D 93 19.47 0.22 -21.31
C ALA D 93 18.22 0.98 -21.70
N THR D 94 18.31 1.77 -22.76
CA THR D 94 17.18 2.52 -23.25
C THR D 94 16.61 1.74 -24.41
N TYR D 95 15.30 1.50 -24.37
CA TYR D 95 14.63 0.75 -25.41
C TYR D 95 13.81 1.68 -26.30
N TYR D 96 14.03 1.59 -27.61
CA TYR D 96 13.33 2.44 -28.57
C TYR D 96 12.45 1.61 -29.50
N CYS D 97 11.32 2.16 -29.93
CA CYS D 97 10.49 1.45 -30.90
C CYS D 97 10.47 2.33 -32.12
N ALA D 98 10.48 1.73 -33.29
CA ALA D 98 10.50 2.52 -34.50
C ALA D 98 9.84 1.80 -35.63
N LEU D 99 9.47 2.55 -36.66
CA LEU D 99 8.83 1.95 -37.82
C LEU D 99 9.10 2.83 -39.02
N TRP D 100 8.92 2.26 -40.21
CA TRP D 100 9.15 2.96 -41.47
C TRP D 100 7.84 3.59 -41.87
N GLU D 101 7.85 4.88 -42.13
CA GLU D 101 6.63 5.56 -42.54
C GLU D 101 6.76 5.76 -44.04
N ALA D 102 5.85 5.14 -44.79
CA ALA D 102 5.86 5.23 -46.25
C ALA D 102 5.50 6.64 -46.67
N GLN D 103 6.15 7.11 -47.71
CA GLN D 103 5.91 8.45 -48.21
C GLN D 103 5.11 8.38 -49.51
N GLN D 104 4.77 9.57 -49.99
CA GLN D 104 3.99 9.69 -51.21
C GLN D 104 4.58 8.89 -52.36
N GLU D 105 5.79 9.28 -52.79
CA GLU D 105 6.48 8.65 -53.92
C GLU D 105 7.26 7.37 -53.66
N LEU D 106 7.31 6.53 -54.69
CA LEU D 106 8.02 5.27 -54.64
C LEU D 106 9.39 5.43 -53.98
N GLY D 107 9.80 4.44 -53.19
CA GLY D 107 11.10 4.49 -52.55
C GLY D 107 11.30 5.45 -51.39
N LYS D 108 10.37 6.39 -51.21
CA LYS D 108 10.49 7.33 -50.11
C LYS D 108 9.91 6.73 -48.83
N LYS D 109 10.75 6.62 -47.81
CA LYS D 109 10.37 6.10 -46.51
C LYS D 109 11.37 6.59 -45.46
N ILE D 110 10.86 6.98 -44.30
CA ILE D 110 11.70 7.46 -43.21
C ILE D 110 11.48 6.58 -41.98
N LYS D 111 12.51 6.31 -41.19
CA LYS D 111 12.23 5.49 -40.03
C LYS D 111 11.98 6.40 -38.88
N VAL D 112 10.78 6.31 -38.35
CA VAL D 112 10.37 7.13 -37.22
C VAL D 112 10.64 6.39 -35.92
N PHE D 113 11.23 7.09 -34.96
CA PHE D 113 11.53 6.49 -33.67
C PHE D 113 10.68 7.04 -32.54
N GLY D 114 10.51 6.22 -31.50
CA GLY D 114 9.77 6.64 -30.32
C GLY D 114 10.77 7.35 -29.42
N PRO D 115 10.33 8.02 -28.35
CA PRO D 115 11.29 8.73 -27.50
C PRO D 115 12.21 7.81 -26.72
N GLY D 116 11.78 6.58 -26.51
CA GLY D 116 12.58 5.65 -25.75
C GLY D 116 12.11 5.53 -24.31
N THR D 117 12.40 4.38 -23.71
CA THR D 117 12.01 4.10 -22.34
C THR D 117 13.26 3.57 -21.69
N LYS D 118 13.60 4.08 -20.52
CA LYS D 118 14.79 3.60 -19.85
C LYS D 118 14.44 2.52 -18.82
N LEU D 119 15.10 1.37 -18.94
CA LEU D 119 14.83 0.27 -18.01
C LEU D 119 15.82 0.38 -16.88
N ILE D 120 15.30 0.60 -15.68
CA ILE D 120 16.15 0.70 -14.50
C ILE D 120 15.96 -0.53 -13.62
N ILE D 121 17.07 -1.18 -13.28
CA ILE D 121 17.04 -2.37 -12.45
C ILE D 121 17.73 -2.16 -11.11
N THR D 122 16.95 -2.18 -10.05
CA THR D 122 17.47 -1.99 -8.70
C THR D 122 17.27 -3.26 -7.86
N ASP D 123 17.60 -3.16 -6.57
CA ASP D 123 17.46 -4.28 -5.65
C ASP D 123 16.38 -4.07 -4.58
N LYS D 124 15.82 -2.86 -4.52
CA LYS D 124 14.80 -2.55 -3.52
C LYS D 124 13.80 -1.47 -3.96
N GLN D 125 12.52 -1.78 -3.84
CA GLN D 125 11.45 -0.84 -4.20
C GLN D 125 10.89 -0.19 -2.94
N LEU D 126 11.63 0.78 -2.41
CA LEU D 126 11.22 1.50 -1.20
C LEU D 126 9.77 1.92 -1.21
N ASP D 127 9.05 1.57 -0.14
CA ASP D 127 7.65 1.95 -0.03
C ASP D 127 7.71 3.40 0.41
N ALA D 128 8.11 4.29 -0.49
CA ALA D 128 8.21 5.71 -0.15
C ALA D 128 7.77 6.63 -1.25
N ASP D 129 7.16 7.76 -0.85
CA ASP D 129 6.68 8.76 -1.79
C ASP D 129 7.88 9.29 -2.56
N VAL D 130 7.90 9.03 -3.86
CA VAL D 130 9.02 9.44 -4.70
C VAL D 130 8.61 10.36 -5.86
N SER D 131 7.33 10.71 -5.90
CA SER D 131 6.83 11.59 -6.95
C SER D 131 7.51 12.94 -6.83
N PRO D 132 7.75 13.61 -7.96
CA PRO D 132 8.40 14.93 -7.89
C PRO D 132 7.51 15.89 -7.13
N LYS D 133 8.07 16.63 -6.19
CA LYS D 133 7.30 17.59 -5.40
C LYS D 133 7.56 18.96 -6.01
N PRO D 134 6.50 19.60 -6.53
CA PRO D 134 6.56 20.92 -7.17
C PRO D 134 6.66 22.13 -6.26
N THR D 135 7.10 23.24 -6.86
CA THR D 135 7.21 24.50 -6.16
C THR D 135 7.12 25.61 -7.17
N ILE D 136 6.12 26.46 -7.00
CA ILE D 136 5.87 27.58 -7.90
C ILE D 136 6.73 28.79 -7.61
N PHE D 137 7.16 29.46 -8.68
CA PHE D 137 7.98 30.66 -8.58
C PHE D 137 7.45 31.69 -9.56
N LEU D 138 6.81 32.75 -9.05
CA LEU D 138 6.28 33.78 -9.92
C LEU D 138 7.36 34.82 -10.17
N PRO D 139 7.37 35.43 -11.38
CA PRO D 139 8.36 36.44 -11.72
C PRO D 139 8.51 37.54 -10.67
N SER D 140 9.64 38.24 -10.70
CA SER D 140 9.85 39.33 -9.76
C SER D 140 9.20 40.55 -10.40
N ILE D 141 8.49 41.32 -9.61
CA ILE D 141 7.81 42.50 -10.11
C ILE D 141 8.77 43.30 -11.00
N ALA D 142 9.94 43.60 -10.46
CA ALA D 142 10.95 44.35 -11.18
C ALA D 142 11.15 43.88 -12.61
N GLU D 143 11.23 42.57 -12.81
CA GLU D 143 11.47 42.04 -14.14
C GLU D 143 10.46 42.47 -15.17
N THR D 144 9.20 42.56 -14.74
CA THR D 144 8.14 42.93 -15.66
C THR D 144 8.36 44.32 -16.24
N LYS D 145 9.32 45.06 -15.68
CA LYS D 145 9.65 46.39 -16.16
C LYS D 145 10.94 46.35 -16.98
N LEU D 146 11.48 45.15 -17.16
CA LEU D 146 12.72 44.96 -17.92
C LEU D 146 12.33 44.95 -19.39
N GLN D 147 12.25 43.75 -19.95
CA GLN D 147 11.85 43.59 -21.33
C GLN D 147 10.35 43.46 -21.24
N LYS D 148 9.80 43.96 -20.13
CA LYS D 148 8.36 43.89 -19.90
C LYS D 148 7.97 42.42 -20.04
N ALA D 149 8.83 41.54 -19.55
CA ALA D 149 8.60 40.10 -19.60
C ALA D 149 8.47 39.55 -18.18
N GLY D 150 8.26 38.25 -18.09
CA GLY D 150 8.12 37.60 -16.79
C GLY D 150 8.77 36.24 -16.92
N THR D 151 9.36 35.73 -15.84
CA THR D 151 10.00 34.43 -15.91
C THR D 151 9.51 33.50 -14.81
N TYR D 152 8.82 32.42 -15.20
CA TYR D 152 8.30 31.44 -14.24
C TYR D 152 9.39 30.42 -13.97
N LEU D 153 9.31 29.74 -12.82
CA LEU D 153 10.30 28.72 -12.48
C LEU D 153 9.68 27.65 -11.61
N CYS D 154 9.59 26.41 -12.12
CA CYS D 154 9.05 25.34 -11.30
C CYS D 154 10.19 24.42 -10.88
N LEU D 155 10.23 24.18 -9.58
CA LEU D 155 11.23 23.37 -8.95
C LEU D 155 10.64 22.02 -8.56
N LEU D 156 11.31 20.95 -8.98
CA LEU D 156 10.85 19.61 -8.69
C LEU D 156 11.92 18.92 -7.91
N GLU D 157 11.61 18.41 -6.72
CA GLU D 157 12.62 17.73 -5.93
C GLU D 157 12.09 16.51 -5.19
N LYS D 158 13.02 15.73 -4.66
CA LYS D 158 12.71 14.53 -3.91
C LYS D 158 12.08 13.41 -4.75
N PHE D 159 12.37 13.36 -6.06
CA PHE D 159 11.84 12.29 -6.91
C PHE D 159 12.98 11.28 -7.16
N PHE D 160 12.65 10.00 -7.35
CA PHE D 160 13.72 9.03 -7.49
C PHE D 160 14.34 8.55 -8.78
N PRO D 161 13.58 7.87 -9.63
CA PRO D 161 14.25 7.42 -10.84
C PRO D 161 15.23 8.41 -11.48
N ASP D 162 15.02 9.71 -11.28
CA ASP D 162 15.91 10.75 -11.81
C ASP D 162 15.67 11.00 -13.27
N VAL D 163 15.04 10.03 -13.92
CA VAL D 163 14.73 10.17 -15.32
C VAL D 163 13.46 11.01 -15.27
N ILE D 164 13.51 12.25 -15.75
CA ILE D 164 12.34 13.10 -15.72
C ILE D 164 12.27 13.98 -16.97
N LYS D 165 11.09 14.52 -17.24
CA LYS D 165 10.88 15.38 -18.40
C LYS D 165 9.95 16.53 -18.03
N ILE D 166 10.41 17.75 -18.29
CA ILE D 166 9.62 18.94 -17.98
C ILE D 166 9.51 19.84 -19.21
N HIS D 167 8.29 20.32 -19.48
CA HIS D 167 8.06 21.22 -20.61
C HIS D 167 6.89 22.14 -20.22
N TRP D 168 6.70 23.22 -20.95
CA TRP D 168 5.63 24.16 -20.63
C TRP D 168 4.52 24.29 -21.68
N GLU D 169 3.41 24.90 -21.27
CA GLU D 169 2.25 25.12 -22.14
C GLU D 169 1.37 26.27 -21.64
N GLU D 170 0.34 26.61 -22.42
CA GLU D 170 -0.59 27.69 -22.08
C GLU D 170 -1.96 27.17 -21.62
N LYS D 171 -2.74 28.06 -21.00
CA LYS D 171 -4.08 27.73 -20.49
C LYS D 171 -4.92 26.90 -21.45
N LYS D 172 -5.69 27.57 -22.32
CA LYS D 172 -6.54 26.88 -23.28
C LYS D 172 -5.76 26.34 -24.48
N SER D 173 -4.87 27.16 -25.04
CA SER D 173 -4.07 26.74 -26.18
C SER D 173 -2.83 26.03 -25.65
N ASN D 174 -2.91 24.70 -25.52
CA ASN D 174 -1.76 23.96 -25.01
C ASN D 174 -0.84 23.40 -26.09
N THR D 175 0.23 24.15 -26.35
CA THR D 175 1.25 23.78 -27.33
C THR D 175 2.61 24.03 -26.67
N ILE D 176 3.56 23.13 -26.90
CA ILE D 176 4.88 23.25 -26.32
C ILE D 176 5.57 24.55 -26.73
N LEU D 177 6.29 25.18 -25.80
CA LEU D 177 6.99 26.43 -26.08
C LEU D 177 8.49 26.27 -26.33
N GLY D 178 9.29 27.04 -25.60
CA GLY D 178 10.75 27.00 -25.75
C GLY D 178 11.43 27.47 -24.48
N SER D 179 11.44 26.60 -23.48
CA SER D 179 12.03 26.90 -22.18
C SER D 179 13.41 26.32 -21.99
N GLN D 180 13.98 26.58 -20.82
CA GLN D 180 15.32 26.10 -20.47
C GLN D 180 15.30 25.51 -19.05
N GLU D 181 16.22 24.60 -18.79
CA GLU D 181 16.29 23.93 -17.50
C GLU D 181 17.74 23.67 -17.11
N GLY D 182 17.97 23.45 -15.83
CA GLY D 182 19.32 23.16 -15.36
C GLY D 182 19.48 21.66 -15.31
N ASN D 183 20.69 21.19 -15.03
CA ASN D 183 20.90 19.75 -14.94
C ASN D 183 20.19 19.13 -13.73
N THR D 184 19.82 17.86 -13.83
CA THR D 184 19.18 17.19 -12.72
C THR D 184 20.23 16.94 -11.65
N MET D 185 19.91 17.26 -10.41
CA MET D 185 20.86 17.10 -9.32
C MET D 185 20.47 16.02 -8.31
N LYS D 186 21.46 15.27 -7.86
CA LYS D 186 21.20 14.23 -6.88
C LYS D 186 21.22 14.90 -5.51
N THR D 187 20.38 14.39 -4.61
CA THR D 187 20.29 14.93 -3.27
C THR D 187 20.01 13.82 -2.27
N ASN D 188 21.04 13.04 -1.97
CA ASN D 188 20.90 11.93 -1.03
C ASN D 188 19.87 10.93 -1.57
N ASP D 189 20.30 10.06 -2.47
CA ASP D 189 19.44 9.06 -3.09
C ASP D 189 18.03 9.52 -3.47
N THR D 190 17.97 10.72 -4.03
CA THR D 190 16.74 11.31 -4.52
C THR D 190 17.26 12.49 -5.34
N TYR D 191 16.49 12.96 -6.32
CA TYR D 191 16.97 14.06 -7.17
C TYR D 191 16.05 15.27 -7.27
N MET D 192 16.57 16.33 -7.85
CA MET D 192 15.82 17.57 -8.06
C MET D 192 16.15 18.14 -9.42
N LYS D 193 15.35 19.10 -9.88
CA LYS D 193 15.58 19.71 -11.19
C LYS D 193 14.65 20.88 -11.31
N PHE D 194 15.06 21.90 -12.05
CA PHE D 194 14.18 23.05 -12.21
C PHE D 194 14.13 23.53 -13.64
N SER D 195 12.99 24.10 -14.00
CA SER D 195 12.78 24.59 -15.35
C SER D 195 12.22 26.00 -15.24
N TRP D 196 12.65 26.88 -16.13
CA TRP D 196 12.13 28.25 -16.10
C TRP D 196 11.79 28.70 -17.50
N LEU D 197 10.80 29.58 -17.58
CA LEU D 197 10.32 30.10 -18.86
C LEU D 197 10.07 31.60 -18.74
N THR D 198 10.56 32.34 -19.73
CA THR D 198 10.38 33.79 -19.75
C THR D 198 9.35 34.15 -20.82
N VAL D 199 8.15 34.48 -20.36
CA VAL D 199 7.05 34.84 -21.24
C VAL D 199 7.11 36.30 -21.69
N PRO D 200 6.91 36.55 -22.98
CA PRO D 200 6.95 37.90 -23.53
C PRO D 200 5.81 38.79 -23.06
N GLU D 201 5.97 40.09 -23.28
CA GLU D 201 4.99 41.11 -22.92
C GLU D 201 3.54 40.64 -23.10
N LYS D 202 3.23 40.13 -24.29
CA LYS D 202 1.89 39.66 -24.62
C LYS D 202 1.28 38.63 -23.65
N SER D 203 1.87 37.45 -23.61
CA SER D 203 1.39 36.33 -22.77
C SER D 203 1.24 36.54 -21.28
N LEU D 204 1.62 37.70 -20.76
CA LEU D 204 1.52 37.96 -19.32
C LEU D 204 0.15 37.68 -18.70
N ASP D 205 -0.90 37.96 -19.47
CA ASP D 205 -2.28 37.78 -19.02
C ASP D 205 -2.77 36.32 -19.02
N LYS D 206 -2.24 35.54 -19.96
CA LYS D 206 -2.60 34.13 -20.10
C LYS D 206 -2.22 33.31 -18.88
N GLU D 207 -2.60 32.04 -18.87
CA GLU D 207 -2.25 31.13 -17.78
C GLU D 207 -1.22 30.20 -18.40
N HIS D 208 -0.37 29.61 -17.57
CA HIS D 208 0.66 28.71 -18.06
C HIS D 208 0.74 27.45 -17.22
N ARG D 209 1.30 26.39 -17.79
CA ARG D 209 1.41 25.13 -17.07
C ARG D 209 2.79 24.47 -17.16
N CYS D 210 3.26 23.97 -16.03
CA CYS D 210 4.53 23.26 -15.93
C CYS D 210 4.11 21.80 -15.88
N ILE D 211 4.37 21.07 -16.96
CA ILE D 211 3.99 19.67 -17.05
C ILE D 211 5.15 18.71 -16.81
N VAL D 212 5.01 17.88 -15.78
CA VAL D 212 6.06 16.95 -15.42
C VAL D 212 5.71 15.49 -15.72
N ARG D 213 6.58 14.83 -16.47
CA ARG D 213 6.39 13.43 -16.82
C ARG D 213 7.41 12.62 -16.02
N HIS D 214 6.92 11.76 -15.12
CA HIS D 214 7.84 10.98 -14.30
C HIS D 214 7.27 9.62 -13.98
N GLU D 215 8.12 8.61 -13.90
CA GLU D 215 7.64 7.27 -13.62
C GLU D 215 6.80 7.15 -12.36
N ASN D 216 7.04 8.02 -11.38
CA ASN D 216 6.29 7.90 -10.15
C ASN D 216 5.31 9.00 -9.76
N ASN D 217 4.85 9.79 -10.72
CA ASN D 217 3.88 10.84 -10.39
C ASN D 217 2.68 10.13 -9.79
N LYS D 218 1.88 10.85 -9.03
CA LYS D 218 0.70 10.25 -8.42
C LYS D 218 -0.22 9.75 -9.53
N ASN D 219 -0.75 8.54 -9.36
CA ASN D 219 -1.67 7.95 -10.33
C ASN D 219 -1.04 7.49 -11.64
N GLY D 220 0.26 7.70 -11.80
CA GLY D 220 0.96 7.29 -13.00
C GLY D 220 0.70 8.14 -14.23
N VAL D 221 0.26 9.37 -14.02
CA VAL D 221 -0.02 10.29 -15.12
C VAL D 221 0.79 11.57 -15.00
N ASP D 222 0.95 12.28 -16.12
CA ASP D 222 1.70 13.53 -16.12
C ASP D 222 1.18 14.43 -15.00
N GLN D 223 2.10 15.17 -14.39
CA GLN D 223 1.76 16.10 -13.33
C GLN D 223 1.59 17.45 -14.02
N GLU D 224 0.43 18.07 -13.81
CA GLU D 224 0.15 19.35 -14.43
C GLU D 224 0.21 20.43 -13.36
N ILE D 225 1.28 21.22 -13.39
CA ILE D 225 1.49 22.28 -12.44
C ILE D 225 0.96 23.60 -12.98
N ILE D 226 0.01 24.17 -12.25
CA ILE D 226 -0.66 25.39 -12.65
C ILE D 226 -0.01 26.69 -12.22
N PHE D 227 0.39 27.48 -13.21
CA PHE D 227 1.03 28.76 -12.96
C PHE D 227 0.06 29.91 -13.22
N PRO D 228 -0.33 30.64 -12.17
CA PRO D 228 -1.24 31.78 -12.28
C PRO D 228 -0.83 32.73 -13.40
N PRO D 229 -1.75 33.59 -13.85
CA PRO D 229 -1.47 34.56 -14.92
C PRO D 229 -0.58 35.71 -14.45
N ILE D 230 -1.17 36.88 -14.30
CA ILE D 230 -0.45 38.06 -13.83
C ILE D 230 0.75 38.40 -14.71
N ALA E 1 -2.22 8.28 37.62
CA ALA E 1 -1.92 8.33 39.08
C ALA E 1 -2.00 6.92 39.68
N ILE E 2 -3.19 6.35 39.68
CA ILE E 2 -3.38 5.01 40.20
C ILE E 2 -3.44 4.05 39.02
N GLU E 3 -2.81 2.88 39.16
CA GLU E 3 -2.75 1.91 38.07
C GLU E 3 -2.61 0.48 38.57
N LEU E 4 -3.22 -0.47 37.86
CA LEU E 4 -3.13 -1.89 38.22
C LEU E 4 -2.35 -2.59 37.14
N VAL E 5 -1.41 -3.42 37.56
CA VAL E 5 -0.57 -4.14 36.61
C VAL E 5 -0.52 -5.62 36.91
N PRO E 6 -0.97 -6.46 35.97
CA PRO E 6 -0.94 -7.89 36.20
C PRO E 6 0.49 -8.41 36.27
N GLU E 7 0.69 -9.50 36.99
CA GLU E 7 2.01 -10.09 37.12
C GLU E 7 2.55 -10.52 35.76
N HIS E 8 1.78 -11.32 35.03
CA HIS E 8 2.22 -11.78 33.71
C HIS E 8 1.12 -11.53 32.69
N GLN E 9 1.52 -11.35 31.43
CA GLN E 9 0.53 -11.12 30.37
C GLN E 9 -0.18 -12.44 30.12
N THR E 10 0.61 -13.49 29.98
CA THR E 10 0.07 -14.81 29.74
C THR E 10 0.49 -15.71 30.89
N VAL E 11 -0.40 -16.58 31.32
CA VAL E 11 -0.10 -17.49 32.41
C VAL E 11 -0.66 -18.83 32.02
N PRO E 12 0.18 -19.74 31.54
CA PRO E 12 -0.29 -21.07 31.13
C PRO E 12 -0.55 -21.94 32.36
N VAL E 13 -1.57 -22.78 32.25
CA VAL E 13 -1.96 -23.68 33.33
C VAL E 13 -2.35 -25.04 32.81
N SER E 14 -2.29 -26.03 33.69
CA SER E 14 -2.63 -27.41 33.32
C SER E 14 -3.90 -27.80 34.06
N ILE E 15 -4.75 -28.58 33.41
CA ILE E 15 -5.99 -29.02 34.04
C ILE E 15 -5.77 -29.65 35.41
N GLY E 16 -6.67 -29.36 36.34
CA GLY E 16 -6.57 -29.92 37.68
C GLY E 16 -5.41 -29.42 38.55
N VAL E 17 -4.51 -28.64 37.96
CA VAL E 17 -3.35 -28.13 38.66
C VAL E 17 -3.52 -26.68 39.11
N PRO E 18 -3.71 -26.46 40.41
CA PRO E 18 -3.88 -25.12 41.00
C PRO E 18 -2.90 -24.09 40.49
N ALA E 19 -3.44 -22.92 40.11
CA ALA E 19 -2.62 -21.82 39.61
C ALA E 19 -3.16 -20.52 40.18
N THR E 20 -2.29 -19.53 40.37
CA THR E 20 -2.71 -18.25 40.92
C THR E 20 -2.40 -17.07 40.02
N LEU E 21 -3.31 -16.10 39.97
CA LEU E 21 -3.14 -14.92 39.17
C LEU E 21 -2.94 -13.79 40.15
N ARG E 22 -1.97 -12.93 39.87
CA ARG E 22 -1.71 -11.80 40.75
C ARG E 22 -1.79 -10.52 39.93
N CYS E 23 -1.96 -9.41 40.63
CA CYS E 23 -2.11 -8.12 39.99
C CYS E 23 -1.77 -7.07 41.04
N SER E 24 -0.72 -6.30 40.79
CA SER E 24 -0.27 -5.27 41.71
C SER E 24 -0.78 -3.87 41.42
N MET E 25 -0.99 -3.09 42.47
CA MET E 25 -1.44 -1.73 42.31
C MET E 25 -0.20 -0.85 42.44
N LYS E 26 -0.18 0.25 41.70
CA LYS E 26 0.94 1.21 41.73
C LYS E 26 0.34 2.61 41.74
N GLY E 27 0.40 3.27 42.90
CA GLY E 27 -0.14 4.62 42.99
C GLY E 27 -0.75 4.93 44.33
N GLU E 28 -1.12 3.89 45.07
CA GLU E 28 -1.74 4.09 46.38
C GLU E 28 -1.92 2.76 47.11
N ALA E 29 -2.46 2.83 48.32
CA ALA E 29 -2.68 1.64 49.12
C ALA E 29 -3.89 0.85 48.62
N ILE E 30 -3.66 -0.41 48.28
CA ILE E 30 -4.70 -1.30 47.79
C ILE E 30 -5.83 -1.49 48.81
N GLY E 31 -5.65 -0.93 50.00
CA GLY E 31 -6.65 -1.06 51.05
C GLY E 31 -7.75 -0.01 50.97
N ASN E 32 -7.47 1.11 50.31
CA ASN E 32 -8.46 2.17 50.18
C ASN E 32 -9.39 1.90 49.01
N TYR E 33 -9.19 0.75 48.38
CA TYR E 33 -9.99 0.35 47.24
C TYR E 33 -10.58 -1.04 47.41
N TYR E 34 -11.70 -1.30 46.75
CA TYR E 34 -12.32 -2.62 46.77
C TYR E 34 -11.81 -3.28 45.49
N ILE E 35 -11.21 -4.46 45.60
CA ILE E 35 -10.70 -5.14 44.41
C ILE E 35 -11.68 -6.18 43.86
N ASN E 36 -11.78 -6.21 42.54
CA ASN E 36 -12.68 -7.11 41.86
C ASN E 36 -11.95 -7.89 40.78
N TRP E 37 -12.46 -9.07 40.44
CA TRP E 37 -11.86 -9.87 39.38
C TRP E 37 -12.94 -10.27 38.39
N TYR E 38 -12.66 -10.03 37.12
CA TYR E 38 -13.60 -10.36 36.05
C TYR E 38 -12.82 -11.22 35.05
N ARG E 39 -13.53 -11.93 34.19
CA ARG E 39 -12.84 -12.72 33.20
C ARG E 39 -13.62 -12.78 31.89
N LYS E 40 -12.92 -13.07 30.82
CA LYS E 40 -13.51 -13.20 29.50
C LYS E 40 -13.11 -14.57 28.94
N THR E 41 -14.10 -15.45 28.75
CA THR E 41 -13.85 -16.78 28.22
C THR E 41 -14.71 -16.95 26.98
N GLN E 42 -14.44 -17.97 26.16
CA GLN E 42 -15.25 -18.15 24.97
C GLN E 42 -16.68 -18.40 25.43
N GLY E 43 -17.61 -17.75 24.76
CA GLY E 43 -19.01 -17.91 25.13
C GLY E 43 -19.41 -16.80 26.06
N ASN E 44 -19.03 -16.93 27.33
CA ASN E 44 -19.36 -15.92 28.32
C ASN E 44 -18.32 -14.79 28.37
N THR E 45 -18.76 -13.56 28.13
CA THR E 45 -17.85 -12.42 28.13
C THR E 45 -18.00 -11.48 29.33
N MET E 46 -16.85 -11.02 29.83
CA MET E 46 -16.77 -10.12 30.97
C MET E 46 -17.73 -10.53 32.06
N THR E 47 -17.41 -11.61 32.75
CA THR E 47 -18.24 -12.12 33.82
C THR E 47 -17.59 -11.76 35.15
N PHE E 48 -18.42 -11.52 36.17
CA PHE E 48 -17.92 -11.16 37.50
C PHE E 48 -17.43 -12.41 38.27
N ILE E 49 -16.24 -12.33 38.85
CA ILE E 49 -15.71 -13.48 39.58
C ILE E 49 -15.64 -13.23 41.08
N TYR E 50 -14.93 -12.18 41.48
CA TYR E 50 -14.78 -11.88 42.90
C TYR E 50 -14.77 -10.40 43.25
N ARG E 51 -15.26 -10.08 44.45
CA ARG E 51 -15.27 -8.71 44.94
C ARG E 51 -14.78 -8.75 46.38
N GLU E 52 -14.01 -7.74 46.78
CA GLU E 52 -13.43 -7.65 48.12
C GLU E 52 -14.29 -8.18 49.26
N LYS E 53 -13.78 -9.23 49.90
CA LYS E 53 -14.42 -9.90 51.04
C LYS E 53 -15.48 -10.94 50.68
N ASP E 54 -15.04 -12.18 50.52
CA ASP E 54 -15.94 -13.31 50.23
C ASP E 54 -17.09 -13.13 49.25
N ILE E 55 -16.99 -12.19 48.30
CA ILE E 55 -18.07 -12.05 47.33
C ILE E 55 -17.73 -12.79 46.03
N TYR E 56 -18.56 -13.76 45.68
CA TYR E 56 -18.34 -14.58 44.49
C TYR E 56 -19.52 -14.59 43.55
N GLY E 57 -19.25 -14.79 42.27
CA GLY E 57 -20.33 -14.84 41.31
C GLY E 57 -20.87 -16.25 41.30
N PRO E 58 -22.07 -16.47 40.73
CA PRO E 58 -22.65 -17.82 40.71
C PRO E 58 -21.70 -18.88 40.15
N GLY E 59 -21.31 -19.82 41.01
CA GLY E 59 -20.43 -20.89 40.57
C GLY E 59 -18.94 -20.60 40.59
N PHE E 60 -18.52 -19.54 41.25
CA PHE E 60 -17.09 -19.24 41.29
C PHE E 60 -16.47 -19.51 42.64
N LYS E 61 -17.30 -19.63 43.67
CA LYS E 61 -16.82 -19.88 45.02
C LYS E 61 -16.11 -21.22 45.13
N ASP E 62 -16.69 -22.23 44.49
CA ASP E 62 -16.16 -23.59 44.51
C ASP E 62 -14.77 -23.72 43.89
N ASN E 63 -14.60 -23.21 42.67
CA ASN E 63 -13.34 -23.31 41.95
C ASN E 63 -12.33 -22.19 42.18
N PHE E 64 -12.80 -20.97 42.42
CA PHE E 64 -11.87 -19.84 42.61
C PHE E 64 -11.76 -19.35 44.05
N GLN E 65 -10.71 -18.60 44.34
CA GLN E 65 -10.51 -18.05 45.68
C GLN E 65 -9.74 -16.74 45.65
N GLY E 66 -10.45 -15.65 45.90
CA GLY E 66 -9.82 -14.33 45.89
C GLY E 66 -9.21 -13.98 47.24
N ASP E 67 -8.25 -13.06 47.22
CA ASP E 67 -7.59 -12.64 48.44
C ASP E 67 -6.70 -11.44 48.14
N ILE E 68 -6.30 -10.72 49.17
CA ILE E 68 -5.45 -9.55 48.99
C ILE E 68 -4.22 -9.70 49.86
N ASP E 69 -3.06 -9.37 49.31
CA ASP E 69 -1.79 -9.45 50.01
C ASP E 69 -1.32 -8.03 50.31
N ILE E 70 -1.91 -7.45 51.35
CA ILE E 70 -1.60 -6.08 51.73
C ILE E 70 -0.11 -5.79 51.86
N ALA E 71 0.68 -6.83 52.12
CA ALA E 71 2.11 -6.63 52.27
C ALA E 71 2.64 -5.75 51.12
N LYS E 72 2.20 -6.00 49.89
CA LYS E 72 2.66 -5.18 48.79
C LYS E 72 1.58 -4.91 47.74
N ASN E 73 0.59 -4.10 48.14
CA ASN E 73 -0.55 -3.72 47.29
C ASN E 73 -0.87 -4.68 46.14
N LEU E 74 -1.01 -5.95 46.47
CA LEU E 74 -1.27 -6.97 45.49
C LEU E 74 -2.64 -7.62 45.64
N ALA E 75 -3.25 -7.93 44.50
CA ALA E 75 -4.55 -8.57 44.49
C ALA E 75 -4.32 -9.95 43.89
N VAL E 76 -4.84 -10.98 44.55
CA VAL E 76 -4.64 -12.32 44.06
C VAL E 76 -5.93 -13.09 43.84
N LEU E 77 -5.88 -14.00 42.87
CA LEU E 77 -7.02 -14.83 42.56
C LEU E 77 -6.42 -16.20 42.26
N LYS E 78 -6.73 -17.19 43.08
CA LYS E 78 -6.20 -18.53 42.86
C LYS E 78 -7.23 -19.42 42.20
N ILE E 79 -6.81 -20.11 41.15
CA ILE E 79 -7.70 -21.02 40.45
C ILE E 79 -7.29 -22.37 41.01
N LEU E 80 -8.23 -23.04 41.67
CA LEU E 80 -7.95 -24.32 42.29
C LEU E 80 -7.91 -25.49 41.31
N ALA E 81 -8.98 -25.67 40.53
CA ALA E 81 -9.02 -26.77 39.57
C ALA E 81 -9.32 -26.29 38.16
N PRO E 82 -8.31 -25.80 37.46
CA PRO E 82 -8.48 -25.31 36.09
C PRO E 82 -9.14 -26.33 35.20
N SER E 83 -9.89 -25.85 34.22
CA SER E 83 -10.55 -26.71 33.26
C SER E 83 -10.62 -25.95 31.96
N GLU E 84 -11.24 -26.55 30.95
CA GLU E 84 -11.35 -25.89 29.66
C GLU E 84 -12.06 -24.54 29.84
N ARG E 85 -13.19 -24.59 30.53
CA ARG E 85 -13.99 -23.40 30.76
C ARG E 85 -13.25 -22.24 31.40
N ASP E 86 -12.09 -22.49 31.99
CA ASP E 86 -11.32 -21.43 32.65
C ASP E 86 -10.33 -20.71 31.77
N GLU E 87 -10.19 -21.10 30.51
CA GLU E 87 -9.27 -20.43 29.61
C GLU E 87 -9.88 -19.14 29.10
N GLY E 88 -9.11 -18.06 29.22
CA GLY E 88 -9.58 -16.77 28.77
C GLY E 88 -8.73 -15.68 29.38
N SER E 89 -9.26 -14.46 29.39
CA SER E 89 -8.52 -13.34 29.96
C SER E 89 -9.08 -13.04 31.35
N TYR E 90 -8.20 -12.63 32.27
CA TYR E 90 -8.64 -12.29 33.61
C TYR E 90 -8.27 -10.85 33.93
N TYR E 91 -9.25 -10.07 34.40
CA TYR E 91 -9.01 -8.66 34.71
C TYR E 91 -9.21 -8.29 36.16
N CYS E 92 -8.34 -7.43 36.69
CA CYS E 92 -8.43 -6.95 38.06
C CYS E 92 -8.86 -5.52 38.02
N ALA E 93 -9.88 -5.18 38.79
CA ALA E 93 -10.38 -3.82 38.83
C ALA E 93 -10.60 -3.36 40.26
N CYS E 94 -10.44 -2.06 40.49
CA CYS E 94 -10.62 -1.53 41.82
C CYS E 94 -11.57 -0.35 41.78
N ASP E 95 -12.23 -0.09 42.90
CA ASP E 95 -13.14 1.03 43.00
C ASP E 95 -12.99 1.67 44.36
N THR E 96 -13.17 2.97 44.42
CA THR E 96 -13.03 3.72 45.67
C THR E 96 -13.79 3.06 46.81
N LEU E 97 -13.24 3.18 48.01
CA LEU E 97 -13.84 2.60 49.21
C LEU E 97 -15.14 3.33 49.59
N GLY E 98 -15.38 4.46 48.93
CA GLY E 98 -16.59 5.22 49.20
C GLY E 98 -16.25 6.69 49.36
N MET E 99 -17.26 7.51 49.67
CA MET E 99 -17.08 8.94 49.85
C MET E 99 -18.40 9.61 50.23
N GLY E 100 -18.35 10.48 51.24
CA GLY E 100 -19.54 11.18 51.66
C GLY E 100 -19.82 12.33 50.71
N GLY E 101 -19.19 12.26 49.53
CA GLY E 101 -19.36 13.29 48.53
C GLY E 101 -19.97 12.82 47.23
N GLU E 102 -19.74 13.58 46.17
CA GLU E 102 -20.27 13.27 44.84
C GLU E 102 -19.30 12.49 43.97
N TYR E 103 -18.73 11.41 44.50
CA TYR E 103 -17.78 10.60 43.76
C TYR E 103 -18.48 9.69 42.73
N THR E 104 -17.75 9.27 41.70
CA THR E 104 -18.31 8.41 40.66
C THR E 104 -17.94 6.94 40.89
N ASP E 105 -18.95 6.08 40.92
CA ASP E 105 -18.75 4.66 41.16
C ASP E 105 -18.20 4.00 39.92
N LYS E 106 -17.03 4.43 39.47
CA LYS E 106 -16.41 3.83 38.29
C LYS E 106 -15.38 2.82 38.71
N LEU E 107 -14.99 1.98 37.78
CA LEU E 107 -13.99 0.98 38.03
C LEU E 107 -12.73 1.38 37.29
N ILE E 108 -11.59 0.99 37.82
CA ILE E 108 -10.34 1.26 37.14
C ILE E 108 -9.82 -0.13 36.92
N PHE E 109 -9.50 -0.43 35.68
CA PHE E 109 -9.02 -1.75 35.27
C PHE E 109 -7.53 -1.86 35.06
N GLY E 110 -7.05 -3.09 35.05
CA GLY E 110 -5.65 -3.35 34.79
C GLY E 110 -5.66 -4.07 33.46
N LYS E 111 -4.54 -4.15 32.76
CA LYS E 111 -4.56 -4.87 31.49
C LYS E 111 -4.84 -6.31 31.86
N GLY E 112 -5.44 -7.06 30.96
CA GLY E 112 -5.76 -8.44 31.30
C GLY E 112 -4.59 -9.38 31.23
N THR E 113 -4.74 -10.54 31.85
CA THR E 113 -3.71 -11.56 31.82
C THR E 113 -4.43 -12.79 31.25
N ARG E 114 -3.92 -13.29 30.13
CA ARG E 114 -4.52 -14.41 29.44
C ARG E 114 -4.05 -15.76 29.97
N VAL E 115 -4.98 -16.63 30.35
CA VAL E 115 -4.57 -17.94 30.83
C VAL E 115 -4.99 -18.96 29.79
N THR E 116 -4.07 -19.88 29.50
CA THR E 116 -4.29 -20.92 28.52
C THR E 116 -4.24 -22.27 29.21
N VAL E 117 -5.27 -23.06 28.97
CA VAL E 117 -5.38 -24.38 29.58
C VAL E 117 -4.98 -25.53 28.64
N GLU E 118 -4.08 -26.38 29.11
CA GLU E 118 -3.60 -27.54 28.36
C GLU E 118 -3.73 -28.75 29.30
N PRO E 119 -4.21 -29.91 28.79
CA PRO E 119 -4.37 -31.15 29.57
C PRO E 119 -3.17 -31.43 30.45
N ARG E 120 -3.38 -32.21 31.50
CA ARG E 120 -2.27 -32.55 32.41
C ARG E 120 -1.49 -33.77 31.97
N SER E 121 -0.20 -33.78 32.31
CA SER E 121 0.68 -34.90 31.96
C SER E 121 0.00 -36.20 32.33
N GLN E 122 -0.25 -37.05 31.32
CA GLN E 122 -0.93 -38.32 31.51
C GLN E 122 -0.42 -39.33 30.50
N PRO E 123 -0.87 -40.58 30.60
CA PRO E 123 -0.40 -41.57 29.63
C PRO E 123 -1.02 -41.29 28.26
N HIS E 124 -0.34 -41.68 27.19
CA HIS E 124 -0.81 -41.47 25.83
C HIS E 124 -2.10 -42.15 25.42
N THR E 125 -2.66 -41.73 24.28
CA THR E 125 -3.88 -42.32 23.78
C THR E 125 -3.97 -42.24 22.28
N LYS E 126 -4.10 -43.39 21.63
CA LYS E 126 -4.24 -43.43 20.18
C LYS E 126 -5.61 -42.83 19.89
N PRO E 127 -5.70 -41.94 18.90
CA PRO E 127 -6.99 -41.33 18.60
C PRO E 127 -7.86 -42.11 17.62
N SER E 128 -9.11 -41.70 17.52
CA SER E 128 -10.06 -42.31 16.60
C SER E 128 -10.15 -41.25 15.52
N VAL E 129 -10.46 -41.65 14.29
CA VAL E 129 -10.53 -40.67 13.21
C VAL E 129 -11.73 -40.84 12.31
N PHE E 130 -12.55 -39.80 12.22
CA PHE E 130 -13.73 -39.85 11.39
C PHE E 130 -13.74 -38.70 10.41
N VAL E 131 -14.55 -38.81 9.38
CA VAL E 131 -14.60 -37.78 8.36
C VAL E 131 -16.01 -37.56 7.83
N MET E 132 -16.49 -36.33 7.94
CA MET E 132 -17.82 -35.96 7.48
C MET E 132 -17.71 -35.05 6.26
N LYS E 133 -18.65 -35.13 5.33
CA LYS E 133 -18.55 -34.32 4.11
C LYS E 133 -19.81 -33.55 3.71
N ASN E 134 -19.66 -32.77 2.65
CA ASN E 134 -20.74 -31.97 2.08
C ASN E 134 -20.24 -31.24 0.83
N GLY E 135 -20.19 -31.97 -0.28
CA GLY E 135 -19.77 -31.42 -1.57
C GLY E 135 -18.46 -30.65 -1.54
N THR E 136 -17.38 -31.35 -1.87
CA THR E 136 -16.03 -30.78 -1.87
C THR E 136 -15.60 -30.41 -0.46
N ASN E 137 -16.57 -30.28 0.44
CA ASN E 137 -16.25 -29.94 1.80
C ASN E 137 -16.03 -31.20 2.60
N VAL E 138 -14.80 -31.38 3.07
CA VAL E 138 -14.48 -32.55 3.87
C VAL E 138 -13.81 -32.12 5.16
N ALA E 139 -14.23 -32.72 6.26
CA ALA E 139 -13.67 -32.38 7.56
C ALA E 139 -13.21 -33.61 8.30
N CYS E 140 -11.99 -33.58 8.80
CA CYS E 140 -11.48 -34.72 9.54
C CYS E 140 -11.74 -34.49 11.03
N LEU E 141 -12.21 -35.52 11.72
CA LEU E 141 -12.52 -35.39 13.13
C LEU E 141 -11.74 -36.36 14.02
N VAL E 142 -10.65 -35.90 14.58
CA VAL E 142 -9.82 -36.74 15.42
C VAL E 142 -10.30 -36.67 16.87
N LYS E 143 -10.74 -37.81 17.42
CA LYS E 143 -11.24 -37.84 18.79
C LYS E 143 -10.38 -38.55 19.84
N GLU E 144 -10.30 -37.94 21.02
CA GLU E 144 -9.58 -38.50 22.15
C GLU E 144 -8.15 -38.95 21.95
N PHE E 145 -7.19 -38.03 22.10
CA PHE E 145 -5.79 -38.38 21.95
C PHE E 145 -4.89 -37.52 22.82
N TYR E 146 -3.70 -38.03 23.11
CA TYR E 146 -2.71 -37.32 23.90
C TYR E 146 -1.38 -37.95 23.56
N PRO E 147 -0.31 -37.16 23.48
CA PRO E 147 -0.21 -35.71 23.72
C PRO E 147 -0.82 -34.81 22.63
N LYS E 148 -0.42 -33.54 22.67
CA LYS E 148 -0.91 -32.51 21.74
C LYS E 148 -0.38 -32.68 20.33
N ASP E 149 0.94 -32.83 20.18
CA ASP E 149 1.56 -32.97 18.86
C ASP E 149 0.89 -34.02 17.98
N ILE E 150 0.34 -33.59 16.84
CA ILE E 150 -0.31 -34.50 15.93
C ILE E 150 -0.28 -33.89 14.52
N ARG E 151 -0.37 -34.73 13.49
CA ARG E 151 -0.39 -34.28 12.10
C ARG E 151 -1.63 -34.87 11.47
N ILE E 152 -2.45 -34.02 10.84
CA ILE E 152 -3.69 -34.49 10.24
C ILE E 152 -3.67 -34.30 8.75
N ASN E 153 -3.90 -35.39 8.02
CA ASN E 153 -3.90 -35.36 6.56
C ASN E 153 -5.19 -35.83 5.91
N LEU E 154 -5.73 -35.02 5.01
CA LEU E 154 -6.93 -35.41 4.27
C LEU E 154 -6.38 -35.91 2.96
N VAL E 155 -6.34 -37.23 2.79
CA VAL E 155 -5.81 -37.81 1.56
C VAL E 155 -6.63 -37.34 0.39
N SER E 156 -5.98 -36.69 -0.56
CA SER E 156 -6.67 -36.19 -1.73
C SER E 156 -5.75 -35.93 -2.90
N SER E 157 -6.20 -36.29 -4.09
CA SER E 157 -5.43 -36.08 -5.30
C SER E 157 -5.55 -34.61 -5.68
N LYS E 158 -6.80 -34.17 -5.86
CA LYS E 158 -7.07 -32.79 -6.24
C LYS E 158 -7.65 -32.00 -5.08
N LYS E 159 -6.87 -31.09 -4.49
CA LYS E 159 -7.41 -30.30 -3.38
C LYS E 159 -7.49 -28.81 -3.70
N ILE E 160 -8.63 -28.22 -3.35
CA ILE E 160 -8.90 -26.81 -3.59
C ILE E 160 -8.18 -25.96 -2.54
N THR E 161 -8.58 -26.11 -1.27
CA THR E 161 -7.93 -25.37 -0.17
C THR E 161 -8.05 -26.15 1.14
N GLU E 162 -7.16 -25.82 2.07
CA GLU E 162 -7.17 -26.46 3.37
C GLU E 162 -7.00 -25.42 4.45
N PHE E 163 -7.78 -25.53 5.52
CA PHE E 163 -7.73 -24.56 6.61
C PHE E 163 -7.00 -25.07 7.84
N ASP E 164 -6.51 -24.15 8.66
CA ASP E 164 -5.80 -24.47 9.87
C ASP E 164 -6.63 -25.38 10.75
N PRO E 165 -6.03 -26.44 11.30
CA PRO E 165 -6.80 -27.32 12.15
C PRO E 165 -7.05 -26.69 13.50
N ALA E 166 -7.81 -27.37 14.34
CA ALA E 166 -8.11 -26.86 15.66
C ALA E 166 -7.94 -27.99 16.66
N ILE E 167 -7.08 -27.77 17.65
CA ILE E 167 -6.86 -28.77 18.67
C ILE E 167 -7.57 -28.20 19.91
N VAL E 168 -8.40 -29.04 20.52
CA VAL E 168 -9.20 -28.64 21.67
C VAL E 168 -9.13 -29.67 22.80
N ILE E 169 -9.49 -29.26 24.00
CA ILE E 169 -9.49 -30.18 25.13
C ILE E 169 -10.79 -30.96 25.13
N SER E 170 -10.71 -32.27 25.29
CA SER E 170 -11.91 -33.09 25.27
C SER E 170 -12.59 -33.16 26.63
N PRO E 171 -13.83 -33.65 26.66
CA PRO E 171 -14.54 -33.77 27.94
C PRO E 171 -13.77 -34.70 28.86
N SER E 172 -13.06 -35.65 28.26
CA SER E 172 -12.27 -36.62 29.01
C SER E 172 -10.95 -36.03 29.49
N GLY E 173 -10.77 -34.73 29.24
CA GLY E 173 -9.54 -34.07 29.66
C GLY E 173 -8.38 -34.36 28.72
N LYS E 174 -8.69 -34.88 27.54
CA LYS E 174 -7.68 -35.20 26.56
C LYS E 174 -7.71 -34.18 25.42
N TYR E 175 -7.70 -34.64 24.18
CA TYR E 175 -7.73 -33.73 23.03
C TYR E 175 -8.63 -34.22 21.93
N ASN E 176 -9.12 -33.29 21.12
CA ASN E 176 -9.94 -33.59 19.96
C ASN E 176 -9.43 -32.62 18.92
N ALA E 177 -9.75 -32.84 17.66
CA ALA E 177 -9.25 -31.91 16.65
C ALA E 177 -10.08 -31.98 15.40
N VAL E 178 -10.10 -30.90 14.63
CA VAL E 178 -10.87 -30.89 13.40
C VAL E 178 -10.05 -30.17 12.37
N LYS E 179 -10.12 -30.63 11.12
CA LYS E 179 -9.40 -30.01 10.02
C LYS E 179 -10.33 -30.00 8.82
N LEU E 180 -10.53 -28.83 8.23
CA LEU E 180 -11.42 -28.69 7.08
C LEU E 180 -10.71 -28.31 5.82
N GLY E 181 -11.23 -28.81 4.71
CA GLY E 181 -10.61 -28.49 3.44
C GLY E 181 -11.62 -28.66 2.34
N LYS E 182 -11.30 -28.12 1.16
CA LYS E 182 -12.18 -28.22 0.00
C LYS E 182 -11.46 -29.09 -1.01
N TYR E 183 -12.16 -30.09 -1.51
CA TYR E 183 -11.55 -31.02 -2.45
C TYR E 183 -12.43 -31.46 -3.62
N GLU E 184 -11.85 -31.55 -4.81
CA GLU E 184 -12.58 -32.00 -6.00
C GLU E 184 -13.11 -33.43 -5.83
N ASP E 185 -12.21 -34.36 -5.50
CA ASP E 185 -12.57 -35.76 -5.32
C ASP E 185 -13.05 -36.03 -3.90
N SER E 186 -13.74 -35.06 -3.34
CA SER E 186 -14.25 -35.16 -1.98
C SER E 186 -14.94 -36.48 -1.65
N ASN E 187 -15.62 -37.07 -2.62
CA ASN E 187 -16.33 -38.32 -2.40
C ASN E 187 -15.42 -39.48 -1.99
N SER E 188 -14.17 -39.45 -2.43
CA SER E 188 -13.23 -40.51 -2.11
C SER E 188 -12.29 -40.13 -0.99
N VAL E 189 -12.13 -38.83 -0.76
CA VAL E 189 -11.24 -38.33 0.28
C VAL E 189 -11.37 -39.07 1.61
N THR E 190 -10.21 -39.31 2.23
CA THR E 190 -10.17 -39.96 3.54
C THR E 190 -9.17 -39.24 4.42
N CYS E 191 -9.18 -39.55 5.70
CA CYS E 191 -8.28 -38.87 6.61
C CYS E 191 -7.33 -39.81 7.32
N SER E 192 -6.06 -39.43 7.33
CA SER E 192 -5.04 -40.24 7.98
C SER E 192 -4.29 -39.33 8.94
N VAL E 193 -4.04 -39.85 10.13
CA VAL E 193 -3.37 -39.10 11.16
C VAL E 193 -2.06 -39.72 11.63
N GLN E 194 -1.10 -38.87 12.00
CA GLN E 194 0.16 -39.37 12.51
C GLN E 194 0.22 -38.90 13.94
N HIS E 195 0.25 -39.82 14.89
CA HIS E 195 0.25 -39.44 16.30
C HIS E 195 0.98 -40.44 17.19
N ASP E 196 1.85 -39.94 18.04
CA ASP E 196 2.62 -40.79 18.95
C ASP E 196 3.31 -41.88 18.12
N ASN E 197 3.91 -41.48 17.01
CA ASN E 197 4.61 -42.38 16.11
C ASN E 197 3.72 -43.44 15.48
N LYS E 198 2.41 -43.29 15.62
CA LYS E 198 1.51 -44.24 15.03
C LYS E 198 0.75 -43.62 13.86
N THR E 199 0.06 -44.45 13.08
CA THR E 199 -0.69 -43.94 11.94
C THR E 199 -2.13 -44.46 12.03
N VAL E 200 -3.07 -43.55 12.18
CA VAL E 200 -4.47 -43.95 12.27
C VAL E 200 -5.22 -43.48 11.03
N HIS E 201 -6.05 -44.35 10.48
CA HIS E 201 -6.80 -44.02 9.28
C HIS E 201 -8.30 -43.90 9.55
N SER E 202 -8.98 -43.11 8.72
CA SER E 202 -10.41 -42.95 8.86
C SER E 202 -11.04 -44.30 8.52
N THR E 203 -10.38 -45.00 7.59
CA THR E 203 -10.81 -46.31 7.11
C THR E 203 -10.58 -47.41 8.13
N ASP E 204 -9.79 -47.12 9.16
CA ASP E 204 -9.52 -48.11 10.19
C ASP E 204 -10.78 -48.31 11.03
N PHE E 205 -11.86 -47.64 10.65
CA PHE E 205 -13.12 -47.74 11.39
C PHE E 205 -14.33 -47.99 10.50
N GLU E 206 -14.09 -48.53 9.30
CA GLU E 206 -15.17 -48.81 8.35
C GLU E 206 -15.10 -50.27 7.83
N ALA F 1 -29.23 -11.59 39.38
CA ALA F 1 -30.41 -12.22 38.73
C ALA F 1 -30.56 -11.68 37.32
N GLY F 2 -30.56 -10.36 37.21
CA GLY F 2 -30.68 -9.71 35.92
C GLY F 2 -29.38 -9.71 35.13
N HIS F 3 -29.42 -9.12 33.94
CA HIS F 3 -28.24 -9.07 33.08
C HIS F 3 -28.42 -7.98 32.02
N LEU F 4 -27.31 -7.57 31.43
CA LEU F 4 -27.34 -6.54 30.39
C LEU F 4 -27.12 -7.16 29.01
N GLU F 5 -27.86 -6.69 28.01
CA GLU F 5 -27.69 -7.22 26.68
C GLU F 5 -27.23 -6.11 25.72
N GLN F 6 -26.34 -6.48 24.81
CA GLN F 6 -25.82 -5.57 23.79
C GLN F 6 -25.89 -6.42 22.52
N PRO F 7 -27.04 -6.39 21.85
CA PRO F 7 -27.36 -7.12 20.62
C PRO F 7 -26.33 -6.92 19.50
N GLN F 8 -25.85 -5.70 19.37
CA GLN F 8 -24.87 -5.38 18.34
C GLN F 8 -23.53 -6.03 18.64
N ILE F 9 -23.24 -7.16 18.00
CA ILE F 9 -21.94 -7.82 18.24
C ILE F 9 -20.86 -6.80 17.87
N SER F 10 -21.15 -6.06 16.81
CA SER F 10 -20.23 -5.04 16.36
C SER F 10 -21.04 -4.08 15.55
N SER F 11 -20.50 -2.89 15.36
CA SER F 11 -21.15 -1.85 14.56
C SER F 11 -20.07 -1.30 13.65
N THR F 12 -20.22 -1.52 12.34
CA THR F 12 -19.25 -1.05 11.37
C THR F 12 -19.71 0.27 10.78
N LYS F 13 -18.86 1.28 10.84
CA LYS F 13 -19.21 2.59 10.29
C LYS F 13 -18.03 3.15 9.51
N THR F 14 -18.29 4.05 8.55
CA THR F 14 -17.21 4.67 7.80
C THR F 14 -16.93 6.04 8.43
N LEU F 15 -15.74 6.56 8.24
CA LEU F 15 -15.39 7.85 8.85
C LEU F 15 -16.45 8.93 8.77
N SER F 16 -16.45 9.81 9.77
CA SER F 16 -17.38 10.94 9.81
C SER F 16 -18.79 10.55 10.20
N LYS F 17 -19.10 9.27 10.08
CA LYS F 17 -20.44 8.77 10.44
C LYS F 17 -20.66 8.85 11.95
N THR F 18 -21.90 8.65 12.36
CA THR F 18 -22.23 8.67 13.77
C THR F 18 -22.82 7.34 14.19
N ALA F 19 -22.18 6.70 15.17
CA ALA F 19 -22.62 5.40 15.66
C ALA F 19 -23.53 5.46 16.90
N ARG F 20 -24.40 4.47 17.02
CA ARG F 20 -25.34 4.38 18.14
C ARG F 20 -25.34 2.96 18.67
N LEU F 21 -24.73 2.77 19.83
CA LEU F 21 -24.62 1.47 20.47
C LEU F 21 -25.65 1.35 21.57
N GLU F 22 -26.46 0.29 21.55
CA GLU F 22 -27.50 0.07 22.54
C GLU F 22 -27.15 -0.94 23.63
N CYS F 23 -27.81 -0.78 24.77
CA CYS F 23 -27.66 -1.63 25.95
C CYS F 23 -29.06 -1.79 26.50
N VAL F 24 -29.55 -3.01 26.59
CA VAL F 24 -30.88 -3.22 27.12
C VAL F 24 -30.80 -4.04 28.39
N VAL F 25 -31.35 -3.49 29.48
CA VAL F 25 -31.32 -4.19 30.74
C VAL F 25 -32.62 -4.95 30.99
N SER F 26 -32.52 -6.03 31.75
CA SER F 26 -33.67 -6.85 32.08
C SER F 26 -33.34 -7.51 33.41
N GLY F 27 -34.37 -7.86 34.17
CA GLY F 27 -34.13 -8.49 35.46
C GLY F 27 -33.76 -7.41 36.45
N ILE F 28 -33.77 -6.17 35.97
CA ILE F 28 -33.46 -5.00 36.80
C ILE F 28 -34.30 -3.85 36.26
N THR F 29 -34.48 -2.81 37.08
CA THR F 29 -35.25 -1.64 36.64
C THR F 29 -34.38 -0.39 36.54
N ILE F 30 -34.33 0.17 35.34
CA ILE F 30 -33.55 1.35 35.00
C ILE F 30 -33.49 2.51 35.99
N SER F 31 -34.48 3.40 35.91
CA SER F 31 -34.59 4.60 36.74
C SER F 31 -34.14 4.58 38.21
N ALA F 32 -33.92 3.41 38.78
CA ALA F 32 -33.49 3.32 40.17
C ALA F 32 -31.96 3.40 40.32
N THR F 33 -31.26 2.90 39.30
CA THR F 33 -29.79 2.88 39.30
C THR F 33 -29.21 3.58 38.07
N SER F 34 -27.88 3.66 38.02
CA SER F 34 -27.18 4.33 36.93
C SER F 34 -26.55 3.38 35.93
N VAL F 35 -26.64 3.76 34.65
CA VAL F 35 -26.09 2.98 33.55
C VAL F 35 -24.73 3.57 33.19
N TYR F 36 -23.69 2.74 33.19
CA TYR F 36 -22.32 3.17 32.88
C TYR F 36 -21.88 2.68 31.50
N TRP F 37 -20.90 3.36 30.91
CA TRP F 37 -20.37 2.94 29.62
C TRP F 37 -18.84 2.99 29.61
N TYR F 38 -18.23 1.83 29.42
CA TYR F 38 -16.78 1.71 29.39
C TYR F 38 -16.24 1.50 27.98
N ARG F 39 -15.04 1.99 27.73
CA ARG F 39 -14.40 1.88 26.42
C ARG F 39 -13.05 1.16 26.48
N GLU F 40 -12.90 0.15 25.64
CA GLU F 40 -11.68 -0.64 25.63
C GLU F 40 -10.96 -0.50 24.32
N ARG F 41 -10.11 0.51 24.22
CA ARG F 41 -9.32 0.81 23.02
C ARG F 41 -8.40 -0.38 22.74
N PRO F 42 -8.05 -0.61 21.48
CA PRO F 42 -7.17 -1.75 21.23
C PRO F 42 -5.81 -1.48 21.86
N GLY F 43 -5.29 -2.46 22.58
CA GLY F 43 -4.01 -2.30 23.23
C GLY F 43 -4.18 -1.68 24.61
N GLU F 44 -5.24 -0.90 24.78
CA GLU F 44 -5.48 -0.25 26.07
C GLU F 44 -6.20 -1.11 27.12
N VAL F 45 -6.44 -0.51 28.28
CA VAL F 45 -7.11 -1.18 29.37
C VAL F 45 -8.55 -0.68 29.34
N ILE F 46 -9.50 -1.46 29.85
CA ILE F 46 -10.90 -1.04 29.88
C ILE F 46 -10.97 0.25 30.71
N GLN F 47 -11.65 1.28 30.20
CA GLN F 47 -11.73 2.53 30.95
C GLN F 47 -13.12 3.19 30.94
N PHE F 48 -13.43 3.92 31.99
CA PHE F 48 -14.71 4.60 32.09
C PHE F 48 -14.85 5.60 30.97
N LEU F 49 -16.04 5.69 30.40
CA LEU F 49 -16.29 6.65 29.32
C LEU F 49 -17.29 7.69 29.79
N VAL F 50 -18.55 7.29 29.90
CA VAL F 50 -19.61 8.18 30.35
C VAL F 50 -20.60 7.38 31.15
N SER F 51 -21.50 8.07 31.82
CA SER F 51 -22.53 7.40 32.60
C SER F 51 -23.72 8.33 32.80
N ILE F 52 -24.92 7.78 32.80
CA ILE F 52 -26.11 8.60 33.01
C ILE F 52 -26.78 8.11 34.28
N SER F 53 -26.74 8.93 35.32
CA SER F 53 -27.29 8.60 36.64
C SER F 53 -28.81 8.52 36.65
N TYR F 54 -29.36 8.07 37.77
CA TYR F 54 -30.80 7.95 37.89
C TYR F 54 -31.49 9.31 37.91
N ASP F 55 -30.70 10.36 38.08
CA ASP F 55 -31.25 11.72 38.12
C ASP F 55 -31.07 12.51 36.83
N GLY F 56 -30.98 11.80 35.72
CA GLY F 56 -30.82 12.45 34.42
C GLY F 56 -29.44 13.06 34.19
N THR F 57 -28.62 13.14 35.22
CA THR F 57 -27.30 13.74 35.08
C THR F 57 -26.31 12.83 34.36
N VAL F 58 -25.41 13.45 33.60
CA VAL F 58 -24.44 12.68 32.83
C VAL F 58 -23.04 13.13 33.07
N ARG F 59 -22.19 12.22 33.49
CA ARG F 59 -20.79 12.56 33.71
C ARG F 59 -19.89 11.83 32.72
N LYS F 60 -18.83 12.49 32.27
CA LYS F 60 -17.89 11.89 31.32
C LYS F 60 -16.51 11.85 31.94
N GLU F 61 -15.74 10.82 31.59
CA GLU F 61 -14.39 10.67 32.11
C GLU F 61 -13.54 11.91 31.82
N SER F 62 -12.48 12.09 32.59
CA SER F 62 -11.60 13.23 32.40
C SER F 62 -10.98 13.17 31.02
N GLY F 63 -10.92 14.31 30.33
CA GLY F 63 -10.32 14.33 29.00
C GLY F 63 -11.26 14.14 27.83
N ILE F 64 -12.41 13.52 28.06
CA ILE F 64 -13.36 13.32 26.99
C ILE F 64 -13.65 14.68 26.36
N PRO F 65 -13.42 14.81 25.07
CA PRO F 65 -13.66 16.06 24.35
C PRO F 65 -15.11 16.46 24.27
N SER F 66 -15.36 17.69 23.87
CA SER F 66 -16.72 18.21 23.77
C SER F 66 -17.55 17.70 22.58
N GLY F 67 -18.85 17.57 22.78
CA GLY F 67 -19.75 17.12 21.74
C GLY F 67 -19.34 15.89 20.97
N LYS F 68 -18.77 14.91 21.68
CA LYS F 68 -18.34 13.68 21.04
C LYS F 68 -19.29 12.54 21.36
N PHE F 69 -19.58 12.37 22.65
CA PHE F 69 -20.45 11.31 23.11
C PHE F 69 -21.77 11.75 23.69
N GLU F 70 -22.77 10.86 23.64
CA GLU F 70 -24.09 11.15 24.21
C GLU F 70 -24.71 9.90 24.81
N VAL F 71 -25.37 10.04 25.96
CA VAL F 71 -26.00 8.91 26.62
C VAL F 71 -27.43 9.22 26.99
N ASP F 72 -28.26 8.18 26.99
CA ASP F 72 -29.65 8.37 27.40
C ASP F 72 -30.15 7.09 27.99
N ARG F 73 -31.34 7.15 28.56
CA ARG F 73 -31.94 5.97 29.15
C ARG F 73 -33.45 6.04 29.02
N ILE F 74 -34.02 5.16 28.21
CA ILE F 74 -35.44 5.13 27.99
C ILE F 74 -36.01 3.95 28.75
N PRO F 75 -36.56 4.20 29.95
CA PRO F 75 -37.16 3.23 30.87
C PRO F 75 -38.30 2.39 30.32
N GLU F 76 -39.03 2.89 29.32
CA GLU F 76 -40.13 2.12 28.76
C GLU F 76 -39.63 1.07 27.78
N THR F 77 -38.38 1.18 27.36
CA THR F 77 -37.85 0.18 26.45
C THR F 77 -36.62 -0.38 27.10
N SER F 78 -36.52 -0.11 28.40
CA SER F 78 -35.42 -0.60 29.22
C SER F 78 -34.04 -0.56 28.53
N THR F 79 -33.83 0.46 27.70
CA THR F 79 -32.58 0.57 26.96
C THR F 79 -31.81 1.88 27.09
N SER F 80 -30.48 1.78 27.14
CA SER F 80 -29.58 2.93 27.19
C SER F 80 -28.80 2.91 25.90
N THR F 81 -28.56 4.08 25.34
CA THR F 81 -27.85 4.20 24.07
C THR F 81 -26.65 5.15 24.06
N LEU F 82 -25.47 4.63 23.72
CA LEU F 82 -24.31 5.48 23.65
C LEU F 82 -24.21 5.96 22.22
N THR F 83 -24.15 7.26 22.02
CA THR F 83 -24.06 7.84 20.70
C THR F 83 -22.66 8.36 20.48
N ILE F 84 -22.04 7.99 19.38
CA ILE F 84 -20.71 8.47 19.11
C ILE F 84 -20.74 9.27 17.83
N HIS F 85 -20.59 10.58 17.96
CA HIS F 85 -20.59 11.49 16.82
C HIS F 85 -19.24 11.51 16.09
N ASN F 86 -19.29 11.92 14.82
CA ASN F 86 -18.11 12.02 13.96
C ASN F 86 -17.12 10.96 14.29
N VAL F 87 -17.56 9.72 14.14
CA VAL F 87 -16.71 8.57 14.44
C VAL F 87 -15.40 8.64 13.67
N GLU F 88 -14.32 8.15 14.25
CA GLU F 88 -13.04 8.15 13.56
C GLU F 88 -12.20 6.93 13.93
N LYS F 89 -11.03 6.79 13.32
CA LYS F 89 -10.19 5.65 13.59
C LYS F 89 -9.88 5.46 15.06
N GLN F 90 -9.60 6.54 15.77
CA GLN F 90 -9.28 6.40 17.19
C GLN F 90 -10.49 6.05 18.06
N ASP F 91 -11.64 5.81 17.43
CA ASP F 91 -12.87 5.46 18.13
C ASP F 91 -13.07 3.95 18.04
N ILE F 92 -12.19 3.29 17.31
CA ILE F 92 -12.25 1.85 17.19
C ILE F 92 -11.90 1.31 18.54
N ALA F 93 -12.82 0.55 19.11
CA ALA F 93 -12.63 -0.04 20.42
C ALA F 93 -13.86 -0.84 20.75
N THR F 94 -13.83 -1.54 21.88
CA THR F 94 -14.98 -2.30 22.31
C THR F 94 -15.63 -1.46 23.40
N TYR F 95 -16.93 -1.23 23.24
CA TYR F 95 -17.71 -0.45 24.19
C TYR F 95 -18.57 -1.36 25.05
N TYR F 96 -18.47 -1.20 26.36
CA TYR F 96 -19.21 -2.03 27.32
C TYR F 96 -20.19 -1.20 28.14
N CYS F 97 -21.34 -1.75 28.48
CA CYS F 97 -22.22 -1.00 29.36
C CYS F 97 -22.29 -1.82 30.62
N ALA F 98 -22.40 -1.14 31.76
CA ALA F 98 -22.44 -1.85 33.00
C ALA F 98 -23.24 -1.09 34.01
N LEU F 99 -23.69 -1.78 35.05
CA LEU F 99 -24.42 -1.12 36.14
C LEU F 99 -24.18 -1.90 37.42
N TRP F 100 -24.34 -1.23 38.55
CA TRP F 100 -24.14 -1.89 39.84
C TRP F 100 -25.42 -2.61 40.24
N GLU F 101 -25.28 -3.83 40.75
CA GLU F 101 -26.45 -4.58 41.19
C GLU F 101 -26.42 -4.53 42.71
N ALA F 102 -27.56 -4.22 43.31
CA ALA F 102 -27.66 -4.16 44.77
C ALA F 102 -27.96 -5.58 45.24
N GLN F 103 -27.01 -6.19 45.95
CA GLN F 103 -27.18 -7.56 46.42
C GLN F 103 -28.25 -7.78 47.50
N GLN F 104 -28.61 -9.05 47.69
CA GLN F 104 -29.62 -9.46 48.67
C GLN F 104 -29.56 -8.65 49.96
N GLU F 105 -28.35 -8.44 50.47
CA GLU F 105 -28.14 -7.65 51.69
C GLU F 105 -27.50 -6.32 51.33
N LEU F 106 -27.64 -5.33 52.21
CA LEU F 106 -27.10 -4.00 51.97
C LEU F 106 -25.60 -3.88 52.23
N GLY F 107 -25.00 -2.87 51.60
CA GLY F 107 -23.58 -2.63 51.76
C GLY F 107 -22.72 -3.39 50.75
N LYS F 108 -23.33 -4.39 50.12
CA LYS F 108 -22.64 -5.21 49.14
C LYS F 108 -23.28 -5.11 47.75
N LYS F 109 -22.51 -4.64 46.78
CA LYS F 109 -22.98 -4.48 45.41
C LYS F 109 -22.00 -5.16 44.46
N ILE F 110 -22.45 -5.39 43.23
CA ILE F 110 -21.64 -6.04 42.21
C ILE F 110 -21.77 -5.28 40.89
N LYS F 111 -20.69 -5.18 40.13
CA LYS F 111 -20.80 -4.47 38.86
C LYS F 111 -21.04 -5.43 37.69
N VAL F 112 -22.26 -5.40 37.15
CA VAL F 112 -22.64 -6.27 36.03
C VAL F 112 -22.32 -5.62 34.72
N PHE F 113 -21.63 -6.35 33.83
CA PHE F 113 -21.26 -5.83 32.51
C PHE F 113 -22.01 -6.47 31.37
N GLY F 114 -22.14 -5.71 30.27
CA GLY F 114 -22.77 -6.23 29.08
C GLY F 114 -21.70 -6.97 28.31
N PRO F 115 -22.04 -7.73 27.27
CA PRO F 115 -21.00 -8.45 26.53
C PRO F 115 -20.06 -7.56 25.74
N GLY F 116 -20.51 -6.35 25.44
CA GLY F 116 -19.68 -5.44 24.67
C GLY F 116 -20.06 -5.40 23.21
N THR F 117 -19.75 -4.29 22.56
CA THR F 117 -20.01 -4.10 21.14
C THR F 117 -18.72 -3.57 20.54
N LYS F 118 -18.30 -4.14 19.44
CA LYS F 118 -17.08 -3.66 18.82
C LYS F 118 -17.36 -2.67 17.70
N LEU F 119 -16.77 -1.48 17.81
CA LEU F 119 -16.96 -0.47 16.79
C LEU F 119 -15.87 -0.62 15.77
N ILE F 120 -16.28 -0.91 14.54
CA ILE F 120 -15.33 -1.07 13.45
C ILE F 120 -15.48 0.09 12.48
N ILE F 121 -14.37 0.74 12.17
CA ILE F 121 -14.38 1.88 11.26
C ILE F 121 -13.57 1.61 10.01
N THR F 122 -14.27 1.52 8.89
CA THR F 122 -13.63 1.27 7.60
C THR F 122 -13.75 2.47 6.68
N ASP F 123 -13.14 2.34 5.51
CA ASP F 123 -13.13 3.39 4.51
C ASP F 123 -14.06 3.13 3.33
N LYS F 124 -14.40 1.86 3.09
CA LYS F 124 -15.27 1.53 1.97
C LYS F 124 -16.42 0.60 2.37
N GLN F 125 -17.62 0.96 1.97
CA GLN F 125 -18.81 0.15 2.26
C GLN F 125 -18.88 -1.02 1.31
N LEU F 126 -18.48 -2.21 1.77
CA LEU F 126 -18.51 -3.40 0.94
C LEU F 126 -19.93 -3.65 0.37
N ASP F 127 -20.15 -3.21 -0.86
CA ASP F 127 -21.45 -3.38 -1.52
C ASP F 127 -21.69 -4.81 -1.99
N ALA F 128 -21.72 -5.74 -1.05
CA ALA F 128 -21.93 -7.15 -1.36
C ALA F 128 -22.65 -7.90 -0.25
N ASP F 129 -22.81 -9.20 -0.44
CA ASP F 129 -23.46 -10.06 0.54
C ASP F 129 -22.33 -10.55 1.45
N VAL F 130 -22.31 -10.02 2.69
CA VAL F 130 -21.27 -10.36 3.64
C VAL F 130 -21.75 -11.27 4.78
N SER F 131 -23.02 -11.62 4.74
CA SER F 131 -23.60 -12.48 5.76
C SER F 131 -22.88 -13.82 5.77
N PRO F 132 -22.73 -14.42 6.94
CA PRO F 132 -22.06 -15.73 7.00
C PRO F 132 -22.84 -16.74 6.18
N LYS F 133 -22.14 -17.48 5.33
CA LYS F 133 -22.80 -18.49 4.53
C LYS F 133 -22.58 -19.83 5.22
N PRO F 134 -23.65 -20.50 5.65
CA PRO F 134 -23.61 -21.78 6.34
C PRO F 134 -23.37 -23.02 5.51
N THR F 135 -22.98 -24.09 6.19
CA THR F 135 -22.75 -25.39 5.58
C THR F 135 -22.91 -26.49 6.61
N ILE F 136 -23.89 -27.36 6.38
CA ILE F 136 -24.20 -28.44 7.29
C ILE F 136 -23.28 -29.64 7.13
N PHE F 137 -22.95 -30.26 8.26
CA PHE F 137 -22.08 -31.44 8.30
C PHE F 137 -22.71 -32.44 9.27
N LEU F 138 -23.26 -33.53 8.75
CA LEU F 138 -23.86 -34.55 9.62
C LEU F 138 -22.78 -35.53 10.02
N PRO F 139 -22.88 -36.09 11.24
CA PRO F 139 -21.88 -37.06 11.71
C PRO F 139 -21.61 -38.21 10.74
N SER F 140 -20.46 -38.86 10.91
CA SER F 140 -20.13 -39.99 10.05
C SER F 140 -20.81 -41.19 10.68
N ILE F 141 -21.41 -42.02 9.84
CA ILE F 141 -22.09 -43.21 10.32
C ILE F 141 -21.21 -43.92 11.34
N ALA F 142 -19.98 -44.20 10.93
CA ALA F 142 -19.02 -44.88 11.78
C ALA F 142 -18.99 -44.37 13.21
N GLU F 143 -18.96 -43.05 13.37
CA GLU F 143 -18.88 -42.46 14.69
C GLU F 143 -19.99 -42.89 15.62
N THR F 144 -21.19 -43.02 15.08
CA THR F 144 -22.34 -43.40 15.89
C THR F 144 -22.15 -44.76 16.55
N LYS F 145 -21.12 -45.49 16.13
CA LYS F 145 -20.82 -46.80 16.71
C LYS F 145 -19.62 -46.69 17.65
N LEU F 146 -19.11 -45.47 17.81
CA LEU F 146 -17.97 -45.20 18.68
C LEU F 146 -18.51 -45.14 20.10
N GLN F 147 -18.69 -43.92 20.59
CA GLN F 147 -19.22 -43.69 21.91
C GLN F 147 -20.73 -43.62 21.68
N LYS F 148 -21.14 -44.16 20.52
CA LYS F 148 -22.55 -44.17 20.17
C LYS F 148 -22.99 -42.71 20.21
N ALA F 149 -22.11 -41.83 19.77
CA ALA F 149 -22.39 -40.40 19.73
C ALA F 149 -22.39 -39.91 18.29
N GLY F 150 -22.64 -38.62 18.11
CA GLY F 150 -22.66 -38.03 16.79
C GLY F 150 -22.05 -36.65 16.91
N THR F 151 -21.36 -36.17 15.88
CA THR F 151 -20.77 -34.84 15.95
C THR F 151 -21.16 -33.98 14.78
N TYR F 152 -21.90 -32.91 15.05
CA TYR F 152 -22.35 -31.98 14.02
C TYR F 152 -21.27 -30.92 13.81
N LEU F 153 -21.25 -30.32 12.62
CA LEU F 153 -20.27 -29.26 12.34
C LEU F 153 -20.85 -28.24 11.38
N CYS F 154 -21.00 -26.99 11.81
CA CYS F 154 -21.49 -25.97 10.90
C CYS F 154 -20.34 -25.05 10.55
N LEU F 155 -20.17 -24.87 9.24
CA LEU F 155 -19.13 -24.05 8.68
C LEU F 155 -19.72 -22.73 8.19
N LEU F 156 -19.13 -21.62 8.64
CA LEU F 156 -19.59 -20.30 8.23
C LEU F 156 -18.46 -19.60 7.53
N GLU F 157 -18.67 -19.18 6.30
CA GLU F 157 -17.61 -18.50 5.58
C GLU F 157 -18.07 -17.32 4.75
N LYS F 158 -17.10 -16.52 4.29
CA LYS F 158 -17.33 -15.33 3.47
C LYS F 158 -18.07 -14.21 4.20
N PHE F 159 -17.93 -14.11 5.52
CA PHE F 159 -18.57 -13.01 6.28
C PHE F 159 -17.51 -11.96 6.59
N PHE F 160 -17.89 -10.69 6.67
CA PHE F 160 -16.88 -9.68 6.87
C PHE F 160 -16.42 -9.12 8.21
N PRO F 161 -17.30 -8.45 8.96
CA PRO F 161 -16.76 -7.94 10.22
C PRO F 161 -15.83 -8.89 10.99
N ASP F 162 -15.98 -10.19 10.80
CA ASP F 162 -15.11 -11.17 11.48
C ASP F 162 -15.49 -11.37 12.93
N VAL F 163 -16.20 -10.40 13.48
CA VAL F 163 -16.69 -10.47 14.84
C VAL F 163 -17.92 -11.33 14.68
N ILE F 164 -17.89 -12.55 15.23
CA ILE F 164 -19.04 -13.44 15.10
C ILE F 164 -19.20 -14.25 16.35
N LYS F 165 -20.40 -14.81 16.56
CA LYS F 165 -20.71 -15.62 17.74
C LYS F 165 -21.53 -16.85 17.36
N ILE F 166 -21.05 -18.04 17.70
CA ILE F 166 -21.76 -19.27 17.36
C ILE F 166 -22.00 -20.13 18.59
N HIS F 167 -23.23 -20.63 18.75
CA HIS F 167 -23.57 -21.51 19.86
C HIS F 167 -24.67 -22.46 19.41
N TRP F 168 -24.86 -23.55 20.15
CA TRP F 168 -25.88 -24.55 19.78
C TRP F 168 -27.08 -24.68 20.72
N GLU F 169 -28.14 -25.32 20.21
CA GLU F 169 -29.36 -25.51 20.98
C GLU F 169 -30.14 -26.76 20.58
N GLU F 170 -31.12 -27.12 21.39
CA GLU F 170 -31.98 -28.28 21.14
C GLU F 170 -33.28 -27.87 20.47
N LYS F 171 -34.03 -28.86 20.00
CA LYS F 171 -35.31 -28.65 19.29
C LYS F 171 -36.18 -27.54 19.89
N LYS F 172 -37.06 -27.93 20.82
CA LYS F 172 -37.96 -26.97 21.46
C LYS F 172 -37.61 -26.76 22.93
N SER F 173 -36.32 -26.85 23.26
CA SER F 173 -35.86 -26.65 24.63
C SER F 173 -34.87 -25.50 24.68
N ASN F 174 -34.46 -25.04 23.51
CA ASN F 174 -33.51 -23.94 23.33
C ASN F 174 -32.64 -23.55 24.54
N THR F 175 -31.80 -24.47 24.97
CA THR F 175 -30.89 -24.24 26.08
C THR F 175 -29.46 -24.40 25.56
N ILE F 176 -28.64 -23.38 25.74
CA ILE F 176 -27.27 -23.43 25.29
C ILE F 176 -26.58 -24.68 25.84
N LEU F 177 -25.75 -25.31 25.01
CA LEU F 177 -25.05 -26.53 25.41
C LEU F 177 -23.58 -26.32 25.80
N GLY F 178 -22.70 -27.10 25.19
CA GLY F 178 -21.28 -27.00 25.48
C GLY F 178 -20.46 -27.50 24.30
N SER F 179 -20.35 -26.66 23.28
CA SER F 179 -19.62 -27.03 22.09
C SER F 179 -18.25 -26.41 22.03
N GLN F 180 -17.54 -26.69 20.93
CA GLN F 180 -16.21 -26.18 20.69
C GLN F 180 -16.09 -25.64 19.25
N GLU F 181 -15.16 -24.70 19.06
CA GLU F 181 -14.96 -24.08 17.75
C GLU F 181 -13.49 -23.80 17.48
N GLY F 182 -13.16 -23.61 16.21
CA GLY F 182 -11.80 -23.30 15.85
C GLY F 182 -11.66 -21.80 15.78
N ASN F 183 -10.45 -21.30 15.57
CA ASN F 183 -10.25 -19.85 15.50
C ASN F 183 -10.82 -19.32 14.20
N THR F 184 -11.26 -18.07 14.21
CA THR F 184 -11.79 -17.45 13.01
C THR F 184 -10.62 -17.23 12.05
N MET F 185 -10.81 -17.58 10.79
CA MET F 185 -9.73 -17.45 9.83
C MET F 185 -10.05 -16.43 8.75
N LYS F 186 -9.05 -15.65 8.36
CA LYS F 186 -9.23 -14.66 7.31
C LYS F 186 -9.07 -15.35 5.96
N THR F 187 -9.83 -14.92 4.98
CA THR F 187 -9.76 -15.52 3.66
C THR F 187 -9.95 -14.45 2.59
N ASN F 188 -8.92 -13.65 2.36
CA ASN F 188 -8.99 -12.58 1.37
C ASN F 188 -10.10 -11.62 1.73
N ASP F 189 -9.78 -10.69 2.64
CA ASP F 189 -10.74 -9.70 3.13
C ASP F 189 -12.19 -10.19 3.37
N THR F 190 -12.26 -11.35 3.99
CA THR F 190 -13.53 -11.98 4.36
C THR F 190 -13.07 -13.10 5.27
N TYR F 191 -13.92 -13.55 6.19
CA TYR F 191 -13.51 -14.60 7.15
C TYR F 191 -14.39 -15.84 7.20
N MET F 192 -13.89 -16.87 7.88
CA MET F 192 -14.60 -18.13 8.05
C MET F 192 -14.37 -18.65 9.46
N LYS F 193 -15.22 -19.57 9.90
CA LYS F 193 -15.11 -20.14 11.24
C LYS F 193 -16.01 -21.34 11.30
N PHE F 194 -15.66 -22.32 12.11
CA PHE F 194 -16.53 -23.49 12.24
C PHE F 194 -16.72 -23.91 13.67
N SER F 195 -17.88 -24.50 13.95
CA SER F 195 -18.19 -24.94 15.29
C SER F 195 -18.70 -26.35 15.17
N TRP F 196 -18.35 -27.20 16.14
CA TRP F 196 -18.83 -28.57 16.11
C TRP F 196 -19.32 -28.99 17.48
N LEU F 197 -20.29 -29.90 17.48
CA LEU F 197 -20.90 -30.38 18.72
C LEU F 197 -21.07 -31.91 18.65
N THR F 198 -20.69 -32.59 19.72
CA THR F 198 -20.80 -34.04 19.78
C THR F 198 -21.92 -34.38 20.74
N VAL F 199 -23.06 -34.79 20.17
CA VAL F 199 -24.24 -35.16 20.94
C VAL F 199 -24.18 -36.59 21.46
N PRO F 200 -24.53 -36.79 22.75
CA PRO F 200 -24.50 -38.12 23.36
C PRO F 200 -25.56 -39.06 22.80
N GLU F 201 -25.39 -40.35 23.09
CA GLU F 201 -26.30 -41.41 22.68
C GLU F 201 -27.78 -40.98 22.69
N LYS F 202 -28.21 -40.43 23.82
CA LYS F 202 -29.59 -39.98 24.00
C LYS F 202 -30.12 -39.01 22.93
N SER F 203 -29.56 -37.81 22.89
CA SER F 203 -29.98 -36.76 21.97
C SER F 203 -29.98 -37.04 20.47
N LEU F 204 -29.49 -38.19 20.05
CA LEU F 204 -29.46 -38.53 18.62
C LEU F 204 -30.76 -38.32 17.85
N ASP F 205 -31.89 -38.58 18.52
CA ASP F 205 -33.22 -38.45 17.92
C ASP F 205 -33.73 -37.02 17.81
N LYS F 206 -33.34 -36.18 18.75
CA LYS F 206 -33.75 -34.78 18.79
C LYS F 206 -33.25 -33.99 17.59
N GLU F 207 -33.67 -32.74 17.49
CA GLU F 207 -33.22 -31.87 16.41
C GLU F 207 -32.29 -30.88 17.09
N HIS F 208 -31.38 -30.29 16.32
CA HIS F 208 -30.43 -29.35 16.89
C HIS F 208 -30.27 -28.13 15.99
N ARG F 209 -29.81 -27.03 16.57
CA ARG F 209 -29.65 -25.81 15.80
C ARG F 209 -28.33 -25.08 16.04
N CYS F 210 -27.74 -24.62 14.95
CA CYS F 210 -26.49 -23.85 14.96
C CYS F 210 -26.96 -22.41 14.78
N ILE F 211 -26.84 -21.62 15.85
CA ILE F 211 -27.28 -20.24 15.85
C ILE F 211 -26.11 -19.26 15.70
N VAL F 212 -26.15 -18.49 14.62
CA VAL F 212 -25.09 -17.53 14.33
C VAL F 212 -25.52 -16.07 14.52
N ARG F 213 -24.77 -15.34 15.33
CA ARG F 213 -25.04 -13.93 15.60
C ARG F 213 -23.97 -13.15 14.87
N HIS F 214 -24.37 -12.33 13.90
CA HIS F 214 -23.39 -11.56 13.14
C HIS F 214 -23.95 -10.23 12.70
N GLU F 215 -23.13 -9.19 12.68
CA GLU F 215 -23.62 -7.88 12.30
C GLU F 215 -24.32 -7.83 10.96
N ASN F 216 -23.99 -8.72 10.04
CA ASN F 216 -24.61 -8.66 8.73
C ASN F 216 -25.50 -9.81 8.30
N ASN F 217 -26.03 -10.60 9.23
CA ASN F 217 -26.92 -11.68 8.84
C ASN F 217 -28.07 -11.04 8.10
N LYS F 218 -28.75 -11.81 7.26
CA LYS F 218 -29.87 -11.26 6.52
C LYS F 218 -30.91 -10.74 7.51
N ASN F 219 -31.47 -9.57 7.22
CA ASN F 219 -32.50 -8.97 8.07
C ASN F 219 -32.03 -8.47 9.44
N GLY F 220 -30.74 -8.64 9.73
CA GLY F 220 -30.22 -8.15 10.99
C GLY F 220 -30.56 -8.97 12.20
N VAL F 221 -30.96 -10.22 11.99
CA VAL F 221 -31.31 -11.08 13.11
C VAL F 221 -30.44 -12.35 13.13
N ASP F 222 -30.36 -13.00 14.28
CA ASP F 222 -29.58 -14.22 14.40
C ASP F 222 -29.97 -15.17 13.29
N GLN F 223 -28.98 -15.91 12.80
CA GLN F 223 -29.19 -16.89 11.75
C GLN F 223 -29.39 -18.22 12.47
N GLU F 224 -30.50 -18.88 12.19
CA GLU F 224 -30.80 -20.15 12.84
C GLU F 224 -30.60 -21.26 11.82
N ILE F 225 -29.54 -22.04 12.01
CA ILE F 225 -29.20 -23.12 11.12
C ILE F 225 -29.75 -24.44 11.66
N ILE F 226 -30.60 -25.05 10.85
CA ILE F 226 -31.27 -26.29 11.24
C ILE F 226 -30.52 -27.58 10.91
N PHE F 227 -30.22 -28.32 11.97
CA PHE F 227 -29.52 -29.58 11.85
C PHE F 227 -30.47 -30.75 12.06
N PRO F 228 -30.71 -31.56 11.00
CA PRO F 228 -31.60 -32.71 11.07
C PRO F 228 -31.30 -33.60 12.29
N PRO F 229 -32.25 -34.48 12.66
CA PRO F 229 -32.07 -35.38 13.80
C PRO F 229 -31.09 -36.51 13.48
N ILE F 230 -31.63 -37.71 13.30
CA ILE F 230 -30.82 -38.88 12.96
C ILE F 230 -29.72 -39.16 13.99
N ALA G 1 -8.59 47.06 2.25
CA ALA G 1 -8.34 47.14 3.73
C ALA G 1 -8.40 45.74 4.33
N ILE G 2 -9.59 45.15 4.33
CA ILE G 2 -9.76 43.80 4.85
C ILE G 2 -9.78 42.83 3.68
N GLU G 3 -9.15 41.67 3.85
CA GLU G 3 -9.05 40.69 2.78
C GLU G 3 -8.88 39.26 3.28
N LEU G 4 -9.47 38.32 2.58
CA LEU G 4 -9.37 36.91 2.95
C LEU G 4 -8.51 36.21 1.91
N VAL G 5 -7.60 35.38 2.36
CA VAL G 5 -6.71 34.67 1.44
C VAL G 5 -6.63 33.18 1.75
N PRO G 6 -7.07 32.33 0.81
CA PRO G 6 -7.01 30.89 1.05
C PRO G 6 -5.59 30.40 1.16
N GLU G 7 -5.39 29.33 1.92
CA GLU G 7 -4.05 28.76 2.08
C GLU G 7 -3.47 28.32 0.74
N HIS G 8 -4.20 27.49 0.01
CA HIS G 8 -3.73 27.03 -1.29
C HIS G 8 -4.80 27.27 -2.34
N GLN G 9 -4.39 27.44 -3.59
CA GLN G 9 -5.34 27.64 -4.68
C GLN G 9 -6.03 26.30 -4.94
N THR G 10 -5.22 25.26 -5.07
CA THR G 10 -5.73 23.92 -5.29
C THR G 10 -5.30 23.04 -4.13
N VAL G 11 -6.21 22.18 -3.69
CA VAL G 11 -5.93 21.27 -2.61
C VAL G 11 -6.48 19.92 -3.01
N PRO G 12 -5.61 19.01 -3.44
CA PRO G 12 -6.06 17.69 -3.85
C PRO G 12 -6.32 16.83 -2.64
N VAL G 13 -7.33 15.97 -2.74
CA VAL G 13 -7.73 15.08 -1.66
C VAL G 13 -8.09 13.68 -2.18
N SER G 14 -8.00 12.70 -1.30
CA SER G 14 -8.32 11.31 -1.65
C SER G 14 -9.60 10.92 -0.96
N ILE G 15 -10.41 10.10 -1.62
CA ILE G 15 -11.66 9.66 -1.04
C ILE G 15 -11.48 9.06 0.36
N GLY G 16 -12.41 9.38 1.25
CA GLY G 16 -12.36 8.86 2.61
C GLY G 16 -11.24 9.34 3.49
N VAL G 17 -10.33 10.13 2.93
CA VAL G 17 -9.20 10.67 3.67
C VAL G 17 -9.40 12.13 4.10
N PRO G 18 -9.63 12.36 5.40
CA PRO G 18 -9.83 13.70 5.96
C PRO G 18 -8.87 14.74 5.44
N ALA G 19 -9.40 15.89 5.04
CA ALA G 19 -8.59 17.00 4.54
C ALA G 19 -9.16 18.31 5.09
N THR G 20 -8.30 19.30 5.31
CA THR G 20 -8.78 20.57 5.84
C THR G 20 -8.46 21.76 4.93
N LEU G 21 -9.38 22.69 4.85
CA LEU G 21 -9.21 23.88 4.04
C LEU G 21 -9.08 25.05 5.01
N ARG G 22 -8.11 25.91 4.76
CA ARG G 22 -7.88 27.04 5.63
C ARG G 22 -7.96 28.31 4.81
N CYS G 23 -8.15 29.43 5.48
CA CYS G 23 -8.28 30.72 4.81
C CYS G 23 -8.02 31.80 5.85
N SER G 24 -6.95 32.55 5.64
CA SER G 24 -6.53 33.61 6.56
C SER G 24 -7.03 35.01 6.28
N MET G 25 -7.14 35.77 7.35
CA MET G 25 -7.61 37.14 7.25
C MET G 25 -6.42 38.07 7.47
N LYS G 26 -6.21 38.96 6.49
CA LYS G 26 -5.11 39.91 6.55
C LYS G 26 -5.66 41.31 6.71
N GLY G 27 -5.53 41.89 7.91
CA GLY G 27 -6.03 43.24 8.09
C GLY G 27 -6.90 43.52 9.29
N GLU G 28 -7.18 42.50 10.09
CA GLU G 28 -8.02 42.70 11.25
C GLU G 28 -8.18 41.40 11.99
N ALA G 29 -8.60 41.48 13.25
CA ALA G 29 -8.81 40.28 14.06
C ALA G 29 -10.11 39.59 13.63
N ILE G 30 -9.99 38.31 13.32
CA ILE G 30 -11.13 37.51 12.88
C ILE G 30 -12.30 37.65 13.87
N GLY G 31 -11.97 37.93 15.12
CA GLY G 31 -12.99 38.05 16.16
C GLY G 31 -14.13 39.03 15.92
N ASN G 32 -13.84 40.12 15.23
CA ASN G 32 -14.86 41.14 14.96
C ASN G 32 -15.69 40.74 13.75
N TYR G 33 -15.48 39.52 13.27
CA TYR G 33 -16.21 39.04 12.12
C TYR G 33 -16.87 37.68 12.36
N TYR G 34 -17.83 37.34 11.49
CA TYR G 34 -18.50 36.05 11.53
C TYR G 34 -17.98 35.34 10.28
N ILE G 35 -17.73 34.05 10.41
CA ILE G 35 -17.17 33.28 9.30
C ILE G 35 -18.18 32.43 8.53
N ASN G 36 -18.05 32.38 7.20
CA ASN G 36 -18.94 31.56 6.39
C ASN G 36 -18.18 30.79 5.33
N TRP G 37 -18.65 29.59 5.01
CA TRP G 37 -18.03 28.79 3.96
C TRP G 37 -19.07 28.39 2.93
N TYR G 38 -18.76 28.60 1.66
CA TYR G 38 -19.64 28.26 0.55
C TYR G 38 -18.83 27.42 -0.41
N ARG G 39 -19.49 26.69 -1.30
CA ARG G 39 -18.74 25.89 -2.25
C ARG G 39 -19.49 25.79 -3.54
N LYS G 40 -18.75 25.52 -4.60
CA LYS G 40 -19.32 25.33 -5.93
C LYS G 40 -18.90 23.96 -6.46
N THR G 41 -19.87 23.08 -6.66
CA THR G 41 -19.61 21.73 -7.16
C THR G 41 -20.42 21.53 -8.44
N GLN G 42 -20.10 20.51 -9.23
CA GLN G 42 -20.86 20.31 -10.44
C GLN G 42 -22.30 20.07 -10.04
N GLY G 43 -23.22 20.68 -10.76
CA GLY G 43 -24.62 20.53 -10.45
C GLY G 43 -25.07 21.64 -9.53
N ASN G 44 -24.72 21.52 -8.24
CA ASN G 44 -25.10 22.52 -7.26
C ASN G 44 -24.08 23.67 -7.18
N THR G 45 -24.53 24.88 -7.45
CA THR G 45 -23.65 26.05 -7.44
C THR G 45 -23.83 26.99 -6.25
N MET G 46 -22.70 27.48 -5.74
CA MET G 46 -22.66 28.40 -4.60
C MET G 46 -23.65 27.98 -3.53
N THR G 47 -23.32 26.90 -2.82
CA THR G 47 -24.16 26.39 -1.75
C THR G 47 -23.56 26.79 -0.41
N PHE G 48 -24.42 27.03 0.59
CA PHE G 48 -24.00 27.42 1.93
C PHE G 48 -23.51 26.20 2.71
N ILE G 49 -22.34 26.27 3.32
CA ILE G 49 -21.83 25.13 4.08
C ILE G 49 -21.81 25.40 5.57
N TYR G 50 -21.17 26.49 5.98
CA TYR G 50 -21.06 26.78 7.39
C TYR G 50 -21.09 28.26 7.74
N ARG G 51 -21.73 28.59 8.86
CA ARG G 51 -21.72 29.96 9.34
C ARG G 51 -21.27 29.97 10.78
N GLU G 52 -20.42 30.93 11.16
CA GLU G 52 -19.88 31.07 12.51
C GLU G 52 -20.71 30.45 13.62
N LYS G 53 -20.14 29.37 14.13
CA LYS G 53 -20.65 28.53 15.21
C LYS G 53 -21.85 27.65 14.99
N ASP G 54 -21.51 26.42 14.60
CA ASP G 54 -22.45 25.36 14.36
C ASP G 54 -23.69 25.59 13.56
N ILE G 55 -23.61 26.45 12.54
CA ILE G 55 -24.78 26.64 11.67
C ILE G 55 -24.35 26.01 10.35
N TYR G 56 -24.88 24.83 10.10
CA TYR G 56 -24.56 24.06 8.90
C TYR G 56 -25.71 24.04 7.92
N GLY G 57 -25.42 23.79 6.66
CA GLY G 57 -26.48 23.73 5.69
C GLY G 57 -26.99 22.31 5.68
N PRO G 58 -28.16 22.07 5.08
CA PRO G 58 -28.71 20.72 5.03
C PRO G 58 -27.73 19.67 4.54
N GLY G 59 -27.36 18.76 5.43
CA GLY G 59 -26.46 17.69 5.03
C GLY G 59 -24.98 17.99 5.07
N PHE G 60 -24.58 19.06 5.75
CA PHE G 60 -23.15 19.36 5.81
C PHE G 60 -22.57 19.14 7.17
N LYS G 61 -23.41 19.01 8.18
CA LYS G 61 -22.88 18.82 9.52
C LYS G 61 -22.26 17.44 9.69
N ASP G 62 -22.80 16.45 9.00
CA ASP G 62 -22.29 15.09 9.07
C ASP G 62 -20.89 14.97 8.49
N ASN G 63 -20.70 15.47 7.26
CA ASN G 63 -19.41 15.38 6.59
C ASN G 63 -18.41 16.51 6.87
N PHE G 64 -18.88 17.73 7.07
CA PHE G 64 -17.97 18.86 7.30
C PHE G 64 -17.92 19.37 8.73
N GLN G 65 -16.90 20.18 9.03
CA GLN G 65 -16.76 20.73 10.38
C GLN G 65 -16.01 22.04 10.32
N GLY G 66 -16.72 23.14 10.56
CA GLY G 66 -16.09 24.44 10.54
C GLY G 66 -15.52 24.81 11.88
N ASP G 67 -14.58 25.73 11.90
CA ASP G 67 -13.96 26.17 13.14
C ASP G 67 -13.10 27.39 12.85
N ILE G 68 -12.75 28.14 13.89
CA ILE G 68 -11.90 29.30 13.71
C ILE G 68 -10.69 29.17 14.60
N ASP G 69 -9.54 29.45 14.01
CA ASP G 69 -8.26 29.38 14.68
C ASP G 69 -7.86 30.79 15.12
N ILE G 70 -8.63 31.34 16.06
CA ILE G 70 -8.41 32.68 16.58
C ILE G 70 -6.94 32.99 16.74
N ALA G 71 -6.15 31.94 16.97
CA ALA G 71 -4.71 32.11 17.15
C ALA G 71 -4.09 32.86 15.98
N LYS G 72 -4.29 32.36 14.76
CA LYS G 72 -3.72 33.02 13.59
C LYS G 72 -4.74 33.52 12.58
N ASN G 73 -5.74 34.27 13.04
CA ASN G 73 -6.77 34.80 12.14
C ASN G 73 -7.16 33.79 11.06
N LEU G 74 -7.31 32.53 11.45
CA LEU G 74 -7.65 31.50 10.48
C LEU G 74 -9.06 31.00 10.48
N ALA G 75 -9.62 30.84 9.29
CA ALA G 75 -10.94 30.27 9.17
C ALA G 75 -10.69 28.88 8.63
N VAL G 76 -11.14 27.85 9.33
CA VAL G 76 -10.90 26.51 8.85
C VAL G 76 -12.17 25.71 8.60
N LEU G 77 -12.08 24.79 7.65
CA LEU G 77 -13.19 23.92 7.31
C LEU G 77 -12.58 22.56 7.05
N LYS G 78 -12.90 21.58 7.90
CA LYS G 78 -12.35 20.22 7.74
C LYS G 78 -13.34 19.36 6.97
N ILE G 79 -12.85 18.64 5.97
CA ILE G 79 -13.69 17.74 5.22
C ILE G 79 -13.31 16.41 5.84
N LEU G 80 -14.27 15.73 6.46
CA LEU G 80 -13.96 14.46 7.13
C LEU G 80 -13.90 13.26 6.20
N ALA G 81 -14.92 13.08 5.37
CA ALA G 81 -14.93 11.96 4.44
C ALA G 81 -15.21 12.42 3.01
N PRO G 82 -14.18 12.92 2.31
CA PRO G 82 -14.31 13.39 0.94
C PRO G 82 -14.93 12.35 0.01
N SER G 83 -15.65 12.82 -1.00
CA SER G 83 -16.24 11.91 -1.96
C SER G 83 -16.31 12.68 -3.27
N GLU G 84 -16.88 12.05 -4.28
CA GLU G 84 -16.99 12.69 -5.58
C GLU G 84 -17.71 14.01 -5.42
N ARG G 85 -18.85 13.96 -4.76
CA ARG G 85 -19.68 15.13 -4.58
C ARG G 85 -18.99 16.30 -3.93
N ASP G 86 -17.84 16.07 -3.32
CA ASP G 86 -17.11 17.16 -2.65
C ASP G 86 -16.09 17.92 -3.50
N GLU G 87 -15.93 17.51 -4.76
CA GLU G 87 -14.97 18.18 -5.64
C GLU G 87 -15.60 19.43 -6.19
N GLY G 88 -14.87 20.54 -6.08
CA GLY G 88 -15.34 21.83 -6.55
C GLY G 88 -14.52 22.94 -5.91
N SER G 89 -15.06 24.15 -5.91
CA SER G 89 -14.34 25.26 -5.31
C SER G 89 -14.96 25.61 -3.97
N TYR G 90 -14.13 26.00 -3.01
CA TYR G 90 -14.61 26.37 -1.69
C TYR G 90 -14.25 27.82 -1.37
N TYR G 91 -15.25 28.59 -0.93
CA TYR G 91 -15.06 30.00 -0.64
C TYR G 91 -15.31 30.40 0.80
N CYS G 92 -14.44 31.26 1.33
CA CYS G 92 -14.57 31.77 2.70
C CYS G 92 -15.06 33.19 2.61
N ALA G 93 -16.06 33.52 3.40
CA ALA G 93 -16.60 34.86 3.39
C ALA G 93 -16.83 35.34 4.80
N CYS G 94 -16.66 36.64 5.01
CA CYS G 94 -16.86 37.21 6.33
C CYS G 94 -17.72 38.45 6.36
N ASP G 95 -18.35 38.64 7.51
CA ASP G 95 -19.19 39.81 7.73
C ASP G 95 -18.91 40.34 9.12
N THR G 96 -19.15 41.63 9.32
CA THR G 96 -18.91 42.26 10.61
C THR G 96 -19.99 41.88 11.61
N LEU G 97 -19.67 42.04 12.88
CA LEU G 97 -20.61 41.74 13.95
C LEU G 97 -21.72 42.77 13.95
N GLY G 98 -21.34 44.03 13.79
CA GLY G 98 -22.34 45.08 13.77
C GLY G 98 -21.95 46.39 14.45
N MET G 99 -21.10 47.18 13.81
CA MET G 99 -20.72 48.46 14.38
C MET G 99 -22.02 49.28 14.43
N GLY G 100 -22.54 49.50 15.64
CA GLY G 100 -23.76 50.26 15.80
C GLY G 100 -23.85 51.47 14.89
N GLY G 101 -24.49 51.30 13.74
CA GLY G 101 -24.61 52.41 12.80
C GLY G 101 -25.48 52.11 11.60
N GLU G 102 -24.99 52.47 10.42
CA GLU G 102 -25.72 52.27 9.18
C GLU G 102 -24.98 51.35 8.20
N TYR G 103 -23.89 50.74 8.67
CA TYR G 103 -23.07 49.86 7.84
C TYR G 103 -23.90 48.93 6.95
N THR G 104 -23.29 48.45 5.86
CA THR G 104 -23.97 47.54 4.96
C THR G 104 -23.59 46.11 5.32
N ASP G 105 -24.60 45.26 5.45
CA ASP G 105 -24.47 43.87 5.83
C ASP G 105 -23.98 42.97 4.70
N LYS G 106 -22.75 43.19 4.26
CA LYS G 106 -22.16 42.43 3.15
C LYS G 106 -21.05 41.46 3.54
N LEU G 107 -20.93 40.40 2.76
CA LEU G 107 -19.88 39.43 3.00
C LEU G 107 -18.67 39.93 2.22
N ILE G 108 -17.48 39.55 2.66
CA ILE G 108 -16.26 39.92 1.95
C ILE G 108 -15.66 38.56 1.62
N PHE G 109 -15.63 38.22 0.33
CA PHE G 109 -15.14 36.92 -0.13
C PHE G 109 -13.64 36.82 -0.31
N GLY G 110 -13.16 35.59 -0.29
CA GLY G 110 -11.75 35.35 -0.51
C GLY G 110 -11.74 34.63 -1.83
N LYS G 111 -10.58 34.55 -2.51
CA LYS G 111 -10.56 33.83 -3.78
C LYS G 111 -10.80 32.37 -3.40
N GLY G 112 -11.42 31.61 -4.28
CA GLY G 112 -11.69 30.23 -3.96
C GLY G 112 -10.49 29.32 -4.00
N THR G 113 -10.65 28.16 -3.36
CA THR G 113 -9.61 27.15 -3.35
C THR G 113 -10.30 25.93 -3.94
N ARG G 114 -9.76 25.41 -5.03
CA ARG G 114 -10.34 24.26 -5.72
C ARG G 114 -9.85 22.95 -5.17
N VAL G 115 -10.77 22.05 -4.83
CA VAL G 115 -10.36 20.76 -4.32
C VAL G 115 -10.72 19.72 -5.36
N THR G 116 -9.77 18.82 -5.63
CA THR G 116 -9.95 17.75 -6.59
C THR G 116 -9.89 16.40 -5.89
N VAL G 117 -10.90 15.58 -6.14
CA VAL G 117 -11.01 14.28 -5.49
C VAL G 117 -10.57 13.14 -6.41
N GLU G 118 -9.67 12.31 -5.89
CA GLU G 118 -9.16 11.13 -6.61
C GLU G 118 -9.28 9.94 -5.67
N PRO G 119 -9.57 8.74 -6.19
CA PRO G 119 -9.70 7.55 -5.34
C PRO G 119 -8.45 7.32 -4.49
N ARG G 120 -8.55 6.36 -3.58
CA ARG G 120 -7.45 6.03 -2.70
C ARG G 120 -6.58 4.95 -3.34
N SER G 121 -5.31 4.90 -2.93
CA SER G 121 -4.40 3.89 -3.44
C SER G 121 -5.09 2.57 -3.15
N GLN G 122 -5.27 1.74 -4.17
CA GLN G 122 -5.98 0.46 -3.99
C GLN G 122 -5.56 -0.67 -4.96
N PRO G 123 -6.13 -1.89 -4.80
CA PRO G 123 -5.75 -2.98 -5.71
C PRO G 123 -6.27 -2.65 -7.10
N HIS G 124 -5.48 -2.99 -8.12
CA HIS G 124 -5.88 -2.74 -9.49
C HIS G 124 -7.14 -3.50 -9.85
N THR G 125 -7.80 -3.07 -10.92
CA THR G 125 -9.03 -3.70 -11.36
C THR G 125 -9.19 -3.62 -12.87
N LYS G 126 -9.30 -4.77 -13.51
CA LYS G 126 -9.49 -4.83 -14.95
C LYS G 126 -10.89 -4.27 -15.19
N PRO G 127 -11.03 -3.38 -16.16
CA PRO G 127 -12.35 -2.81 -16.43
C PRO G 127 -13.25 -3.60 -17.35
N SER G 128 -14.51 -3.21 -17.41
CA SER G 128 -15.49 -3.84 -18.28
C SER G 128 -15.63 -2.79 -19.38
N VAL G 129 -15.98 -3.20 -20.59
CA VAL G 129 -16.11 -2.23 -21.65
C VAL G 129 -17.34 -2.44 -22.51
N PHE G 130 -18.18 -1.42 -22.57
CA PHE G 130 -19.40 -1.49 -23.36
C PHE G 130 -19.44 -0.36 -24.36
N VAL G 131 -20.30 -0.49 -25.35
CA VAL G 131 -20.41 0.54 -26.37
C VAL G 131 -21.84 0.73 -26.81
N MET G 132 -22.34 1.96 -26.71
CA MET G 132 -23.70 2.30 -27.13
C MET G 132 -23.63 3.22 -28.37
N LYS G 133 -24.61 3.09 -29.27
CA LYS G 133 -24.60 3.89 -30.50
C LYS G 133 -25.88 4.62 -30.85
N ASN G 134 -25.79 5.42 -31.90
CA ASN G 134 -26.90 6.21 -32.43
C ASN G 134 -26.48 6.92 -33.72
N GLY G 135 -26.45 6.17 -34.82
CA GLY G 135 -26.09 6.71 -36.12
C GLY G 135 -24.81 7.51 -36.16
N THR G 136 -23.72 6.83 -36.50
CA THR G 136 -22.39 7.43 -36.58
C THR G 136 -21.91 7.83 -35.20
N ASN G 137 -22.84 7.96 -34.26
CA ASN G 137 -22.48 8.31 -32.91
C ASN G 137 -22.20 7.05 -32.12
N VAL G 138 -20.97 6.90 -31.67
CA VAL G 138 -20.60 5.73 -30.90
C VAL G 138 -19.89 6.18 -29.64
N ALA G 139 -20.26 5.60 -28.51
CA ALA G 139 -19.63 5.97 -27.25
C ALA G 139 -19.11 4.76 -26.50
N CYS G 140 -17.86 4.82 -26.07
CA CYS G 140 -17.28 3.69 -25.33
C CYS G 140 -17.47 3.92 -23.85
N LEU G 141 -17.92 2.88 -23.14
CA LEU G 141 -18.18 2.98 -21.71
C LEU G 141 -17.34 2.03 -20.87
N VAL G 142 -16.27 2.54 -20.30
CA VAL G 142 -15.36 1.74 -19.48
C VAL G 142 -15.79 1.80 -18.03
N LYS G 143 -16.19 0.67 -17.45
CA LYS G 143 -16.65 0.65 -16.07
C LYS G 143 -15.73 -0.02 -15.05
N GLU G 144 -15.63 0.58 -13.86
CA GLU G 144 -14.86 0.03 -12.76
C GLU G 144 -13.43 -0.40 -13.02
N PHE G 145 -12.48 0.52 -12.91
CA PHE G 145 -11.07 0.19 -13.12
C PHE G 145 -10.17 1.09 -12.30
N TYR G 146 -8.97 0.59 -12.04
CA TYR G 146 -7.96 1.30 -11.29
C TYR G 146 -6.62 0.71 -11.70
N PRO G 147 -5.57 1.53 -11.83
CA PRO G 147 -5.48 2.97 -11.62
C PRO G 147 -6.13 3.85 -12.69
N LYS G 148 -5.78 5.14 -12.66
CA LYS G 148 -6.32 6.14 -13.56
C LYS G 148 -5.84 5.99 -15.01
N ASP G 149 -4.53 5.87 -15.20
CA ASP G 149 -3.96 5.74 -16.55
C ASP G 149 -4.63 4.67 -17.40
N ILE G 150 -5.22 5.08 -18.51
CA ILE G 150 -5.90 4.15 -19.40
C ILE G 150 -5.97 4.76 -20.79
N ARG G 151 -6.05 3.90 -21.81
CA ARG G 151 -6.16 4.36 -23.21
C ARG G 151 -7.43 3.75 -23.80
N ILE G 152 -8.28 4.58 -24.37
CA ILE G 152 -9.51 4.08 -24.94
C ILE G 152 -9.57 4.24 -26.45
N ASN G 153 -9.82 3.15 -27.15
CA ASN G 153 -9.86 3.15 -28.60
C ASN G 153 -11.16 2.64 -29.20
N LEU G 154 -11.74 3.44 -30.06
CA LEU G 154 -12.96 3.02 -30.75
C LEU G 154 -12.47 2.53 -32.09
N VAL G 155 -12.42 1.21 -32.25
CA VAL G 155 -11.93 0.62 -33.50
C VAL G 155 -12.79 1.07 -34.66
N SER G 156 -12.18 1.74 -35.63
CA SER G 156 -12.92 2.22 -36.78
C SER G 156 -12.04 2.49 -37.97
N SER G 157 -12.54 2.11 -39.14
CA SER G 157 -11.81 2.33 -40.39
C SER G 157 -11.99 3.79 -40.78
N LYS G 158 -13.24 4.20 -40.91
CA LYS G 158 -13.58 5.56 -41.30
C LYS G 158 -14.13 6.36 -40.11
N LYS G 159 -13.35 7.27 -39.56
CA LYS G 159 -13.85 8.06 -38.43
C LYS G 159 -13.98 9.54 -38.74
N ILE G 160 -15.12 10.12 -38.37
CA ILE G 160 -15.43 11.53 -38.59
C ILE G 160 -14.70 12.40 -37.58
N THR G 161 -15.04 12.26 -36.29
CA THR G 161 -14.36 13.02 -35.24
C THR G 161 -14.38 12.24 -33.93
N GLU G 162 -13.47 12.58 -33.03
CA GLU G 162 -13.39 11.95 -31.72
C GLU G 162 -13.21 13.01 -30.64
N PHE G 163 -13.95 12.87 -29.55
CA PHE G 163 -13.87 13.86 -28.48
C PHE G 163 -13.07 13.39 -27.28
N ASP G 164 -12.59 14.34 -26.49
CA ASP G 164 -11.81 14.04 -25.30
C ASP G 164 -12.59 13.12 -24.39
N PRO G 165 -11.95 12.07 -23.86
CA PRO G 165 -12.69 11.17 -22.99
C PRO G 165 -12.89 11.81 -21.62
N ALA G 166 -13.63 11.13 -20.76
CA ALA G 166 -13.88 11.62 -19.41
C ALA G 166 -13.62 10.50 -18.41
N ILE G 167 -12.76 10.76 -17.43
CA ILE G 167 -12.49 9.76 -16.41
C ILE G 167 -13.17 10.34 -15.19
N VAL G 168 -13.96 9.49 -14.53
CA VAL G 168 -14.73 9.86 -13.35
C VAL G 168 -14.60 8.84 -12.22
N ILE G 169 -14.89 9.26 -11.00
CA ILE G 169 -14.82 8.36 -9.87
C ILE G 169 -16.10 7.55 -9.83
N SER G 170 -15.99 6.25 -9.66
CA SER G 170 -17.18 5.41 -9.64
C SER G 170 -17.79 5.32 -8.25
N PRO G 171 -19.03 4.79 -8.15
CA PRO G 171 -19.67 4.67 -6.84
C PRO G 171 -18.86 3.76 -5.94
N SER G 172 -18.14 2.82 -6.56
CA SER G 172 -17.31 1.89 -5.82
C SER G 172 -15.99 2.51 -5.41
N GLY G 173 -15.84 3.81 -5.66
CA GLY G 173 -14.61 4.50 -5.32
C GLY G 173 -13.46 4.23 -6.29
N LYS G 174 -13.81 3.69 -7.46
CA LYS G 174 -12.82 3.38 -8.48
C LYS G 174 -12.93 4.39 -9.62
N TYR G 175 -12.93 3.93 -10.87
CA TYR G 175 -13.03 4.83 -12.00
C TYR G 175 -13.98 4.32 -13.07
N ASN G 176 -14.52 5.25 -13.87
CA ASN G 176 -15.38 4.92 -14.99
C ASN G 176 -14.94 5.89 -16.06
N ALA G 177 -15.31 5.65 -17.31
CA ALA G 177 -14.89 6.58 -18.35
C ALA G 177 -15.77 6.47 -19.56
N VAL G 178 -15.81 7.53 -20.33
CA VAL G 178 -16.62 7.53 -21.54
C VAL G 178 -15.86 8.27 -22.61
N LYS G 179 -15.97 7.79 -23.84
CA LYS G 179 -15.32 8.42 -24.97
C LYS G 179 -16.31 8.42 -26.13
N LEU G 180 -16.52 9.58 -26.73
CA LEU G 180 -17.47 9.69 -27.83
C LEU G 180 -16.81 10.07 -29.12
N GLY G 181 -17.36 9.58 -30.22
CA GLY G 181 -16.82 9.88 -31.52
C GLY G 181 -17.88 9.69 -32.57
N LYS G 182 -17.61 10.21 -33.77
CA LYS G 182 -18.54 10.08 -34.88
C LYS G 182 -17.83 9.23 -35.91
N TYR G 183 -18.53 8.20 -36.40
CA TYR G 183 -17.93 7.28 -37.35
C TYR G 183 -18.86 6.82 -38.47
N GLU G 184 -18.31 6.70 -39.68
CA GLU G 184 -19.07 6.25 -40.84
C GLU G 184 -19.57 4.82 -40.65
N ASP G 185 -18.65 3.91 -40.36
CA ASP G 185 -18.97 2.51 -40.14
C ASP G 185 -19.39 2.23 -38.72
N SER G 186 -20.09 3.19 -38.14
CA SER G 186 -20.54 3.09 -36.77
C SER G 186 -21.17 1.75 -36.41
N ASN G 187 -21.90 1.16 -37.33
CA ASN G 187 -22.56 -0.11 -37.06
C ASN G 187 -21.62 -1.25 -36.67
N SER G 188 -20.38 -1.19 -37.16
CA SER G 188 -19.40 -2.23 -36.87
C SER G 188 -18.44 -1.82 -35.78
N VAL G 189 -18.31 -0.51 -35.57
CA VAL G 189 -17.38 0.00 -34.56
C VAL G 189 -17.44 -0.72 -33.22
N THR G 190 -16.26 -0.93 -32.63
CA THR G 190 -16.16 -1.57 -31.32
C THR G 190 -15.13 -0.82 -30.52
N CYS G 191 -15.07 -1.11 -29.24
CA CYS G 191 -14.14 -0.42 -28.36
C CYS G 191 -13.15 -1.34 -27.69
N SER G 192 -11.87 -0.96 -27.73
CA SER G 192 -10.84 -1.75 -27.10
C SER G 192 -10.07 -0.82 -26.18
N VAL G 193 -9.73 -1.32 -25.00
CA VAL G 193 -9.05 -0.53 -23.99
C VAL G 193 -7.71 -1.12 -23.58
N GLN G 194 -6.77 -0.26 -23.24
CA GLN G 194 -5.46 -0.70 -22.81
C GLN G 194 -5.32 -0.23 -21.38
N HIS G 195 -5.29 -1.17 -20.43
CA HIS G 195 -5.24 -0.80 -19.03
C HIS G 195 -4.47 -1.78 -18.17
N ASP G 196 -3.56 -1.24 -17.34
CA ASP G 196 -2.73 -2.05 -16.46
C ASP G 196 -2.05 -3.14 -17.28
N ASN G 197 -1.51 -2.73 -18.43
CA ASN G 197 -0.83 -3.65 -19.35
C ASN G 197 -1.74 -4.72 -19.95
N LYS G 198 -3.04 -4.59 -19.77
CA LYS G 198 -3.96 -5.57 -20.32
C LYS G 198 -4.77 -4.94 -21.45
N THR G 199 -5.46 -5.78 -22.22
CA THR G 199 -6.28 -5.30 -23.32
C THR G 199 -7.68 -5.88 -23.18
N VAL G 200 -8.66 -5.00 -22.99
CA VAL G 200 -10.03 -5.41 -22.83
C VAL G 200 -10.84 -4.99 -24.03
N HIS G 201 -11.68 -5.89 -24.54
CA HIS G 201 -12.48 -5.55 -25.71
C HIS G 201 -13.96 -5.48 -25.39
N SER G 202 -14.70 -4.71 -26.19
CA SER G 202 -16.12 -4.57 -25.99
C SER G 202 -16.72 -5.92 -26.32
N THR G 203 -16.08 -6.60 -27.26
CA THR G 203 -16.51 -7.92 -27.73
C THR G 203 -16.22 -9.00 -26.71
N ASP G 204 -15.40 -8.70 -25.71
CA ASP G 204 -15.07 -9.67 -24.68
C ASP G 204 -16.30 -9.89 -23.80
N PHE G 205 -17.39 -9.22 -24.15
CA PHE G 205 -18.61 -9.32 -23.37
C PHE G 205 -19.85 -9.62 -24.21
N GLU G 206 -19.65 -10.18 -25.40
CA GLU G 206 -20.77 -10.51 -26.28
C GLU G 206 -20.70 -11.96 -26.80
N ALA H 1 -34.93 27.26 4.52
CA ALA H 1 -36.10 26.59 3.89
C ALA H 1 -36.27 27.09 2.47
N GLY H 2 -36.28 28.41 2.32
CA GLY H 2 -36.43 29.01 1.01
C GLY H 2 -35.16 29.00 0.21
N HIS H 3 -35.20 29.55 -1.00
CA HIS H 3 -34.03 29.60 -1.86
C HIS H 3 -34.22 30.65 -2.95
N LEU H 4 -33.12 31.05 -3.56
CA LEU H 4 -33.17 32.05 -4.62
C LEU H 4 -32.96 31.40 -5.99
N GLU H 5 -33.72 31.83 -7.00
CA GLU H 5 -33.56 31.28 -8.34
C GLU H 5 -33.12 32.36 -9.33
N GLN H 6 -32.23 31.98 -10.22
CA GLN H 6 -31.72 32.85 -11.27
C GLN H 6 -31.81 31.99 -12.53
N PRO H 7 -32.97 31.99 -13.18
CA PRO H 7 -33.27 31.24 -14.40
C PRO H 7 -32.26 31.39 -15.51
N GLN H 8 -31.78 32.62 -15.68
CA GLN H 8 -30.82 32.90 -16.72
C GLN H 8 -29.47 32.29 -16.43
N ILE H 9 -29.16 31.14 -17.01
CA ILE H 9 -27.86 30.51 -16.78
C ILE H 9 -26.80 31.51 -17.19
N SER H 10 -27.09 32.23 -18.27
CA SER H 10 -26.18 33.25 -18.78
C SER H 10 -27.02 34.16 -19.63
N SER H 11 -26.50 35.37 -19.83
CA SER H 11 -27.18 36.35 -20.66
C SER H 11 -26.11 36.90 -21.58
N THR H 12 -26.29 36.65 -22.87
CA THR H 12 -25.34 37.09 -23.87
C THR H 12 -25.84 38.39 -24.48
N LYS H 13 -24.98 39.40 -24.53
CA LYS H 13 -25.35 40.69 -25.09
C LYS H 13 -24.18 41.28 -25.87
N THR H 14 -24.47 42.13 -26.85
CA THR H 14 -23.42 42.76 -27.65
C THR H 14 -23.15 44.15 -27.04
N LEU H 15 -21.94 44.66 -27.22
CA LEU H 15 -21.58 45.94 -26.65
C LEU H 15 -22.66 47.01 -26.75
N SER H 16 -22.62 47.94 -25.81
CA SER H 16 -23.55 49.06 -25.78
C SER H 16 -24.97 48.69 -25.39
N LYS H 17 -25.31 47.41 -25.49
CA LYS H 17 -26.65 46.98 -25.14
C LYS H 17 -26.86 47.00 -23.61
N THR H 18 -28.10 46.80 -23.19
CA THR H 18 -28.42 46.83 -21.76
C THR H 18 -28.99 45.49 -21.28
N ALA H 19 -28.31 44.90 -20.29
CA ALA H 19 -28.72 43.61 -19.75
C ALA H 19 -29.62 43.72 -18.52
N ARG H 20 -30.45 42.70 -18.34
CA ARG H 20 -31.38 42.65 -17.23
C ARG H 20 -31.36 41.25 -16.65
N LEU H 21 -30.72 41.10 -15.49
CA LEU H 21 -30.61 39.81 -14.81
C LEU H 21 -31.65 39.71 -13.68
N GLU H 22 -32.44 38.64 -13.69
CA GLU H 22 -33.49 38.42 -12.67
C GLU H 22 -33.11 37.46 -11.56
N CYS H 23 -33.77 37.64 -10.42
CA CYS H 23 -33.59 36.82 -9.23
C CYS H 23 -34.99 36.68 -8.66
N VAL H 24 -35.46 35.44 -8.49
CA VAL H 24 -36.79 35.22 -7.94
C VAL H 24 -36.63 34.44 -6.63
N VAL H 25 -37.13 34.98 -5.54
CA VAL H 25 -37.01 34.26 -4.29
C VAL H 25 -38.25 33.42 -4.06
N SER H 26 -38.07 32.29 -3.41
CA SER H 26 -39.18 31.40 -3.11
C SER H 26 -38.97 30.80 -1.73
N GLY H 27 -39.98 30.90 -0.87
CA GLY H 27 -39.86 30.33 0.46
C GLY H 27 -39.10 31.23 1.42
N ILE H 28 -38.98 32.50 1.09
CA ILE H 28 -38.27 33.46 1.93
C ILE H 28 -39.09 34.75 1.97
N THR H 29 -39.09 35.40 3.13
CA THR H 29 -39.82 36.65 3.27
C THR H 29 -39.01 37.82 2.69
N ILE H 30 -39.41 38.28 1.52
CA ILE H 30 -38.73 39.39 0.85
C ILE H 30 -38.77 40.64 1.73
N SER H 31 -39.85 41.41 1.56
CA SER H 31 -40.07 42.64 2.30
C SER H 31 -39.96 42.39 3.80
N ALA H 32 -38.76 42.61 4.31
CA ALA H 32 -38.45 42.42 5.72
C ALA H 32 -36.95 42.63 5.76
N THR H 33 -36.32 42.26 4.65
CA THR H 33 -34.88 42.43 4.48
C THR H 33 -34.58 42.83 3.04
N SER H 34 -33.30 43.04 2.78
CA SER H 34 -32.85 43.46 1.48
C SER H 34 -32.36 42.35 0.58
N VAL H 35 -32.46 42.62 -0.72
CA VAL H 35 -32.00 41.73 -1.77
C VAL H 35 -30.64 42.31 -2.17
N TYR H 36 -29.59 41.51 -2.12
CA TYR H 36 -28.24 41.95 -2.48
C TYR H 36 -27.83 41.41 -3.85
N TRP H 37 -26.84 42.05 -4.47
CA TRP H 37 -26.32 41.62 -5.76
C TRP H 37 -24.80 41.64 -5.79
N TYR H 38 -24.19 40.47 -5.94
CA TYR H 38 -22.73 40.37 -5.96
C TYR H 38 -22.21 40.15 -7.38
N ARG H 39 -21.01 40.66 -7.65
CA ARG H 39 -20.37 40.53 -8.97
C ARG H 39 -19.03 39.80 -8.89
N GLU H 40 -18.87 38.76 -9.70
CA GLU H 40 -17.62 38.01 -9.70
C GLU H 40 -16.92 38.16 -11.04
N ARG H 41 -16.05 39.15 -11.14
CA ARG H 41 -15.28 39.42 -12.36
C ARG H 41 -14.37 38.23 -12.62
N PRO H 42 -14.02 37.95 -13.89
CA PRO H 42 -13.15 36.79 -14.10
C PRO H 42 -11.78 37.11 -13.51
N GLY H 43 -11.24 36.17 -12.74
CA GLY H 43 -9.95 36.38 -12.12
C GLY H 43 -10.11 37.02 -10.76
N GLU H 44 -11.18 37.77 -10.57
CA GLU H 44 -11.43 38.48 -9.31
C GLU H 44 -12.15 37.65 -8.23
N VAL H 45 -12.35 38.27 -7.07
CA VAL H 45 -13.03 37.65 -5.96
C VAL H 45 -14.48 38.12 -5.96
N ILE H 46 -15.41 37.32 -5.44
CA ILE H 46 -16.80 37.73 -5.38
C ILE H 46 -16.90 39.04 -4.60
N GLN H 47 -17.61 40.03 -5.13
CA GLN H 47 -17.69 41.31 -4.45
C GLN H 47 -19.07 41.94 -4.48
N PHE H 48 -19.38 42.72 -3.46
CA PHE H 48 -20.68 43.39 -3.37
C PHE H 48 -20.83 44.38 -4.53
N LEU H 49 -22.02 44.45 -5.10
CA LEU H 49 -22.29 45.36 -6.20
C LEU H 49 -23.31 46.40 -5.76
N VAL H 50 -24.56 45.99 -5.65
CA VAL H 50 -25.64 46.87 -5.23
C VAL H 50 -26.61 46.09 -4.37
N SER H 51 -27.52 46.79 -3.71
CA SER H 51 -28.53 46.15 -2.89
C SER H 51 -29.72 47.07 -2.71
N ILE H 52 -30.92 46.51 -2.62
CA ILE H 52 -32.09 47.33 -2.45
C ILE H 52 -32.81 46.86 -1.18
N SER H 53 -33.02 47.76 -0.23
CA SER H 53 -33.68 47.43 1.03
C SER H 53 -35.19 47.52 1.04
N TYR H 54 -35.77 47.16 2.17
CA TYR H 54 -37.23 47.19 2.33
C TYR H 54 -37.71 48.60 2.12
N ASP H 55 -37.09 49.55 2.82
CA ASP H 55 -37.44 50.96 2.73
C ASP H 55 -37.18 51.53 1.35
N GLY H 56 -37.01 50.66 0.35
CA GLY H 56 -36.75 51.12 -1.00
C GLY H 56 -35.42 51.79 -1.33
N THR H 57 -34.55 52.03 -0.34
CA THR H 57 -33.28 52.67 -0.62
C THR H 57 -32.29 51.72 -1.29
N VAL H 58 -31.43 52.28 -2.13
CA VAL H 58 -30.48 51.46 -2.85
C VAL H 58 -29.04 51.90 -2.62
N ARG H 59 -28.19 50.98 -2.17
CA ARG H 59 -26.80 51.33 -1.95
C ARG H 59 -25.94 50.57 -2.95
N LYS H 60 -24.88 51.21 -3.42
CA LYS H 60 -23.96 50.59 -4.37
C LYS H 60 -22.57 50.62 -3.79
N GLU H 61 -21.78 49.61 -4.09
CA GLU H 61 -20.42 49.49 -3.59
C GLU H 61 -19.61 50.74 -3.93
N SER H 62 -18.55 50.96 -3.16
CA SER H 62 -17.66 52.10 -3.37
C SER H 62 -17.04 52.00 -4.75
N GLY H 63 -17.00 53.12 -5.46
CA GLY H 63 -16.41 53.11 -6.79
C GLY H 63 -17.36 52.84 -7.95
N ILE H 64 -18.51 52.26 -7.68
CA ILE H 64 -19.46 51.98 -8.76
C ILE H 64 -19.77 53.32 -9.42
N PRO H 65 -19.56 53.40 -10.74
CA PRO H 65 -19.82 54.62 -11.51
C PRO H 65 -21.29 55.00 -11.59
N SER H 66 -21.56 56.24 -12.02
CA SER H 66 -22.93 56.73 -12.11
C SER H 66 -23.74 56.18 -13.28
N GLY H 67 -25.06 56.06 -13.07
CA GLY H 67 -25.95 55.55 -14.09
C GLY H 67 -25.52 54.28 -14.81
N LYS H 68 -24.94 53.34 -14.08
CA LYS H 68 -24.51 52.09 -14.69
C LYS H 68 -25.45 50.95 -14.30
N PHE H 69 -25.73 50.83 -13.01
CA PHE H 69 -26.58 49.77 -12.52
C PHE H 69 -27.91 50.22 -11.92
N GLU H 70 -28.89 49.32 -11.93
CA GLU H 70 -30.20 49.62 -11.35
C GLU H 70 -30.81 48.38 -10.72
N VAL H 71 -31.46 48.56 -9.58
CA VAL H 71 -32.06 47.41 -8.89
C VAL H 71 -33.48 47.71 -8.52
N ASP H 72 -34.31 46.67 -8.45
CA ASP H 72 -35.70 46.85 -8.03
C ASP H 72 -36.18 45.58 -7.36
N ARG H 73 -37.36 45.61 -6.72
CA ARG H 73 -37.86 44.38 -6.12
C ARG H 73 -39.37 44.21 -5.95
N ILE H 74 -40.06 43.86 -7.04
CA ILE H 74 -41.51 43.64 -7.04
C ILE H 74 -41.86 42.43 -6.16
N PRO H 75 -42.36 42.65 -4.94
CA PRO H 75 -42.70 41.54 -4.05
C PRO H 75 -43.92 40.68 -4.44
N GLU H 76 -44.65 41.07 -5.48
CA GLU H 76 -45.81 40.28 -5.91
C GLU H 76 -45.33 39.17 -6.83
N THR H 77 -44.37 39.49 -7.70
CA THR H 77 -43.81 38.49 -8.59
C THR H 77 -42.52 38.01 -7.94
N SER H 78 -42.44 38.24 -6.63
CA SER H 78 -41.30 37.86 -5.81
C SER H 78 -39.97 37.89 -6.56
N THR H 79 -39.74 38.95 -7.32
CA THR H 79 -38.50 39.04 -8.08
C THR H 79 -37.76 40.36 -8.04
N SER H 80 -36.44 40.28 -8.07
CA SER H 80 -35.55 41.44 -8.07
C SER H 80 -34.79 41.40 -9.38
N THR H 81 -34.57 42.58 -9.98
CA THR H 81 -33.89 42.65 -11.27
C THR H 81 -32.71 43.61 -11.31
N LEU H 82 -31.54 43.09 -11.64
CA LEU H 82 -30.36 43.92 -11.75
C LEU H 82 -30.28 44.36 -13.20
N THR H 83 -30.25 45.67 -13.43
CA THR H 83 -30.16 46.20 -14.78
C THR H 83 -28.76 46.74 -15.04
N ILE H 84 -28.15 46.29 -16.13
CA ILE H 84 -26.83 46.78 -16.45
C ILE H 84 -26.89 47.56 -17.75
N HIS H 85 -26.74 48.87 -17.65
CA HIS H 85 -26.79 49.76 -18.81
C HIS H 85 -25.45 49.79 -19.54
N ASN H 86 -25.51 50.15 -20.83
CA ASN H 86 -24.33 50.24 -21.69
C ASN H 86 -23.29 49.19 -21.35
N VAL H 87 -23.72 47.94 -21.45
CA VAL H 87 -22.86 46.82 -21.13
C VAL H 87 -21.56 46.89 -21.93
N GLU H 88 -20.47 46.41 -21.34
CA GLU H 88 -19.19 46.42 -22.04
C GLU H 88 -18.32 45.23 -21.62
N LYS H 89 -17.15 45.12 -22.24
CA LYS H 89 -16.24 44.01 -21.95
C LYS H 89 -15.97 43.82 -20.46
N GLN H 90 -15.67 44.91 -19.77
CA GLN H 90 -15.38 44.82 -18.35
C GLN H 90 -16.58 44.48 -17.47
N ASP H 91 -17.72 44.22 -18.10
CA ASP H 91 -18.94 43.86 -17.38
C ASP H 91 -19.13 42.36 -17.41
N ILE H 92 -18.24 41.68 -18.12
CA ILE H 92 -18.30 40.24 -18.21
C ILE H 92 -17.93 39.73 -16.85
N ALA H 93 -18.84 38.98 -16.24
CA ALA H 93 -18.61 38.44 -14.90
C ALA H 93 -19.84 37.66 -14.53
N THR H 94 -19.78 36.96 -13.40
CA THR H 94 -20.92 36.20 -12.93
C THR H 94 -21.60 37.05 -11.86
N TYR H 95 -22.90 37.24 -12.01
CA TYR H 95 -23.68 38.06 -11.08
C TYR H 95 -24.50 37.15 -10.18
N TYR H 96 -24.38 37.36 -8.88
CA TYR H 96 -25.12 36.58 -7.90
C TYR H 96 -26.09 37.43 -7.08
N CYS H 97 -27.24 36.86 -6.73
CA CYS H 97 -28.16 37.61 -5.87
C CYS H 97 -28.22 36.85 -4.57
N ALA H 98 -28.32 37.57 -3.47
CA ALA H 98 -28.35 36.91 -2.19
C ALA H 98 -29.13 37.69 -1.17
N LEU H 99 -29.58 37.01 -0.12
CA LEU H 99 -30.29 37.69 0.94
C LEU H 99 -30.08 36.87 2.20
N TRP H 100 -30.39 37.49 3.33
CA TRP H 100 -30.24 36.82 4.61
C TRP H 100 -31.58 36.22 4.96
N GLU H 101 -31.57 34.92 5.18
CA GLU H 101 -32.77 34.20 5.55
C GLU H 101 -32.72 34.06 7.06
N ALA H 102 -33.74 34.59 7.75
CA ALA H 102 -33.81 34.51 9.19
C ALA H 102 -33.96 33.04 9.60
N GLN H 103 -33.17 32.61 10.58
CA GLN H 103 -33.23 31.22 11.03
C GLN H 103 -34.27 30.98 12.14
N GLN H 104 -33.80 30.53 13.30
CA GLN H 104 -34.70 30.25 14.42
C GLN H 104 -34.49 31.27 15.53
N GLU H 105 -33.49 31.04 16.37
CA GLU H 105 -33.21 31.96 17.48
C GLU H 105 -32.73 33.35 17.05
N LEU H 106 -33.35 34.37 17.63
CA LEU H 106 -33.04 35.76 17.33
C LEU H 106 -31.55 36.01 17.14
N GLY H 107 -31.16 36.37 15.91
CA GLY H 107 -29.76 36.65 15.63
C GLY H 107 -29.10 35.72 14.63
N LYS H 108 -29.31 34.42 14.80
CA LYS H 108 -28.73 33.43 13.91
C LYS H 108 -29.38 33.54 12.54
N LYS H 109 -28.63 34.07 11.58
CA LYS H 109 -29.12 34.24 10.21
C LYS H 109 -28.18 33.59 9.19
N ILE H 110 -28.60 33.56 7.93
CA ILE H 110 -27.79 32.93 6.88
C ILE H 110 -27.90 33.68 5.56
N LYS H 111 -26.76 33.95 4.95
CA LYS H 111 -26.77 34.65 3.69
C LYS H 111 -26.95 33.59 2.59
N VAL H 112 -28.17 33.51 2.04
CA VAL H 112 -28.46 32.56 0.95
C VAL H 112 -28.16 33.19 -0.41
N PHE H 113 -27.48 32.44 -1.26
CA PHE H 113 -27.13 32.91 -2.60
C PHE H 113 -27.88 32.23 -3.74
N GLY H 114 -28.05 32.95 -4.84
CA GLY H 114 -28.68 32.38 -6.00
C GLY H 114 -27.57 31.66 -6.76
N PRO H 115 -27.88 30.86 -7.78
CA PRO H 115 -26.84 30.13 -8.50
C PRO H 115 -25.90 30.99 -9.31
N GLY H 116 -26.35 32.18 -9.66
CA GLY H 116 -25.54 33.09 -10.45
C GLY H 116 -25.93 33.08 -11.91
N THR H 117 -25.68 34.20 -12.58
CA THR H 117 -25.96 34.36 -14.01
C THR H 117 -24.69 34.87 -14.64
N LYS H 118 -24.27 34.27 -15.76
CA LYS H 118 -23.05 34.73 -16.38
C LYS H 118 -23.38 35.67 -17.52
N LEU H 119 -22.79 36.86 -17.48
CA LEU H 119 -23.02 37.86 -18.52
C LEU H 119 -21.94 37.71 -19.54
N ILE H 120 -22.34 37.35 -20.76
CA ILE H 120 -21.40 37.18 -21.84
C ILE H 120 -21.56 38.31 -22.85
N ILE H 121 -20.45 38.97 -23.18
CA ILE H 121 -20.48 40.08 -24.11
C ILE H 121 -19.70 39.81 -25.37
N THR H 122 -20.40 39.65 -26.49
CA THR H 122 -19.76 39.39 -27.78
C THR H 122 -19.86 40.64 -28.66
N ASP H 123 -19.06 40.71 -29.72
CA ASP H 123 -19.09 41.88 -30.58
C ASP H 123 -19.96 41.67 -31.82
N LYS H 124 -19.80 40.51 -32.44
CA LYS H 124 -20.58 40.17 -33.61
C LYS H 124 -21.78 39.36 -33.13
N GLN H 125 -22.97 39.95 -33.22
CA GLN H 125 -24.17 39.25 -32.78
C GLN H 125 -24.42 38.02 -33.64
N LEU H 126 -24.21 36.83 -33.07
CA LEU H 126 -24.44 35.60 -33.81
C LEU H 126 -25.93 35.50 -34.11
N ASP H 127 -26.29 34.68 -35.10
CA ASP H 127 -27.69 34.55 -35.48
C ASP H 127 -28.07 33.09 -35.67
N ALA H 128 -27.09 32.27 -36.03
CA ALA H 128 -27.33 30.86 -36.26
C ALA H 128 -28.08 30.17 -35.12
N ASP H 129 -28.58 28.95 -35.40
CA ASP H 129 -29.28 28.16 -34.40
C ASP H 129 -28.19 27.74 -33.44
N VAL H 130 -28.34 28.10 -32.18
CA VAL H 130 -27.32 27.78 -31.22
C VAL H 130 -27.78 26.90 -30.06
N SER H 131 -29.05 26.52 -30.09
CA SER H 131 -29.60 25.68 -29.05
C SER H 131 -28.85 24.34 -29.04
N PRO H 132 -28.65 23.74 -27.87
CA PRO H 132 -27.96 22.46 -27.80
C PRO H 132 -28.75 21.42 -28.59
N LYS H 133 -28.08 20.66 -29.43
CA LYS H 133 -28.74 19.62 -30.20
C LYS H 133 -28.48 18.32 -29.47
N PRO H 134 -29.54 17.63 -29.05
CA PRO H 134 -29.46 16.37 -28.31
C PRO H 134 -29.23 15.11 -29.13
N THR H 135 -28.81 14.06 -28.43
CA THR H 135 -28.60 12.76 -29.03
C THR H 135 -28.71 11.69 -27.97
N ILE H 136 -29.68 10.80 -28.16
CA ILE H 136 -29.96 9.73 -27.21
C ILE H 136 -29.03 8.56 -27.36
N PHE H 137 -28.69 7.94 -26.24
CA PHE H 137 -27.81 6.77 -26.21
C PHE H 137 -28.38 5.78 -25.23
N LEU H 138 -28.91 4.67 -25.72
CA LEU H 138 -29.48 3.67 -24.83
C LEU H 138 -28.38 2.70 -24.42
N PRO H 139 -28.47 2.13 -23.21
CA PRO H 139 -27.48 1.17 -22.70
C PRO H 139 -27.18 0.03 -23.66
N SER H 140 -26.02 -0.60 -23.49
CA SER H 140 -25.68 -1.73 -24.34
C SER H 140 -26.32 -2.95 -23.70
N ILE H 141 -26.94 -3.79 -24.51
CA ILE H 141 -27.60 -4.97 -24.00
C ILE H 141 -26.69 -5.65 -22.98
N ALA H 142 -25.45 -5.91 -23.41
CA ALA H 142 -24.48 -6.58 -22.56
C ALA H 142 -24.42 -6.02 -21.15
N GLU H 143 -24.43 -4.71 -21.02
CA GLU H 143 -24.32 -4.10 -19.71
C GLU H 143 -25.42 -4.52 -18.75
N THR H 144 -26.62 -4.70 -19.28
CA THR H 144 -27.74 -5.06 -18.42
C THR H 144 -27.52 -6.43 -17.76
N LYS H 145 -26.49 -7.14 -18.18
CA LYS H 145 -26.15 -8.43 -17.59
C LYS H 145 -24.93 -8.29 -16.68
N LEU H 146 -24.46 -7.05 -16.52
CA LEU H 146 -23.30 -6.77 -15.68
C LEU H 146 -23.80 -6.69 -14.26
N GLN H 147 -24.00 -5.47 -13.80
CA GLN H 147 -24.51 -5.21 -12.46
C GLN H 147 -26.02 -5.17 -12.68
N LYS H 148 -26.44 -5.74 -13.80
CA LYS H 148 -27.86 -5.76 -14.15
C LYS H 148 -28.32 -4.31 -14.12
N ALA H 149 -27.45 -3.43 -14.59
CA ALA H 149 -27.74 -2.01 -14.64
C ALA H 149 -27.75 -1.55 -16.08
N GLY H 150 -28.01 -0.26 -16.28
CA GLY H 150 -28.05 0.31 -17.61
C GLY H 150 -27.50 1.71 -17.52
N THR H 151 -26.82 2.17 -18.57
CA THR H 151 -26.25 3.52 -18.54
C THR H 151 -26.70 4.35 -19.74
N TYR H 152 -27.46 5.42 -19.48
CA TYR H 152 -27.94 6.30 -20.52
C TYR H 152 -26.87 7.37 -20.74
N LEU H 153 -26.87 7.99 -21.92
CA LEU H 153 -25.92 9.03 -22.22
C LEU H 153 -26.53 10.03 -23.18
N CYS H 154 -26.70 11.29 -22.76
CA CYS H 154 -27.20 12.28 -23.70
C CYS H 154 -26.07 13.21 -24.11
N LEU H 155 -25.95 13.37 -25.42
CA LEU H 155 -24.93 14.19 -26.03
C LEU H 155 -25.53 15.49 -26.52
N LEU H 156 -24.97 16.61 -26.07
CA LEU H 156 -25.44 17.93 -26.49
C LEU H 156 -24.32 18.64 -27.24
N GLU H 157 -24.58 19.02 -28.48
CA GLU H 157 -23.54 19.71 -29.23
C GLU H 157 -24.04 20.89 -30.08
N LYS H 158 -23.09 21.69 -30.56
CA LYS H 158 -23.36 22.84 -31.39
C LYS H 158 -24.11 23.97 -30.68
N PHE H 159 -23.90 24.12 -29.38
CA PHE H 159 -24.54 25.21 -28.63
C PHE H 159 -23.48 26.28 -28.34
N PHE H 160 -23.90 27.54 -28.27
CA PHE H 160 -22.90 28.57 -28.09
C PHE H 160 -22.41 29.11 -26.78
N PRO H 161 -23.25 29.83 -26.05
CA PRO H 161 -22.72 30.37 -24.79
C PRO H 161 -21.77 29.45 -24.02
N ASP H 162 -21.91 28.14 -24.19
CA ASP H 162 -21.04 27.16 -23.52
C ASP H 162 -21.35 27.00 -22.04
N VAL H 163 -22.09 27.96 -21.51
CA VAL H 163 -22.51 27.89 -20.14
C VAL H 163 -23.74 27.00 -20.24
N ILE H 164 -23.69 25.80 -19.68
CA ILE H 164 -24.81 24.88 -19.77
C ILE H 164 -24.96 24.09 -18.47
N LYS H 165 -26.14 23.49 -18.27
CA LYS H 165 -26.43 22.71 -17.08
C LYS H 165 -27.27 21.48 -17.45
N ILE H 166 -26.76 20.31 -17.10
CA ILE H 166 -27.45 19.05 -17.40
C ILE H 166 -27.65 18.22 -16.13
N HIS H 167 -28.87 17.71 -15.94
CA HIS H 167 -29.18 16.87 -14.79
C HIS H 167 -30.27 15.87 -15.22
N TRP H 168 -30.46 14.80 -14.45
CA TRP H 168 -31.46 13.79 -14.80
C TRP H 168 -32.65 13.70 -13.85
N GLU H 169 -33.72 13.03 -14.30
CA GLU H 169 -34.92 12.86 -13.48
C GLU H 169 -35.62 11.50 -13.64
N GLU H 170 -36.91 11.48 -13.27
CA GLU H 170 -37.78 10.32 -13.36
C GLU H 170 -38.96 10.68 -14.26
N LYS H 171 -40.00 11.24 -13.67
CA LYS H 171 -41.21 11.68 -14.40
C LYS H 171 -42.28 12.05 -13.39
N LYS H 172 -43.01 11.04 -12.92
CA LYS H 172 -44.07 11.24 -11.95
C LYS H 172 -43.41 11.45 -10.60
N SER H 173 -42.13 11.10 -10.54
CA SER H 173 -41.33 11.25 -9.33
C SER H 173 -40.13 12.14 -9.64
N ASN H 174 -40.32 13.05 -10.58
CA ASN H 174 -39.28 13.95 -11.03
C ASN H 174 -38.44 14.59 -9.94
N THR H 175 -37.36 13.91 -9.57
CA THR H 175 -36.41 14.38 -8.57
C THR H 175 -35.00 14.16 -9.12
N ILE H 176 -34.10 15.07 -8.80
CA ILE H 176 -32.72 14.99 -9.27
C ILE H 176 -32.02 13.76 -8.72
N LEU H 177 -31.21 13.11 -9.56
CA LEU H 177 -30.49 11.91 -9.13
C LEU H 177 -29.02 12.13 -8.77
N GLY H 178 -28.14 11.35 -9.38
CA GLY H 178 -26.71 11.47 -9.13
C GLY H 178 -25.91 10.96 -10.31
N SER H 179 -25.82 11.79 -11.35
CA SER H 179 -25.11 11.43 -12.57
C SER H 179 -23.75 12.08 -12.67
N GLN H 180 -23.05 11.77 -13.76
CA GLN H 180 -21.72 12.32 -14.03
C GLN H 180 -21.65 12.86 -15.46
N GLU H 181 -20.74 13.79 -15.70
CA GLU H 181 -20.59 14.38 -17.02
C GLU H 181 -19.14 14.65 -17.33
N GLY H 182 -18.83 14.85 -18.60
CA GLY H 182 -17.48 15.16 -18.99
C GLY H 182 -17.36 16.66 -19.10
N ASN H 183 -16.14 17.17 -19.33
CA ASN H 183 -15.96 18.61 -19.46
C ASN H 183 -16.57 19.14 -20.74
N THR H 184 -17.03 20.37 -20.73
CA THR H 184 -17.60 20.95 -21.95
C THR H 184 -16.46 21.19 -22.91
N MET H 185 -16.65 20.80 -24.17
CA MET H 185 -15.60 20.96 -25.15
C MET H 185 -15.96 21.96 -26.24
N LYS H 186 -14.96 22.72 -26.68
CA LYS H 186 -15.17 23.70 -27.75
C LYS H 186 -15.01 22.97 -29.06
N THR H 187 -15.79 23.38 -30.05
CA THR H 187 -15.75 22.76 -31.36
C THR H 187 -15.99 23.81 -32.43
N ASN H 188 -14.96 24.61 -32.71
CA ASN H 188 -15.05 25.67 -33.73
C ASN H 188 -16.16 26.64 -33.36
N ASP H 189 -15.86 27.57 -32.46
CA ASP H 189 -16.82 28.57 -31.96
C ASP H 189 -18.24 28.07 -31.67
N THR H 190 -18.29 26.90 -31.03
CA THR H 190 -19.54 26.28 -30.63
C THR H 190 -19.05 25.17 -29.71
N TYR H 191 -19.88 24.71 -28.77
CA TYR H 191 -19.44 23.68 -27.82
C TYR H 191 -20.32 22.44 -27.72
N MET H 192 -19.79 21.41 -27.06
CA MET H 192 -20.52 20.16 -26.86
C MET H 192 -20.25 19.68 -25.44
N LYS H 193 -21.09 18.77 -24.96
CA LYS H 193 -20.94 18.22 -23.61
C LYS H 193 -21.81 16.99 -23.50
N PHE H 194 -21.41 16.03 -22.69
CA PHE H 194 -22.24 14.85 -22.54
C PHE H 194 -22.39 14.44 -21.09
N SER H 195 -23.54 13.85 -20.77
CA SER H 195 -23.81 13.41 -19.41
C SER H 195 -24.32 11.99 -19.48
N TRP H 196 -23.94 11.18 -18.52
CA TRP H 196 -24.41 9.80 -18.51
C TRP H 196 -24.86 9.40 -17.12
N LEU H 197 -25.82 8.49 -17.08
CA LEU H 197 -26.38 8.01 -15.83
C LEU H 197 -26.54 6.50 -15.88
N THR H 198 -26.12 5.83 -14.81
CA THR H 198 -26.23 4.38 -14.71
C THR H 198 -27.36 4.04 -13.72
N VAL H 199 -28.49 3.60 -14.25
CA VAL H 199 -29.66 3.24 -13.46
C VAL H 199 -29.57 1.82 -12.92
N PRO H 200 -29.87 1.63 -11.63
CA PRO H 200 -29.81 0.30 -11.00
C PRO H 200 -30.87 -0.66 -11.51
N GLU H 201 -30.68 -1.94 -11.20
CA GLU H 201 -31.59 -3.02 -11.58
C GLU H 201 -33.06 -2.60 -11.56
N LYS H 202 -33.49 -2.04 -10.43
CA LYS H 202 -34.88 -1.60 -10.24
C LYS H 202 -35.44 -0.67 -11.32
N SER H 203 -34.90 0.55 -11.38
CA SER H 203 -35.33 1.58 -12.31
C SER H 203 -35.34 1.29 -13.82
N LEU H 204 -34.87 0.12 -14.22
CA LEU H 204 -34.84 -0.23 -15.65
C LEU H 204 -36.17 -0.05 -16.39
N ASP H 205 -37.28 -0.34 -15.70
CA ASP H 205 -38.61 -0.25 -16.27
C ASP H 205 -39.15 1.19 -16.41
N LYS H 206 -38.76 2.06 -15.47
CA LYS H 206 -39.19 3.46 -15.44
C LYS H 206 -38.73 4.23 -16.69
N GLU H 207 -39.16 5.47 -16.79
CA GLU H 207 -38.75 6.31 -17.90
C GLU H 207 -37.83 7.32 -17.24
N HIS H 208 -36.94 7.92 -18.03
CA HIS H 208 -36.00 8.89 -17.49
C HIS H 208 -35.88 10.09 -18.41
N ARG H 209 -35.43 11.21 -17.86
CA ARG H 209 -35.26 12.40 -18.68
C ARG H 209 -33.98 13.18 -18.45
N CYS H 210 -33.40 13.62 -19.57
CA CYS H 210 -32.17 14.39 -19.60
C CYS H 210 -32.67 15.83 -19.78
N ILE H 211 -32.52 16.63 -18.73
CA ILE H 211 -32.96 18.01 -18.74
C ILE H 211 -31.82 19.00 -18.93
N VAL H 212 -31.89 19.76 -20.01
CA VAL H 212 -30.86 20.73 -20.36
C VAL H 212 -31.30 22.17 -20.19
N ARG H 213 -30.53 22.92 -19.42
CA ARG H 213 -30.82 24.33 -19.18
C ARG H 213 -29.78 25.14 -19.94
N HIS H 214 -30.22 25.90 -20.94
CA HIS H 214 -29.27 26.68 -21.72
C HIS H 214 -29.85 28.01 -22.14
N GLU H 215 -29.02 29.05 -22.22
CA GLU H 215 -29.52 30.36 -22.61
C GLU H 215 -30.31 30.36 -23.90
N ASN H 216 -29.94 29.49 -24.84
CA ASN H 216 -30.61 29.50 -26.13
C ASN H 216 -31.49 28.33 -26.52
N ASN H 217 -31.99 27.57 -25.55
CA ASN H 217 -32.86 26.47 -25.92
C ASN H 217 -34.04 27.08 -26.65
N LYS H 218 -34.72 26.27 -27.45
CA LYS H 218 -35.86 26.79 -28.18
C LYS H 218 -36.90 27.31 -27.18
N ASN H 219 -37.47 28.48 -27.48
CA ASN H 219 -38.49 29.08 -26.62
C ASN H 219 -38.00 29.62 -25.29
N GLY H 220 -36.71 29.49 -25.04
CA GLY H 220 -36.14 29.99 -23.80
C GLY H 220 -36.47 29.19 -22.55
N VAL H 221 -36.85 27.92 -22.73
CA VAL H 221 -37.18 27.08 -21.59
C VAL H 221 -36.30 25.83 -21.55
N ASP H 222 -36.21 25.18 -20.39
CA ASP H 222 -35.41 23.97 -20.25
C ASP H 222 -35.80 23.00 -21.35
N GLN H 223 -34.81 22.25 -21.83
CA GLN H 223 -35.04 21.26 -22.87
C GLN H 223 -35.21 19.95 -22.13
N GLU H 224 -36.30 19.25 -22.39
CA GLU H 224 -36.56 18.00 -21.72
C GLU H 224 -36.35 16.87 -22.72
N ILE H 225 -35.28 16.13 -22.52
CA ILE H 225 -34.95 15.03 -23.41
C ILE H 225 -35.48 13.72 -22.84
N ILE H 226 -36.34 13.08 -23.60
CA ILE H 226 -36.99 11.85 -23.17
C ILE H 226 -36.22 10.56 -23.47
N PHE H 227 -35.90 9.84 -22.41
CA PHE H 227 -35.19 8.58 -22.53
C PHE H 227 -36.12 7.40 -22.29
N PRO H 228 -36.37 6.59 -23.34
CA PRO H 228 -37.24 5.42 -23.25
C PRO H 228 -36.89 4.56 -22.03
N PRO H 229 -37.81 3.67 -21.61
CA PRO H 229 -37.60 2.78 -20.46
C PRO H 229 -36.62 1.65 -20.78
N ILE H 230 -37.16 0.45 -20.92
CA ILE H 230 -36.34 -0.71 -21.26
C ILE H 230 -35.20 -0.96 -20.26
#